data_2COC
#
_entry.id   2COC
#
_entity_poly.entity_id   1
_entity_poly.type   'polypeptide(L)'
_entity_poly.pdbx_seq_one_letter_code
;GSSGSSGSLLCGPLRLSESGETWSEVWAAIPMSDPQVLHLQGGSQDGRLPRTIPLPSCKLSVPDPEERLDSGHVWKLQWA
KQSWYLSASSAELQQQWLETLSTAAHSGPSSG
;
_entity_poly.pdbx_strand_id   A
#
# COMPACT_ATOMS: atom_id res chain seq x y z
N GLY A 1 -8.91 -10.31 -6.91
CA GLY A 1 -9.52 -10.13 -8.22
C GLY A 1 -9.02 -11.15 -9.22
N SER A 2 -9.79 -12.22 -9.41
CA SER A 2 -9.41 -13.28 -10.35
C SER A 2 -8.97 -12.68 -11.69
N SER A 3 -9.75 -11.71 -12.17
CA SER A 3 -9.45 -11.07 -13.45
C SER A 3 -8.35 -10.02 -13.28
N GLY A 4 -7.11 -10.42 -13.55
CA GLY A 4 -5.99 -9.51 -13.41
C GLY A 4 -6.08 -8.33 -14.37
N SER A 5 -5.97 -7.13 -13.84
CA SER A 5 -6.04 -5.92 -14.65
C SER A 5 -4.80 -5.78 -15.53
N SER A 6 -5.02 -5.39 -16.78
CA SER A 6 -3.91 -5.21 -17.72
C SER A 6 -3.24 -3.85 -17.53
N GLY A 7 -1.91 -3.83 -17.62
CA GLY A 7 -1.18 -2.59 -17.46
C GLY A 7 -0.41 -2.55 -16.16
N SER A 8 -0.80 -1.64 -15.28
CA SER A 8 -0.14 -1.48 -13.99
C SER A 8 0.25 -2.85 -13.41
N LEU A 9 1.44 -2.92 -12.83
CA LEU A 9 1.93 -4.16 -12.24
C LEU A 9 0.90 -4.74 -11.28
N LEU A 10 0.43 -3.93 -10.34
CA LEU A 10 -0.57 -4.36 -9.37
C LEU A 10 -1.53 -3.23 -9.02
N CYS A 11 -2.81 -3.55 -8.96
CA CYS A 11 -3.83 -2.55 -8.63
C CYS A 11 -5.06 -3.22 -8.01
N GLY A 12 -5.99 -2.40 -7.53
CA GLY A 12 -7.19 -2.92 -6.92
C GLY A 12 -7.67 -2.07 -5.75
N PRO A 13 -9.00 -2.02 -5.56
CA PRO A 13 -9.61 -1.24 -4.48
C PRO A 13 -8.89 -1.43 -3.15
N LEU A 14 -8.49 -0.33 -2.53
CA LEU A 14 -7.79 -0.38 -1.26
C LEU A 14 -8.24 0.77 -0.35
N ARG A 15 -8.01 0.61 0.95
CA ARG A 15 -8.38 1.63 1.92
C ARG A 15 -7.15 2.23 2.59
N LEU A 16 -7.28 3.45 3.09
CA LEU A 16 -6.18 4.14 3.75
C LEU A 16 -6.64 4.76 5.07
N SER A 17 -5.73 4.80 6.04
CA SER A 17 -6.05 5.36 7.35
C SER A 17 -4.77 5.82 8.06
N GLU A 18 -4.89 6.86 8.87
CA GLU A 18 -3.76 7.39 9.61
C GLU A 18 -3.75 6.88 11.05
N SER A 19 -2.72 6.11 11.39
CA SER A 19 -2.60 5.54 12.73
C SER A 19 -3.90 4.87 13.15
N GLY A 20 -4.57 4.22 12.20
CA GLY A 20 -5.82 3.55 12.49
C GLY A 20 -6.82 4.46 13.18
N GLU A 21 -7.18 5.55 12.52
CA GLU A 21 -8.13 6.51 13.08
C GLU A 21 -9.33 6.68 12.16
N THR A 22 -9.06 7.06 10.92
CA THR A 22 -10.13 7.26 9.93
C THR A 22 -9.81 6.53 8.63
N TRP A 23 -10.66 5.57 8.29
CA TRP A 23 -10.47 4.78 7.06
C TRP A 23 -11.24 5.41 5.90
N SER A 24 -10.60 5.48 4.74
CA SER A 24 -11.22 6.05 3.55
C SER A 24 -11.04 5.14 2.35
N GLU A 25 -11.95 5.26 1.39
CA GLU A 25 -11.90 4.43 0.19
C GLU A 25 -11.01 5.09 -0.87
N VAL A 26 -10.00 4.36 -1.33
CA VAL A 26 -9.08 4.86 -2.33
C VAL A 26 -8.69 3.77 -3.32
N TRP A 27 -7.90 4.14 -4.32
CA TRP A 27 -7.46 3.19 -5.34
C TRP A 27 -5.93 3.05 -5.34
N ALA A 28 -5.46 1.82 -5.16
CA ALA A 28 -4.02 1.56 -5.13
C ALA A 28 -3.57 0.90 -6.43
N ALA A 29 -2.51 1.45 -7.02
CA ALA A 29 -1.97 0.92 -8.27
C ALA A 29 -0.53 1.35 -8.48
N ILE A 30 0.30 0.44 -8.97
CA ILE A 30 1.71 0.73 -9.21
C ILE A 30 1.97 0.97 -10.69
N PRO A 31 2.75 2.02 -10.99
CA PRO A 31 3.10 2.38 -12.37
C PRO A 31 4.22 1.50 -12.93
N MET A 32 3.89 0.71 -13.94
CA MET A 32 4.86 -0.18 -14.57
C MET A 32 6.19 0.56 -14.80
N SER A 33 6.10 1.77 -15.34
CA SER A 33 7.29 2.57 -15.62
C SER A 33 8.17 2.67 -14.37
N ASP A 34 7.55 2.73 -13.20
CA ASP A 34 8.28 2.81 -11.94
C ASP A 34 7.72 1.83 -10.92
N PRO A 35 8.33 0.63 -10.88
CA PRO A 35 7.91 -0.43 -9.94
C PRO A 35 8.43 -0.19 -8.53
N GLN A 36 9.02 0.98 -8.31
CA GLN A 36 9.55 1.33 -6.99
C GLN A 36 8.73 2.44 -6.35
N VAL A 37 7.44 2.49 -6.67
CA VAL A 37 6.53 3.50 -6.13
C VAL A 37 5.09 3.03 -6.18
N LEU A 38 4.33 3.38 -5.16
CA LEU A 38 2.92 3.00 -5.08
C LEU A 38 2.02 4.23 -5.15
N HIS A 39 1.39 4.43 -6.30
CA HIS A 39 0.49 5.57 -6.49
C HIS A 39 -0.86 5.31 -5.84
N LEU A 40 -1.52 6.38 -5.42
CA LEU A 40 -2.82 6.28 -4.78
C LEU A 40 -3.80 7.31 -5.33
N GLN A 41 -5.01 6.88 -5.66
CA GLN A 41 -6.03 7.76 -6.19
C GLN A 41 -7.27 7.77 -5.31
N GLY A 42 -7.64 8.95 -4.82
CA GLY A 42 -8.81 9.07 -3.98
C GLY A 42 -9.77 10.14 -4.45
N GLY A 43 -11.07 9.87 -4.35
CA GLY A 43 -12.07 10.82 -4.77
C GLY A 43 -12.02 12.11 -3.97
N SER A 44 -13.19 12.70 -3.73
CA SER A 44 -13.27 13.94 -2.99
C SER A 44 -13.40 13.68 -1.49
N GLN A 45 -12.40 13.00 -0.93
CA GLN A 45 -12.41 12.67 0.49
C GLN A 45 -11.37 13.50 1.23
N ASP A 46 -10.18 13.63 0.66
CA ASP A 46 -9.11 14.40 1.26
C ASP A 46 -7.91 14.49 0.33
N GLY A 47 -7.02 15.45 0.61
CA GLY A 47 -5.84 15.62 -0.22
C GLY A 47 -4.57 15.19 0.48
N ARG A 48 -4.47 15.50 1.77
CA ARG A 48 -3.30 15.14 2.54
C ARG A 48 -2.71 13.80 2.07
N LEU A 49 -3.60 12.84 1.83
CA LEU A 49 -3.18 11.51 1.37
C LEU A 49 -1.97 11.61 0.45
N PRO A 50 -1.08 10.61 0.52
CA PRO A 50 0.13 10.57 -0.31
C PRO A 50 -0.17 10.16 -1.74
N ARG A 51 0.53 10.76 -2.69
CA ARG A 51 0.34 10.47 -4.11
C ARG A 51 1.38 9.45 -4.59
N THR A 52 2.63 9.64 -4.18
CA THR A 52 3.70 8.75 -4.57
C THR A 52 4.49 8.27 -3.35
N ILE A 53 4.45 6.96 -3.10
CA ILE A 53 5.15 6.38 -1.98
C ILE A 53 6.38 5.60 -2.43
N PRO A 54 7.56 6.02 -1.95
CA PRO A 54 8.84 5.38 -2.30
C PRO A 54 9.05 4.08 -1.55
N LEU A 55 8.58 2.98 -2.13
CA LEU A 55 8.72 1.66 -1.52
C LEU A 55 10.16 1.42 -1.07
N PRO A 56 11.12 1.74 -1.95
CA PRO A 56 12.54 1.57 -1.66
C PRO A 56 12.93 2.14 -0.30
N SER A 57 12.24 3.19 0.11
CA SER A 57 12.51 3.83 1.39
C SER A 57 11.32 3.70 2.34
N CYS A 58 10.59 2.60 2.20
CA CYS A 58 9.42 2.35 3.03
C CYS A 58 9.53 1.00 3.73
N LYS A 59 9.20 0.97 5.02
CA LYS A 59 9.27 -0.26 5.80
C LYS A 59 7.88 -0.86 5.98
N LEU A 60 7.73 -2.13 5.60
CA LEU A 60 6.45 -2.82 5.73
C LEU A 60 6.36 -3.54 7.06
N SER A 61 5.47 -3.05 7.93
CA SER A 61 5.27 -3.65 9.25
C SER A 61 3.81 -3.99 9.48
N VAL A 62 3.54 -5.27 9.75
CA VAL A 62 2.18 -5.73 9.99
C VAL A 62 1.77 -5.49 11.45
N PRO A 63 0.63 -4.81 11.64
CA PRO A 63 0.11 -4.51 12.97
C PRO A 63 -0.56 -5.72 13.62
N ASP A 64 -0.61 -5.72 14.94
CA ASP A 64 -1.23 -6.82 15.69
C ASP A 64 -2.74 -6.84 15.46
N PRO A 65 -3.33 -8.04 15.59
CA PRO A 65 -4.78 -8.23 15.40
C PRO A 65 -5.58 -7.77 16.61
N GLU A 66 -4.92 -7.66 17.76
CA GLU A 66 -5.58 -7.23 18.98
C GLU A 66 -6.09 -5.81 18.85
N GLU A 67 -5.38 -4.99 18.09
CA GLU A 67 -5.76 -3.60 17.87
C GLU A 67 -7.26 -3.49 17.56
N ARG A 68 -7.78 -2.27 17.62
CA ARG A 68 -9.19 -2.02 17.34
C ARG A 68 -9.39 -1.44 15.96
N LEU A 69 -8.68 -2.00 14.98
CA LEU A 69 -8.77 -1.53 13.60
C LEU A 69 -10.15 -1.82 13.01
N ASP A 70 -10.36 -1.39 11.77
CA ASP A 70 -11.62 -1.61 11.10
C ASP A 70 -11.60 -2.92 10.31
N SER A 71 -10.59 -3.07 9.45
CA SER A 71 -10.45 -4.27 8.63
C SER A 71 -9.69 -5.36 9.39
N GLY A 72 -9.74 -6.58 8.85
CA GLY A 72 -9.05 -7.69 9.48
C GLY A 72 -7.62 -7.82 9.02
N HIS A 73 -7.42 -7.80 7.70
CA HIS A 73 -6.09 -7.92 7.13
C HIS A 73 -5.58 -6.57 6.63
N VAL A 74 -4.67 -5.97 7.39
CA VAL A 74 -4.10 -4.67 7.03
C VAL A 74 -2.66 -4.54 7.50
N TRP A 75 -1.85 -3.86 6.72
CA TRP A 75 -0.44 -3.67 7.06
C TRP A 75 -0.13 -2.19 7.28
N LYS A 76 0.89 -1.91 8.08
CA LYS A 76 1.28 -0.54 8.37
C LYS A 76 2.52 -0.16 7.57
N LEU A 77 2.66 1.13 7.28
CA LEU A 77 3.81 1.63 6.53
C LEU A 77 4.34 2.93 7.13
N GLN A 78 5.61 2.90 7.54
CA GLN A 78 6.24 4.08 8.13
C GLN A 78 7.45 4.52 7.30
N TRP A 79 7.37 5.74 6.77
CA TRP A 79 8.45 6.28 5.96
C TRP A 79 8.35 7.80 5.88
N ALA A 80 9.46 8.44 5.53
CA ALA A 80 9.50 9.89 5.42
C ALA A 80 8.79 10.56 6.59
N LYS A 81 8.96 10.00 7.78
CA LYS A 81 8.34 10.54 8.98
C LYS A 81 6.82 10.53 8.85
N GLN A 82 6.28 9.48 8.21
CA GLN A 82 4.85 9.35 8.02
C GLN A 82 4.35 8.01 8.52
N SER A 83 3.03 7.82 8.51
CA SER A 83 2.43 6.58 8.98
C SER A 83 1.05 6.38 8.36
N TRP A 84 0.92 5.36 7.52
CA TRP A 84 -0.35 5.07 6.86
C TRP A 84 -0.71 3.60 7.02
N TYR A 85 -1.99 3.28 6.79
CA TYR A 85 -2.46 1.91 6.92
C TYR A 85 -3.15 1.46 5.62
N LEU A 86 -2.75 0.29 5.13
CA LEU A 86 -3.32 -0.27 3.91
C LEU A 86 -4.00 -1.60 4.19
N SER A 87 -5.33 -1.59 4.16
CA SER A 87 -6.11 -2.80 4.41
C SER A 87 -6.43 -3.51 3.10
N ALA A 88 -6.57 -4.83 3.17
CA ALA A 88 -6.87 -5.63 1.99
C ALA A 88 -8.12 -6.50 2.22
N SER A 89 -8.79 -6.84 1.14
CA SER A 89 -10.01 -7.66 1.22
C SER A 89 -9.79 -8.84 2.17
N SER A 90 -8.70 -9.57 1.96
CA SER A 90 -8.37 -10.73 2.78
C SER A 90 -6.88 -11.05 2.69
N ALA A 91 -6.46 -12.04 3.47
CA ALA A 91 -5.06 -12.45 3.49
C ALA A 91 -4.54 -12.68 2.08
N GLU A 92 -5.33 -13.36 1.26
CA GLU A 92 -4.95 -13.65 -0.12
C GLU A 92 -4.51 -12.37 -0.84
N LEU A 93 -5.39 -11.38 -0.87
CA LEU A 93 -5.09 -10.11 -1.51
C LEU A 93 -4.02 -9.35 -0.74
N GLN A 94 -4.00 -9.53 0.57
CA GLN A 94 -3.03 -8.86 1.43
C GLN A 94 -1.60 -9.31 1.11
N GLN A 95 -1.48 -10.57 0.67
CA GLN A 95 -0.17 -11.13 0.33
C GLN A 95 0.36 -10.53 -0.96
N GLN A 96 -0.48 -10.52 -2.00
CA GLN A 96 -0.09 -9.97 -3.29
C GLN A 96 0.41 -8.54 -3.14
N TRP A 97 -0.13 -7.83 -2.16
CA TRP A 97 0.25 -6.44 -1.91
C TRP A 97 1.56 -6.37 -1.13
N LEU A 98 1.68 -7.20 -0.10
CA LEU A 98 2.88 -7.24 0.72
C LEU A 98 4.10 -7.67 -0.09
N GLU A 99 3.96 -8.78 -0.81
CA GLU A 99 5.04 -9.29 -1.63
C GLU A 99 5.49 -8.24 -2.65
N THR A 100 4.65 -7.97 -3.63
CA THR A 100 4.95 -6.99 -4.67
C THR A 100 5.69 -5.79 -4.08
N LEU A 101 5.19 -5.29 -2.97
CA LEU A 101 5.80 -4.14 -2.30
C LEU A 101 7.20 -4.47 -1.81
N SER A 102 7.28 -5.42 -0.88
CA SER A 102 8.56 -5.84 -0.33
C SER A 102 9.58 -6.11 -1.43
N THR A 103 9.23 -7.03 -2.33
CA THR A 103 10.11 -7.38 -3.44
C THR A 103 10.62 -6.13 -4.16
N ALA A 104 9.74 -5.15 -4.33
CA ALA A 104 10.10 -3.90 -5.00
C ALA A 104 11.17 -3.15 -4.21
N ALA A 105 10.84 -2.82 -2.96
CA ALA A 105 11.77 -2.09 -2.10
C ALA A 105 13.17 -2.68 -2.19
N HIS A 106 13.28 -4.00 -2.05
CA HIS A 106 14.56 -4.68 -2.11
C HIS A 106 14.77 -5.32 -3.50
N SER A 107 15.42 -4.57 -4.39
CA SER A 107 15.69 -5.05 -5.73
C SER A 107 16.68 -6.21 -5.72
N GLY A 108 16.31 -7.32 -6.35
CA GLY A 108 17.17 -8.49 -6.39
C GLY A 108 17.80 -8.68 -7.75
N PRO A 109 17.18 -9.54 -8.58
CA PRO A 109 17.67 -9.83 -9.93
C PRO A 109 17.32 -8.73 -10.93
N SER A 110 17.88 -8.84 -12.13
CA SER A 110 17.63 -7.84 -13.17
C SER A 110 16.19 -7.90 -13.64
N SER A 111 15.34 -7.09 -13.03
CA SER A 111 13.93 -7.06 -13.39
C SER A 111 13.32 -5.68 -13.07
N GLY A 112 12.15 -5.41 -13.64
CA GLY A 112 11.49 -4.14 -13.40
C GLY A 112 11.97 -3.05 -14.34
N GLY A 1 -13.92 -12.81 -15.25
CA GLY A 1 -13.84 -12.18 -16.56
C GLY A 1 -12.41 -12.04 -17.04
N SER A 2 -12.26 -11.77 -18.34
CA SER A 2 -10.94 -11.62 -18.93
C SER A 2 -10.64 -10.15 -19.24
N SER A 3 -9.81 -9.54 -18.41
CA SER A 3 -9.45 -8.13 -18.60
C SER A 3 -7.97 -8.00 -18.98
N GLY A 4 -7.70 -7.12 -19.95
CA GLY A 4 -6.34 -6.91 -20.39
C GLY A 4 -5.35 -6.96 -19.25
N SER A 5 -4.22 -7.62 -19.48
CA SER A 5 -3.18 -7.76 -18.46
C SER A 5 -2.02 -6.80 -18.74
N SER A 6 -2.35 -5.57 -19.12
CA SER A 6 -1.33 -4.57 -19.43
C SER A 6 -1.72 -3.22 -18.82
N GLY A 7 -0.71 -2.38 -18.61
CA GLY A 7 -0.95 -1.07 -18.03
C GLY A 7 -0.29 -0.88 -16.68
N SER A 8 -0.87 -1.51 -15.65
CA SER A 8 -0.34 -1.41 -14.30
C SER A 8 0.08 -2.79 -13.79
N LEU A 9 1.17 -2.81 -13.02
CA LEU A 9 1.67 -4.06 -12.46
C LEU A 9 0.67 -4.67 -11.48
N LEU A 10 0.30 -3.89 -10.48
CA LEU A 10 -0.66 -4.34 -9.47
C LEU A 10 -1.61 -3.22 -9.07
N CYS A 11 -2.89 -3.52 -9.05
CA CYS A 11 -3.91 -2.53 -8.69
C CYS A 11 -5.11 -3.20 -8.02
N GLY A 12 -5.99 -2.38 -7.45
CA GLY A 12 -7.17 -2.91 -6.78
C GLY A 12 -7.61 -2.05 -5.62
N PRO A 13 -8.92 -2.06 -5.34
CA PRO A 13 -9.50 -1.29 -4.24
C PRO A 13 -8.73 -1.46 -2.93
N LEU A 14 -8.36 -0.35 -2.31
CA LEU A 14 -7.62 -0.38 -1.05
C LEU A 14 -8.10 0.73 -0.12
N ARG A 15 -7.85 0.54 1.18
CA ARG A 15 -8.24 1.53 2.18
C ARG A 15 -7.03 2.21 2.80
N LEU A 16 -7.22 3.41 3.32
CA LEU A 16 -6.14 4.16 3.93
C LEU A 16 -6.62 4.86 5.20
N SER A 17 -5.84 4.73 6.27
CA SER A 17 -6.19 5.36 7.55
C SER A 17 -4.94 5.81 8.28
N GLU A 18 -5.09 6.83 9.13
CA GLU A 18 -3.97 7.35 9.90
C GLU A 18 -3.99 6.82 11.33
N SER A 19 -3.05 5.96 11.66
CA SER A 19 -2.96 5.38 12.99
C SER A 19 -4.25 4.64 13.35
N GLY A 20 -4.81 3.94 12.36
CA GLY A 20 -6.03 3.20 12.60
C GLY A 20 -7.08 4.02 13.32
N GLU A 21 -7.50 5.12 12.70
CA GLU A 21 -8.50 5.99 13.30
C GLU A 21 -9.64 6.27 12.33
N THR A 22 -9.28 6.75 11.13
CA THR A 22 -10.27 7.05 10.11
C THR A 22 -9.93 6.35 8.80
N TRP A 23 -10.82 5.45 8.37
CA TRP A 23 -10.62 4.70 7.13
C TRP A 23 -11.43 5.31 6.00
N SER A 24 -10.84 5.34 4.80
CA SER A 24 -11.51 5.91 3.64
C SER A 24 -11.31 5.01 2.41
N GLU A 25 -12.17 5.19 1.42
CA GLU A 25 -12.10 4.39 0.20
C GLU A 25 -11.16 5.04 -0.81
N VAL A 26 -10.09 4.35 -1.15
CA VAL A 26 -9.11 4.84 -2.11
C VAL A 26 -8.75 3.78 -3.14
N TRP A 27 -7.99 4.18 -4.16
CA TRP A 27 -7.57 3.26 -5.21
C TRP A 27 -6.05 3.21 -5.31
N ALA A 28 -5.49 2.02 -5.16
CA ALA A 28 -4.04 1.84 -5.24
C ALA A 28 -3.64 1.18 -6.56
N ALA A 29 -2.59 1.69 -7.18
CA ALA A 29 -2.10 1.15 -8.44
C ALA A 29 -0.65 1.54 -8.68
N ILE A 30 0.19 0.55 -8.97
CA ILE A 30 1.60 0.79 -9.22
C ILE A 30 1.86 0.99 -10.72
N PRO A 31 2.63 2.04 -11.04
CA PRO A 31 2.98 2.36 -12.43
C PRO A 31 4.12 1.50 -12.96
N MET A 32 3.86 0.80 -14.07
CA MET A 32 4.85 -0.06 -14.67
C MET A 32 6.17 0.68 -14.88
N SER A 33 6.08 1.88 -15.44
CA SER A 33 7.25 2.69 -15.70
C SER A 33 8.20 2.69 -14.50
N ASP A 34 7.62 2.74 -13.31
CA ASP A 34 8.41 2.74 -12.08
C ASP A 34 7.82 1.77 -11.06
N PRO A 35 8.33 0.53 -11.04
CA PRO A 35 7.86 -0.50 -10.12
C PRO A 35 8.39 -0.30 -8.70
N GLN A 36 9.07 0.82 -8.48
CA GLN A 36 9.63 1.13 -7.17
C GLN A 36 8.85 2.25 -6.50
N VAL A 37 7.56 2.33 -6.83
CA VAL A 37 6.70 3.35 -6.25
C VAL A 37 5.22 2.98 -6.40
N LEU A 38 4.43 3.28 -5.38
CA LEU A 38 3.01 2.98 -5.40
C LEU A 38 2.18 4.26 -5.47
N HIS A 39 1.48 4.45 -6.58
CA HIS A 39 0.65 5.63 -6.76
C HIS A 39 -0.73 5.43 -6.15
N LEU A 40 -1.38 6.53 -5.78
CA LEU A 40 -2.71 6.46 -5.17
C LEU A 40 -3.68 7.39 -5.90
N GLN A 41 -4.92 6.95 -6.02
CA GLN A 41 -5.95 7.74 -6.69
C GLN A 41 -7.11 8.05 -5.74
N GLY A 42 -7.07 9.23 -5.12
CA GLY A 42 -8.12 9.62 -4.21
C GLY A 42 -8.67 11.00 -4.50
N GLY A 43 -9.78 11.34 -3.86
CA GLY A 43 -10.39 12.64 -4.08
C GLY A 43 -11.03 13.20 -2.82
N SER A 44 -10.42 14.23 -2.26
CA SER A 44 -10.94 14.85 -1.04
C SER A 44 -10.58 16.33 -0.99
N GLN A 45 -11.12 17.03 0.01
CA GLN A 45 -10.85 18.45 0.17
C GLN A 45 -9.36 18.73 0.31
N ASP A 46 -8.69 17.91 1.12
CA ASP A 46 -7.26 18.07 1.35
C ASP A 46 -6.48 17.01 0.56
N GLY A 47 -5.44 17.45 -0.14
CA GLY A 47 -4.63 16.54 -0.92
C GLY A 47 -3.56 15.85 -0.07
N ARG A 48 -3.94 15.43 1.13
CA ARG A 48 -3.01 14.76 2.03
C ARG A 48 -2.64 13.39 1.49
N LEU A 49 -3.62 12.67 0.96
CA LEU A 49 -3.40 11.34 0.42
C LEU A 49 -2.13 11.31 -0.43
N PRO A 50 -1.05 10.74 0.14
CA PRO A 50 0.24 10.63 -0.55
C PRO A 50 0.08 10.23 -2.02
N ARG A 51 0.65 11.04 -2.90
CA ARG A 51 0.57 10.77 -4.34
C ARG A 51 1.55 9.67 -4.74
N THR A 52 2.82 9.86 -4.38
CA THR A 52 3.86 8.88 -4.70
C THR A 52 4.49 8.33 -3.44
N ILE A 53 4.46 7.01 -3.29
CA ILE A 53 5.03 6.35 -2.13
C ILE A 53 6.27 5.53 -2.51
N PRO A 54 7.42 5.94 -1.99
CA PRO A 54 8.70 5.26 -2.25
C PRO A 54 8.81 3.93 -1.52
N LEU A 55 8.69 2.84 -2.26
CA LEU A 55 8.78 1.51 -1.68
C LEU A 55 10.20 1.22 -1.20
N PRO A 56 11.19 1.55 -2.03
CA PRO A 56 12.60 1.34 -1.71
C PRO A 56 12.96 1.84 -0.31
N SER A 57 12.09 2.68 0.25
CA SER A 57 12.31 3.22 1.58
C SER A 57 11.20 2.81 2.54
N CYS A 58 9.99 2.67 1.99
CA CYS A 58 8.84 2.28 2.79
C CYS A 58 9.17 1.09 3.70
N LYS A 59 8.68 1.15 4.93
CA LYS A 59 8.92 0.07 5.89
C LYS A 59 7.66 -0.75 6.12
N LEU A 60 7.71 -2.02 5.74
CA LEU A 60 6.57 -2.91 5.91
C LEU A 60 6.51 -3.47 7.32
N SER A 61 5.37 -3.32 7.98
CA SER A 61 5.19 -3.80 9.34
C SER A 61 3.71 -4.11 9.62
N VAL A 62 3.41 -5.40 9.77
CA VAL A 62 2.04 -5.82 10.05
C VAL A 62 1.72 -5.73 11.53
N PRO A 63 0.51 -5.26 11.85
CA PRO A 63 0.05 -5.12 13.24
C PRO A 63 -0.38 -6.45 13.84
N ASP A 64 -0.54 -6.46 15.16
CA ASP A 64 -0.95 -7.67 15.87
C ASP A 64 -2.47 -7.76 15.96
N PRO A 65 -3.00 -8.99 15.84
CA PRO A 65 -4.44 -9.23 15.90
C PRO A 65 -5.11 -8.50 17.06
N GLU A 66 -4.40 -8.45 18.20
CA GLU A 66 -4.93 -7.79 19.38
C GLU A 66 -5.51 -6.42 19.04
N GLU A 67 -4.95 -5.79 18.01
CA GLU A 67 -5.41 -4.48 17.57
C GLU A 67 -6.89 -4.52 17.21
N ARG A 68 -7.29 -5.52 16.43
CA ARG A 68 -8.68 -5.66 16.02
C ARG A 68 -9.16 -4.40 15.30
N LEU A 69 -8.34 -3.89 14.40
CA LEU A 69 -8.68 -2.70 13.63
C LEU A 69 -9.98 -2.90 12.85
N ASP A 70 -10.39 -1.88 12.11
CA ASP A 70 -11.61 -1.94 11.32
C ASP A 70 -11.63 -3.21 10.47
N SER A 71 -10.55 -3.45 9.73
CA SER A 71 -10.45 -4.62 8.88
C SER A 71 -9.69 -5.74 9.59
N GLY A 72 -9.62 -6.90 8.93
CA GLY A 72 -8.93 -8.04 9.52
C GLY A 72 -7.49 -8.14 9.04
N HIS A 73 -7.28 -7.95 7.74
CA HIS A 73 -5.95 -8.03 7.15
C HIS A 73 -5.47 -6.65 6.69
N VAL A 74 -4.59 -6.05 7.46
CA VAL A 74 -4.05 -4.72 7.13
C VAL A 74 -2.62 -4.57 7.63
N TRP A 75 -1.79 -3.93 6.82
CA TRP A 75 -0.39 -3.71 7.18
C TRP A 75 -0.10 -2.23 7.35
N LYS A 76 0.90 -1.93 8.17
CA LYS A 76 1.29 -0.54 8.43
C LYS A 76 2.48 -0.14 7.58
N LEU A 77 2.57 1.15 7.25
CA LEU A 77 3.67 1.66 6.44
C LEU A 77 4.21 2.96 7.01
N GLN A 78 5.43 2.91 7.52
CA GLN A 78 6.06 4.10 8.10
C GLN A 78 7.28 4.52 7.29
N TRP A 79 7.21 5.68 6.66
CA TRP A 79 8.31 6.20 5.85
C TRP A 79 8.24 7.72 5.75
N ALA A 80 9.36 8.33 5.34
CA ALA A 80 9.43 9.78 5.21
C ALA A 80 8.74 10.47 6.38
N LYS A 81 8.98 9.96 7.59
CA LYS A 81 8.38 10.54 8.79
C LYS A 81 6.86 10.55 8.69
N GLN A 82 6.30 9.50 8.09
CA GLN A 82 4.85 9.39 7.94
C GLN A 82 4.35 8.07 8.51
N SER A 83 3.04 7.84 8.39
CA SER A 83 2.43 6.63 8.90
C SER A 83 1.05 6.41 8.28
N TRP A 84 0.94 5.37 7.45
CA TRP A 84 -0.33 5.06 6.79
C TRP A 84 -0.65 3.58 6.94
N TYR A 85 -1.95 3.25 6.91
CA TYR A 85 -2.39 1.87 7.03
C TYR A 85 -3.07 1.40 5.75
N LEU A 86 -2.57 0.30 5.20
CA LEU A 86 -3.13 -0.26 3.98
C LEU A 86 -3.85 -1.57 4.25
N SER A 87 -5.17 -1.52 4.34
CA SER A 87 -5.97 -2.70 4.60
C SER A 87 -6.37 -3.39 3.29
N ALA A 88 -6.41 -4.72 3.33
CA ALA A 88 -6.77 -5.50 2.14
C ALA A 88 -8.09 -6.25 2.36
N SER A 89 -8.78 -6.54 1.27
CA SER A 89 -10.05 -7.25 1.35
C SER A 89 -9.92 -8.53 2.16
N SER A 90 -8.78 -9.20 2.01
CA SER A 90 -8.52 -10.45 2.73
C SER A 90 -7.03 -10.79 2.70
N ALA A 91 -6.67 -11.84 3.43
CA ALA A 91 -5.28 -12.27 3.50
C ALA A 91 -4.73 -12.54 2.10
N GLU A 92 -5.46 -13.33 1.32
CA GLU A 92 -5.05 -13.67 -0.03
C GLU A 92 -4.56 -12.43 -0.78
N LEU A 93 -5.38 -11.39 -0.80
CA LEU A 93 -5.03 -10.15 -1.47
C LEU A 93 -3.95 -9.39 -0.71
N GLN A 94 -3.94 -9.56 0.62
CA GLN A 94 -2.96 -8.89 1.46
C GLN A 94 -1.56 -9.38 1.14
N GLN A 95 -1.45 -10.62 0.66
CA GLN A 95 -0.15 -11.20 0.33
C GLN A 95 0.37 -10.61 -0.98
N GLN A 96 -0.47 -10.61 -2.01
CA GLN A 96 -0.08 -10.08 -3.31
C GLN A 96 0.46 -8.66 -3.19
N TRP A 97 -0.01 -7.94 -2.17
CA TRP A 97 0.43 -6.57 -1.94
C TRP A 97 1.74 -6.55 -1.17
N LEU A 98 1.89 -7.47 -0.23
CA LEU A 98 3.10 -7.56 0.57
C LEU A 98 4.28 -8.04 -0.26
N GLU A 99 4.11 -9.18 -0.92
CA GLU A 99 5.16 -9.75 -1.75
C GLU A 99 5.66 -8.72 -2.78
N THR A 100 4.72 -8.02 -3.40
CA THR A 100 5.06 -7.02 -4.40
C THR A 100 5.85 -5.87 -3.77
N LEU A 101 5.27 -5.26 -2.74
CA LEU A 101 5.91 -4.15 -2.05
C LEU A 101 7.29 -4.55 -1.54
N SER A 102 7.40 -5.79 -1.07
CA SER A 102 8.67 -6.30 -0.54
C SER A 102 9.71 -6.42 -1.66
N THR A 103 9.29 -6.97 -2.79
CA THR A 103 10.18 -7.15 -3.93
C THR A 103 10.75 -5.81 -4.38
N ALA A 104 9.93 -4.78 -4.38
CA ALA A 104 10.35 -3.45 -4.79
C ALA A 104 11.20 -2.78 -3.71
N ALA A 105 10.61 -2.61 -2.54
CA ALA A 105 11.32 -1.99 -1.42
C ALA A 105 12.76 -2.48 -1.33
N HIS A 106 12.93 -3.80 -1.27
CA HIS A 106 14.26 -4.40 -1.19
C HIS A 106 14.44 -5.47 -2.26
N SER A 107 15.47 -5.30 -3.08
CA SER A 107 15.75 -6.24 -4.16
C SER A 107 17.23 -6.60 -4.19
N GLY A 108 17.57 -7.62 -4.96
CA GLY A 108 18.95 -8.06 -5.07
C GLY A 108 19.86 -6.96 -5.57
N PRO A 109 19.65 -6.51 -6.82
CA PRO A 109 20.44 -5.45 -7.43
C PRO A 109 20.64 -4.25 -6.51
N SER A 110 19.54 -3.74 -5.97
CA SER A 110 19.60 -2.60 -5.06
C SER A 110 20.81 -2.70 -4.14
N SER A 111 20.88 -3.80 -3.39
CA SER A 111 21.99 -4.01 -2.47
C SER A 111 23.07 -4.88 -3.10
N GLY A 112 23.96 -4.25 -3.85
CA GLY A 112 25.03 -4.99 -4.50
C GLY A 112 25.40 -4.40 -5.85
N GLY A 1 -13.82 1.93 -10.39
CA GLY A 1 -12.45 1.67 -10.79
C GLY A 1 -12.30 1.49 -12.29
N SER A 2 -11.05 1.39 -12.75
CA SER A 2 -10.79 1.22 -14.17
C SER A 2 -10.31 -0.20 -14.46
N SER A 3 -11.19 -1.00 -15.07
CA SER A 3 -10.87 -2.37 -15.40
C SER A 3 -10.72 -2.55 -16.92
N GLY A 4 -9.48 -2.46 -17.39
CA GLY A 4 -9.22 -2.60 -18.81
C GLY A 4 -8.20 -1.60 -19.32
N SER A 5 -8.56 -0.33 -19.28
CA SER A 5 -7.67 0.73 -19.75
C SER A 5 -6.69 1.14 -18.65
N SER A 6 -6.10 0.14 -18.00
CA SER A 6 -5.14 0.40 -16.93
C SER A 6 -3.73 -0.03 -17.34
N GLY A 7 -2.73 0.55 -16.68
CA GLY A 7 -1.35 0.21 -17.00
C GLY A 7 -0.49 0.09 -15.75
N SER A 8 -0.98 -0.64 -14.76
CA SER A 8 -0.25 -0.84 -13.51
C SER A 8 -0.10 -2.32 -13.19
N LEU A 9 1.12 -2.74 -12.90
CA LEU A 9 1.40 -4.13 -12.58
C LEU A 9 0.37 -4.67 -11.58
N LEU A 10 0.32 -4.05 -10.40
CA LEU A 10 -0.61 -4.47 -9.37
C LEU A 10 -1.51 -3.31 -8.94
N CYS A 11 -2.81 -3.55 -8.90
CA CYS A 11 -3.77 -2.53 -8.51
C CYS A 11 -5.04 -3.16 -7.94
N GLY A 12 -5.93 -2.32 -7.42
CA GLY A 12 -7.16 -2.81 -6.85
C GLY A 12 -7.63 -1.97 -5.66
N PRO A 13 -8.95 -1.95 -5.43
CA PRO A 13 -9.55 -1.19 -4.33
C PRO A 13 -8.79 -1.39 -3.02
N LEU A 14 -8.49 -0.30 -2.34
CA LEU A 14 -7.77 -0.35 -1.07
C LEU A 14 -8.26 0.73 -0.11
N ARG A 15 -7.97 0.56 1.16
CA ARG A 15 -8.38 1.52 2.18
C ARG A 15 -7.17 2.19 2.83
N LEU A 16 -7.32 3.45 3.20
CA LEU A 16 -6.23 4.21 3.82
C LEU A 16 -6.71 4.86 5.12
N SER A 17 -5.86 4.81 6.15
CA SER A 17 -6.19 5.40 7.44
C SER A 17 -4.93 5.74 8.21
N GLU A 18 -4.99 6.80 9.01
CA GLU A 18 -3.86 7.24 9.81
C GLU A 18 -3.93 6.67 11.21
N SER A 19 -2.90 5.92 11.60
CA SER A 19 -2.85 5.31 12.92
C SER A 19 -4.17 4.62 13.26
N GLY A 20 -4.84 4.11 12.23
CA GLY A 20 -6.11 3.43 12.43
C GLY A 20 -7.16 4.36 13.01
N GLU A 21 -7.20 5.60 12.54
CA GLU A 21 -8.16 6.57 13.03
C GLU A 21 -9.37 6.65 12.08
N THR A 22 -9.14 7.17 10.88
CA THR A 22 -10.19 7.31 9.90
C THR A 22 -9.84 6.58 8.60
N TRP A 23 -10.78 5.78 8.11
CA TRP A 23 -10.57 5.03 6.88
C TRP A 23 -11.34 5.65 5.72
N SER A 24 -10.85 5.42 4.50
CA SER A 24 -11.50 5.95 3.30
C SER A 24 -11.28 5.04 2.11
N GLU A 25 -12.19 5.09 1.15
CA GLU A 25 -12.10 4.26 -0.04
C GLU A 25 -11.19 4.90 -1.09
N VAL A 26 -10.06 4.27 -1.33
CA VAL A 26 -9.09 4.78 -2.30
C VAL A 26 -8.69 3.68 -3.29
N TRP A 27 -7.94 4.08 -4.31
CA TRP A 27 -7.49 3.14 -5.34
C TRP A 27 -5.96 3.07 -5.39
N ALA A 28 -5.43 1.87 -5.27
CA ALA A 28 -3.98 1.67 -5.30
C ALA A 28 -3.54 1.02 -6.61
N ALA A 29 -2.49 1.57 -7.21
CA ALA A 29 -1.98 1.03 -8.47
C ALA A 29 -0.53 1.44 -8.69
N ILE A 30 0.31 0.48 -9.07
CA ILE A 30 1.72 0.74 -9.31
C ILE A 30 1.99 1.00 -10.78
N PRO A 31 2.78 2.05 -11.06
CA PRO A 31 3.13 2.43 -12.44
C PRO A 31 4.23 1.55 -13.01
N MET A 32 3.95 0.92 -14.15
CA MET A 32 4.92 0.05 -14.81
C MET A 32 6.25 0.76 -14.99
N SER A 33 6.19 2.00 -15.47
CA SER A 33 7.39 2.80 -15.70
C SER A 33 8.29 2.79 -14.46
N ASP A 34 7.67 2.82 -13.29
CA ASP A 34 8.41 2.81 -12.04
C ASP A 34 7.80 1.83 -11.05
N PRO A 35 8.36 0.61 -11.00
CA PRO A 35 7.87 -0.44 -10.09
C PRO A 35 8.37 -0.25 -8.66
N GLN A 36 9.19 0.77 -8.45
CA GLN A 36 9.74 1.06 -7.14
C GLN A 36 8.93 2.14 -6.44
N VAL A 37 7.64 2.23 -6.78
CA VAL A 37 6.76 3.22 -6.18
C VAL A 37 5.30 2.83 -6.35
N LEU A 38 4.50 3.11 -5.33
CA LEU A 38 3.08 2.79 -5.36
C LEU A 38 2.23 4.05 -5.37
N HIS A 39 1.59 4.33 -6.50
CA HIS A 39 0.74 5.51 -6.63
C HIS A 39 -0.62 5.28 -5.99
N LEU A 40 -1.17 6.33 -5.38
CA LEU A 40 -2.47 6.24 -4.73
C LEU A 40 -3.45 7.24 -5.32
N GLN A 41 -4.73 6.90 -5.28
CA GLN A 41 -5.78 7.77 -5.82
C GLN A 41 -6.93 7.91 -4.83
N GLY A 42 -7.41 9.14 -4.68
CA GLY A 42 -8.50 9.40 -3.76
C GLY A 42 -9.41 10.53 -4.22
N GLY A 43 -8.80 11.60 -4.73
CA GLY A 43 -9.57 12.73 -5.21
C GLY A 43 -8.91 14.05 -4.89
N SER A 44 -9.38 15.12 -5.51
CA SER A 44 -8.82 16.45 -5.30
C SER A 44 -8.83 16.81 -3.81
N GLN A 45 -9.97 16.58 -3.16
CA GLN A 45 -10.11 16.88 -1.74
C GLN A 45 -9.03 16.17 -0.93
N ASP A 46 -8.67 14.97 -1.37
CA ASP A 46 -7.65 14.18 -0.69
C ASP A 46 -6.28 14.81 -0.85
N GLY A 47 -6.01 15.85 -0.07
CA GLY A 47 -4.72 16.53 -0.15
C GLY A 47 -3.69 15.90 0.75
N ARG A 48 -4.07 15.64 2.00
CA ARG A 48 -3.17 15.05 2.97
C ARG A 48 -2.60 13.72 2.46
N LEU A 49 -3.46 12.94 1.82
CA LEU A 49 -3.05 11.65 1.27
C LEU A 49 -1.79 11.80 0.41
N PRO A 50 -0.92 10.78 0.48
CA PRO A 50 0.34 10.77 -0.28
C PRO A 50 0.13 10.40 -1.74
N ARG A 51 0.64 11.24 -2.64
CA ARG A 51 0.50 11.00 -4.07
C ARG A 51 1.34 9.80 -4.50
N THR A 52 2.56 9.72 -3.98
CA THR A 52 3.46 8.61 -4.31
C THR A 52 4.12 8.05 -3.06
N ILE A 53 4.41 6.76 -3.08
CA ILE A 53 5.05 6.10 -1.95
C ILE A 53 6.28 5.32 -2.39
N PRO A 54 7.46 5.76 -1.93
CA PRO A 54 8.74 5.11 -2.26
C PRO A 54 8.92 3.78 -1.54
N LEU A 55 8.66 2.69 -2.26
CA LEU A 55 8.80 1.36 -1.69
C LEU A 55 10.23 1.12 -1.20
N PRO A 56 11.21 1.48 -2.04
CA PRO A 56 12.63 1.33 -1.72
C PRO A 56 12.97 1.83 -0.32
N SER A 57 12.12 2.71 0.21
CA SER A 57 12.33 3.27 1.54
C SER A 57 11.04 3.23 2.36
N CYS A 58 10.32 2.13 2.24
CA CYS A 58 9.06 1.97 2.97
C CYS A 58 9.18 0.86 4.02
N LYS A 59 8.74 1.18 5.24
CA LYS A 59 8.80 0.22 6.34
C LYS A 59 7.52 -0.61 6.41
N LEU A 60 7.59 -1.85 5.94
CA LEU A 60 6.45 -2.75 5.95
C LEU A 60 6.34 -3.49 7.28
N SER A 61 5.27 -3.24 8.01
CA SER A 61 5.05 -3.88 9.31
C SER A 61 3.57 -4.07 9.58
N VAL A 62 3.16 -5.32 9.76
CA VAL A 62 1.77 -5.64 10.04
C VAL A 62 1.45 -5.51 11.52
N PRO A 63 0.38 -4.75 11.83
CA PRO A 63 -0.05 -4.52 13.21
C PRO A 63 -0.13 -5.81 14.02
N ASP A 64 -0.41 -5.69 15.30
CA ASP A 64 -0.52 -6.84 16.19
C ASP A 64 -1.99 -7.19 16.45
N PRO A 65 -2.27 -8.49 16.54
CA PRO A 65 -3.63 -9.00 16.79
C PRO A 65 -4.32 -8.24 17.93
N GLU A 66 -3.58 -8.00 19.00
CA GLU A 66 -4.12 -7.29 20.16
C GLU A 66 -4.87 -6.03 19.72
N GLU A 67 -4.28 -5.30 18.78
CA GLU A 67 -4.89 -4.07 18.28
C GLU A 67 -6.33 -4.32 17.83
N ARG A 68 -7.09 -3.24 17.70
CA ARG A 68 -8.49 -3.35 17.27
C ARG A 68 -8.80 -2.32 16.18
N LEU A 69 -8.52 -2.70 14.94
CA LEU A 69 -8.78 -1.81 13.80
C LEU A 69 -10.17 -2.06 13.22
N ASP A 70 -10.51 -1.31 12.18
CA ASP A 70 -11.80 -1.44 11.54
C ASP A 70 -11.82 -2.66 10.62
N SER A 71 -10.72 -2.89 9.91
CA SER A 71 -10.62 -4.02 9.00
C SER A 71 -10.01 -5.23 9.70
N GLY A 72 -9.94 -6.35 8.99
CA GLY A 72 -9.37 -7.56 9.56
C GLY A 72 -7.93 -7.77 9.14
N HIS A 73 -7.68 -7.72 7.83
CA HIS A 73 -6.32 -7.91 7.31
C HIS A 73 -5.78 -6.60 6.75
N VAL A 74 -4.88 -5.97 7.50
CA VAL A 74 -4.27 -4.71 7.07
C VAL A 74 -2.85 -4.59 7.60
N TRP A 75 -2.00 -3.91 6.84
CA TRP A 75 -0.61 -3.71 7.22
C TRP A 75 -0.30 -2.23 7.41
N LYS A 76 0.72 -1.95 8.21
CA LYS A 76 1.12 -0.57 8.48
C LYS A 76 2.34 -0.19 7.66
N LEU A 77 2.54 1.11 7.48
CA LEU A 77 3.67 1.61 6.70
C LEU A 77 4.17 2.94 7.26
N GLN A 78 5.45 2.97 7.62
CA GLN A 78 6.06 4.18 8.17
C GLN A 78 7.31 4.56 7.39
N TRP A 79 7.30 5.76 6.81
CA TRP A 79 8.43 6.24 6.03
C TRP A 79 8.37 7.76 5.88
N ALA A 80 9.51 8.35 5.53
CA ALA A 80 9.60 9.80 5.35
C ALA A 80 8.82 10.54 6.44
N LYS A 81 8.96 10.07 7.69
CA LYS A 81 8.27 10.68 8.82
C LYS A 81 6.75 10.65 8.61
N GLN A 82 6.27 9.56 8.03
CA GLN A 82 4.84 9.41 7.78
C GLN A 82 4.34 8.06 8.31
N SER A 83 3.02 7.89 8.30
CA SER A 83 2.40 6.66 8.79
C SER A 83 1.02 6.47 8.18
N TRP A 84 0.88 5.43 7.37
CA TRP A 84 -0.40 5.13 6.72
C TRP A 84 -0.75 3.65 6.87
N TYR A 85 -2.05 3.36 6.81
CA TYR A 85 -2.52 1.99 6.94
C TYR A 85 -3.16 1.50 5.65
N LEU A 86 -2.70 0.34 5.17
CA LEU A 86 -3.23 -0.23 3.94
C LEU A 86 -3.91 -1.57 4.21
N SER A 87 -5.23 -1.58 4.11
CA SER A 87 -6.01 -2.80 4.35
C SER A 87 -6.35 -3.49 3.03
N ALA A 88 -6.58 -4.80 3.10
CA ALA A 88 -6.92 -5.58 1.92
C ALA A 88 -8.17 -6.41 2.15
N SER A 89 -8.88 -6.73 1.07
CA SER A 89 -10.10 -7.52 1.15
C SER A 89 -9.91 -8.71 2.09
N SER A 90 -8.72 -9.30 2.05
CA SER A 90 -8.41 -10.45 2.88
C SER A 90 -6.90 -10.72 2.91
N ALA A 91 -6.50 -11.72 3.69
CA ALA A 91 -5.10 -12.06 3.80
C ALA A 91 -4.50 -12.40 2.44
N GLU A 92 -5.30 -13.03 1.59
CA GLU A 92 -4.85 -13.41 0.25
C GLU A 92 -4.39 -12.18 -0.53
N LEU A 93 -5.25 -11.17 -0.59
CA LEU A 93 -4.94 -9.94 -1.30
C LEU A 93 -3.86 -9.14 -0.58
N GLN A 94 -3.84 -9.25 0.74
CA GLN A 94 -2.85 -8.54 1.56
C GLN A 94 -1.44 -9.07 1.29
N GLN A 95 -1.36 -10.31 0.83
CA GLN A 95 -0.08 -10.93 0.53
C GLN A 95 0.50 -10.41 -0.77
N GLN A 96 -0.29 -10.52 -1.85
CA GLN A 96 0.15 -10.05 -3.16
C GLN A 96 0.67 -8.63 -3.09
N TRP A 97 0.14 -7.86 -2.15
CA TRP A 97 0.55 -6.47 -1.97
C TRP A 97 1.86 -6.39 -1.19
N LEU A 98 1.98 -7.21 -0.15
CA LEU A 98 3.18 -7.22 0.67
C LEU A 98 4.39 -7.70 -0.13
N GLU A 99 4.21 -8.79 -0.88
CA GLU A 99 5.28 -9.35 -1.69
C GLU A 99 5.70 -8.36 -2.78
N THR A 100 4.76 -7.99 -3.64
CA THR A 100 5.03 -7.06 -4.72
C THR A 100 5.77 -5.83 -4.21
N LEU A 101 5.35 -5.32 -3.06
CA LEU A 101 5.98 -4.14 -2.46
C LEU A 101 7.42 -4.44 -2.06
N SER A 102 7.59 -5.48 -1.24
CA SER A 102 8.91 -5.87 -0.77
C SER A 102 9.86 -6.09 -1.94
N THR A 103 9.40 -6.81 -2.96
CA THR A 103 10.21 -7.09 -4.14
C THR A 103 10.73 -5.79 -4.75
N ALA A 104 9.83 -4.89 -5.09
CA ALA A 104 10.20 -3.61 -5.69
C ALA A 104 11.00 -2.77 -4.71
N ALA A 105 11.08 -3.22 -3.46
CA ALA A 105 11.81 -2.51 -2.43
C ALA A 105 13.17 -3.16 -2.16
N HIS A 106 13.71 -3.84 -3.18
CA HIS A 106 15.00 -4.51 -3.05
C HIS A 106 15.93 -3.74 -2.13
N SER A 107 16.17 -4.29 -0.94
CA SER A 107 17.04 -3.63 0.03
C SER A 107 18.51 -3.89 -0.29
N GLY A 108 18.83 -5.15 -0.58
CA GLY A 108 20.20 -5.51 -0.90
C GLY A 108 20.56 -6.92 -0.44
N PRO A 109 21.84 -7.12 -0.11
CA PRO A 109 22.33 -8.43 0.35
C PRO A 109 21.95 -8.71 1.80
N SER A 110 21.41 -7.70 2.47
CA SER A 110 21.00 -7.85 3.87
C SER A 110 20.10 -6.69 4.29
N SER A 111 19.21 -6.95 5.24
CA SER A 111 18.29 -5.94 5.73
C SER A 111 19.05 -4.80 6.39
N GLY A 112 18.91 -3.60 5.82
CA GLY A 112 19.59 -2.44 6.36
C GLY A 112 19.27 -1.17 5.58
N GLY A 1 -9.39 1.71 -24.45
CA GLY A 1 -10.32 0.67 -24.06
C GLY A 1 -10.30 0.41 -22.57
N SER A 2 -9.43 -0.49 -22.14
CA SER A 2 -9.31 -0.84 -20.71
C SER A 2 -8.14 -1.77 -20.47
N SER A 3 -7.89 -2.08 -19.21
CA SER A 3 -6.79 -2.96 -18.83
C SER A 3 -7.09 -4.41 -19.22
N GLY A 4 -6.10 -5.07 -19.81
CA GLY A 4 -6.29 -6.45 -20.22
C GLY A 4 -5.00 -7.11 -20.67
N SER A 5 -4.21 -6.37 -21.45
CA SER A 5 -2.94 -6.88 -21.96
C SER A 5 -1.77 -6.32 -21.16
N SER A 6 -1.81 -5.02 -20.88
CA SER A 6 -0.76 -4.36 -20.12
C SER A 6 -1.26 -3.06 -19.51
N GLY A 7 -0.69 -2.69 -18.36
CA GLY A 7 -1.10 -1.48 -17.69
C GLY A 7 -0.29 -1.21 -16.43
N SER A 8 -0.81 -1.66 -15.29
CA SER A 8 -0.13 -1.48 -14.01
C SER A 8 0.29 -2.81 -13.42
N LEU A 9 1.54 -2.88 -12.97
CA LEU A 9 2.08 -4.10 -12.37
C LEU A 9 1.06 -4.74 -11.43
N LEU A 10 0.43 -3.91 -10.60
CA LEU A 10 -0.56 -4.39 -9.65
C LEU A 10 -1.51 -3.26 -9.24
N CYS A 11 -2.78 -3.59 -9.09
CA CYS A 11 -3.79 -2.61 -8.69
C CYS A 11 -5.00 -3.29 -8.06
N GLY A 12 -5.86 -2.50 -7.42
CA GLY A 12 -7.04 -3.05 -6.80
C GLY A 12 -7.55 -2.18 -5.66
N PRO A 13 -8.88 -2.14 -5.48
CA PRO A 13 -9.51 -1.35 -4.42
C PRO A 13 -8.80 -1.52 -3.07
N LEU A 14 -8.49 -0.40 -2.43
CA LEU A 14 -7.82 -0.42 -1.13
C LEU A 14 -8.32 0.71 -0.24
N ARG A 15 -8.05 0.60 1.05
CA ARG A 15 -8.47 1.62 2.01
C ARG A 15 -7.27 2.23 2.72
N LEU A 16 -7.48 3.37 3.37
CA LEU A 16 -6.41 4.05 4.09
C LEU A 16 -6.95 4.72 5.35
N SER A 17 -6.10 4.81 6.37
CA SER A 17 -6.49 5.42 7.64
C SER A 17 -5.27 5.96 8.38
N GLU A 18 -5.23 7.27 8.56
CA GLU A 18 -4.11 7.91 9.25
C GLU A 18 -4.01 7.43 10.69
N SER A 19 -2.93 6.75 11.01
CA SER A 19 -2.72 6.22 12.36
C SER A 19 -3.93 5.41 12.82
N GLY A 20 -4.63 4.81 11.87
CA GLY A 20 -5.80 4.01 12.20
C GLY A 20 -6.83 4.80 12.97
N GLU A 21 -7.43 5.79 12.31
CA GLU A 21 -8.45 6.62 12.95
C GLU A 21 -9.69 6.75 12.06
N THR A 22 -9.46 6.99 10.77
CA THR A 22 -10.55 7.14 9.82
C THR A 22 -10.24 6.40 8.52
N TRP A 23 -10.94 5.30 8.28
CA TRP A 23 -10.75 4.51 7.08
C TRP A 23 -11.57 5.07 5.91
N SER A 24 -10.91 5.29 4.78
CA SER A 24 -11.57 5.83 3.61
C SER A 24 -11.32 4.95 2.38
N GLU A 25 -12.13 5.13 1.35
CA GLU A 25 -11.99 4.35 0.12
C GLU A 25 -11.03 5.03 -0.84
N VAL A 26 -10.15 4.23 -1.44
CA VAL A 26 -9.17 4.76 -2.39
C VAL A 26 -8.74 3.68 -3.39
N TRP A 27 -7.96 4.08 -4.37
CA TRP A 27 -7.47 3.15 -5.39
C TRP A 27 -5.96 3.05 -5.36
N ALA A 28 -5.45 1.82 -5.39
CA ALA A 28 -4.01 1.59 -5.37
C ALA A 28 -3.53 0.95 -6.68
N ALA A 29 -2.52 1.56 -7.29
CA ALA A 29 -1.97 1.05 -8.54
C ALA A 29 -0.50 1.44 -8.69
N ILE A 30 0.29 0.53 -9.26
CA ILE A 30 1.71 0.78 -9.46
C ILE A 30 2.02 0.99 -10.94
N PRO A 31 2.87 1.99 -11.22
CA PRO A 31 3.28 2.32 -12.60
C PRO A 31 4.36 1.39 -13.12
N MET A 32 4.04 0.64 -14.18
CA MET A 32 4.98 -0.29 -14.77
C MET A 32 6.31 0.39 -15.04
N SER A 33 6.26 1.61 -15.57
CA SER A 33 7.47 2.36 -15.88
C SER A 33 8.39 2.44 -14.67
N ASP A 34 7.79 2.56 -13.49
CA ASP A 34 8.55 2.64 -12.25
C ASP A 34 7.95 1.74 -11.17
N PRO A 35 8.46 0.51 -11.09
CA PRO A 35 7.99 -0.48 -10.10
C PRO A 35 8.52 -0.20 -8.70
N GLN A 36 9.17 0.94 -8.53
CA GLN A 36 9.72 1.33 -7.24
C GLN A 36 8.90 2.44 -6.61
N VAL A 37 7.62 2.50 -6.96
CA VAL A 37 6.73 3.52 -6.42
C VAL A 37 5.26 3.09 -6.53
N LEU A 38 4.48 3.43 -5.51
CA LEU A 38 3.06 3.08 -5.48
C LEU A 38 2.19 4.32 -5.57
N HIS A 39 1.44 4.43 -6.67
CA HIS A 39 0.55 5.57 -6.88
C HIS A 39 -0.81 5.33 -6.27
N LEU A 40 -1.33 6.31 -5.54
CA LEU A 40 -2.63 6.20 -4.89
C LEU A 40 -3.59 7.26 -5.41
N GLN A 41 -4.83 6.86 -5.65
CA GLN A 41 -5.85 7.78 -6.15
C GLN A 41 -7.07 7.80 -5.23
N GLY A 42 -7.20 8.87 -4.46
CA GLY A 42 -8.33 8.99 -3.55
C GLY A 42 -8.03 9.92 -2.40
N GLY A 43 -8.30 11.21 -2.58
CA GLY A 43 -8.06 12.18 -1.54
C GLY A 43 -7.92 13.59 -2.08
N SER A 44 -9.05 14.22 -2.39
CA SER A 44 -9.05 15.58 -2.92
C SER A 44 -9.43 16.58 -1.84
N GLN A 45 -10.44 16.24 -1.05
CA GLN A 45 -10.92 17.11 0.01
C GLN A 45 -9.83 17.31 1.07
N ASP A 46 -8.94 16.34 1.18
CA ASP A 46 -7.85 16.41 2.16
C ASP A 46 -6.55 16.80 1.48
N GLY A 47 -6.21 16.11 0.40
CA GLY A 47 -4.98 16.40 -0.33
C GLY A 47 -3.79 15.67 0.25
N ARG A 48 -3.71 15.62 1.58
CA ARG A 48 -2.61 14.95 2.26
C ARG A 48 -2.35 13.57 1.66
N LEU A 49 -3.42 12.81 1.43
CA LEU A 49 -3.30 11.48 0.86
C LEU A 49 -2.14 11.42 -0.14
N PRO A 50 -0.99 10.93 0.33
CA PRO A 50 0.21 10.80 -0.50
C PRO A 50 -0.10 10.24 -1.89
N ARG A 51 0.47 10.87 -2.92
CA ARG A 51 0.24 10.42 -4.29
C ARG A 51 1.29 9.39 -4.70
N THR A 52 2.56 9.72 -4.46
CA THR A 52 3.65 8.81 -4.81
C THR A 52 4.44 8.39 -3.57
N ILE A 53 4.37 7.10 -3.24
CA ILE A 53 5.08 6.58 -2.08
C ILE A 53 6.29 5.76 -2.50
N PRO A 54 7.47 6.15 -1.98
CA PRO A 54 8.73 5.46 -2.28
C PRO A 54 8.86 4.14 -1.55
N LEU A 55 8.64 3.05 -2.28
CA LEU A 55 8.73 1.71 -1.69
C LEU A 55 10.14 1.46 -1.15
N PRO A 56 11.15 1.81 -1.95
CA PRO A 56 12.56 1.62 -1.57
C PRO A 56 12.85 2.13 -0.16
N SER A 57 11.96 2.98 0.36
CA SER A 57 12.13 3.54 1.69
C SER A 57 10.99 3.09 2.61
N CYS A 58 9.87 2.72 2.01
CA CYS A 58 8.71 2.27 2.77
C CYS A 58 9.06 1.07 3.64
N LYS A 59 8.59 1.09 4.89
CA LYS A 59 8.85 0.00 5.82
C LYS A 59 7.59 -0.83 6.06
N LEU A 60 7.62 -2.07 5.60
CA LEU A 60 6.48 -2.97 5.78
C LEU A 60 6.48 -3.61 7.16
N SER A 61 5.35 -3.53 7.85
CA SER A 61 5.23 -4.10 9.19
C SER A 61 3.77 -4.33 9.55
N VAL A 62 3.40 -5.58 9.75
CA VAL A 62 2.04 -5.94 10.11
C VAL A 62 1.80 -5.78 11.61
N PRO A 63 0.63 -5.25 11.98
CA PRO A 63 0.26 -5.04 13.38
C PRO A 63 -0.22 -6.32 14.05
N ASP A 64 -0.13 -6.37 15.37
CA ASP A 64 -0.56 -7.53 16.13
C ASP A 64 -2.07 -7.78 15.95
N PRO A 65 -2.48 -9.03 16.12
CA PRO A 65 -3.89 -9.42 16.00
C PRO A 65 -4.72 -9.01 17.20
N GLU A 66 -4.07 -8.43 18.20
CA GLU A 66 -4.75 -7.97 19.41
C GLU A 66 -5.47 -6.66 19.17
N GLU A 67 -4.89 -5.81 18.32
CA GLU A 67 -5.47 -4.52 18.00
C GLU A 67 -6.85 -4.67 17.40
N ARG A 68 -6.98 -5.63 16.48
CA ARG A 68 -8.26 -5.87 15.82
C ARG A 68 -8.80 -4.60 15.17
N LEU A 69 -7.95 -3.92 14.41
CA LEU A 69 -8.35 -2.68 13.74
C LEU A 69 -9.68 -2.86 13.01
N ASP A 70 -10.18 -1.77 12.44
CA ASP A 70 -11.44 -1.81 11.71
C ASP A 70 -11.49 -3.00 10.77
N SER A 71 -10.41 -3.21 10.01
CA SER A 71 -10.34 -4.30 9.07
C SER A 71 -9.65 -5.52 9.69
N GLY A 72 -9.55 -6.60 8.93
CA GLY A 72 -8.91 -7.80 9.43
C GLY A 72 -7.49 -7.96 8.94
N HIS A 73 -7.27 -7.69 7.65
CA HIS A 73 -5.95 -7.79 7.05
C HIS A 73 -5.44 -6.42 6.61
N VAL A 74 -4.51 -5.86 7.39
CA VAL A 74 -3.94 -4.56 7.09
C VAL A 74 -2.49 -4.49 7.55
N TRP A 75 -1.67 -3.74 6.81
CA TRP A 75 -0.26 -3.59 7.15
C TRP A 75 0.06 -2.12 7.42
N LYS A 76 1.07 -1.89 8.25
CA LYS A 76 1.49 -0.53 8.59
C LYS A 76 2.69 -0.11 7.75
N LEU A 77 2.64 1.12 7.23
CA LEU A 77 3.72 1.65 6.41
C LEU A 77 4.26 2.95 7.00
N GLN A 78 5.48 2.89 7.52
CA GLN A 78 6.12 4.07 8.12
C GLN A 78 7.36 4.47 7.33
N TRP A 79 7.34 5.69 6.80
CA TRP A 79 8.46 6.19 6.02
C TRP A 79 8.43 7.72 5.95
N ALA A 80 9.58 8.32 5.66
CA ALA A 80 9.68 9.77 5.56
C ALA A 80 8.92 10.45 6.69
N LYS A 81 9.02 9.89 7.89
CA LYS A 81 8.35 10.44 9.06
C LYS A 81 6.83 10.42 8.88
N GLN A 82 6.34 9.38 8.21
CA GLN A 82 4.91 9.24 7.96
C GLN A 82 4.41 7.87 8.42
N SER A 83 3.09 7.69 8.38
CA SER A 83 2.49 6.42 8.79
C SER A 83 1.07 6.29 8.23
N TRP A 84 0.87 5.27 7.41
CA TRP A 84 -0.44 5.03 6.81
C TRP A 84 -0.81 3.56 6.87
N TYR A 85 -2.08 3.27 7.14
CA TYR A 85 -2.55 1.90 7.23
C TYR A 85 -3.19 1.46 5.91
N LEU A 86 -2.66 0.39 5.33
CA LEU A 86 -3.18 -0.14 4.07
C LEU A 86 -3.86 -1.48 4.29
N SER A 87 -5.20 -1.47 4.30
CA SER A 87 -5.97 -2.69 4.49
C SER A 87 -6.28 -3.36 3.15
N ALA A 88 -6.45 -4.67 3.18
CA ALA A 88 -6.74 -5.43 1.97
C ALA A 88 -8.07 -6.17 2.10
N SER A 89 -8.71 -6.43 0.97
CA SER A 89 -9.99 -7.13 0.96
C SER A 89 -9.93 -8.40 1.81
N SER A 90 -8.80 -9.09 1.74
CA SER A 90 -8.62 -10.32 2.51
C SER A 90 -7.15 -10.71 2.57
N ALA A 91 -6.87 -11.87 3.17
CA ALA A 91 -5.49 -12.35 3.29
C ALA A 91 -4.87 -12.55 1.92
N GLU A 92 -5.59 -13.20 1.02
CA GLU A 92 -5.10 -13.45 -0.33
C GLU A 92 -4.72 -12.15 -1.03
N LEU A 93 -5.38 -11.06 -0.65
CA LEU A 93 -5.11 -9.76 -1.24
C LEU A 93 -4.03 -9.03 -0.44
N GLN A 94 -3.95 -9.32 0.85
CA GLN A 94 -2.96 -8.69 1.72
C GLN A 94 -1.55 -9.18 1.39
N GLN A 95 -1.45 -10.43 0.97
CA GLN A 95 -0.17 -11.03 0.62
C GLN A 95 0.35 -10.46 -0.69
N GLN A 96 -0.47 -10.55 -1.73
CA GLN A 96 -0.09 -10.04 -3.04
C GLN A 96 0.50 -8.64 -2.96
N TRP A 97 -0.08 -7.83 -2.09
CA TRP A 97 0.39 -6.45 -1.90
C TRP A 97 1.69 -6.43 -1.13
N LEU A 98 1.80 -7.29 -0.12
CA LEU A 98 3.01 -7.37 0.70
C LEU A 98 4.20 -7.82 -0.14
N GLU A 99 4.04 -8.93 -0.83
CA GLU A 99 5.12 -9.46 -1.67
C GLU A 99 5.60 -8.41 -2.67
N THR A 100 4.74 -8.07 -3.62
CA THR A 100 5.08 -7.08 -4.64
C THR A 100 5.85 -5.91 -4.03
N LEU A 101 5.27 -5.29 -3.00
CA LEU A 101 5.91 -4.16 -2.33
C LEU A 101 7.29 -4.54 -1.82
N SER A 102 7.38 -5.69 -1.17
CA SER A 102 8.65 -6.16 -0.63
C SER A 102 9.69 -6.30 -1.74
N THR A 103 9.30 -6.94 -2.83
CA THR A 103 10.20 -7.14 -3.97
C THR A 103 10.68 -5.81 -4.52
N ALA A 104 9.79 -4.82 -4.54
CA ALA A 104 10.13 -3.49 -5.05
C ALA A 104 10.78 -2.64 -3.97
N ALA A 105 10.78 -3.14 -2.74
CA ALA A 105 11.36 -2.43 -1.61
C ALA A 105 12.58 -3.16 -1.08
N HIS A 106 13.12 -4.06 -1.88
CA HIS A 106 14.30 -4.84 -1.49
C HIS A 106 15.55 -3.97 -1.51
N SER A 107 16.12 -3.73 -0.34
CA SER A 107 17.32 -2.91 -0.22
C SER A 107 18.36 -3.32 -1.26
N GLY A 108 18.54 -4.62 -1.43
CA GLY A 108 19.51 -5.12 -2.39
C GLY A 108 20.37 -6.23 -1.83
N PRO A 109 21.56 -5.86 -1.31
CA PRO A 109 22.51 -6.82 -0.73
C PRO A 109 22.11 -7.24 0.68
N SER A 110 21.80 -8.52 0.85
CA SER A 110 21.41 -9.04 2.15
C SER A 110 22.28 -10.24 2.53
N SER A 111 22.39 -11.21 1.62
CA SER A 111 23.18 -12.40 1.87
C SER A 111 24.67 -12.08 1.85
N GLY A 112 25.49 -13.09 2.16
CA GLY A 112 26.93 -12.89 2.17
C GLY A 112 27.68 -14.14 2.55
N GLY A 1 -0.49 -12.16 -7.34
CA GLY A 1 -1.27 -11.07 -7.90
C GLY A 1 -1.51 -11.23 -9.39
N SER A 2 -0.99 -10.29 -10.18
CA SER A 2 -1.15 -10.34 -11.63
C SER A 2 -2.60 -10.70 -12.01
N SER A 3 -3.54 -10.08 -11.31
CA SER A 3 -4.95 -10.34 -11.56
C SER A 3 -5.67 -9.06 -12.00
N GLY A 4 -6.32 -9.11 -13.15
CA GLY A 4 -7.03 -7.95 -13.66
C GLY A 4 -6.38 -7.37 -14.89
N SER A 5 -6.52 -6.06 -15.08
CA SER A 5 -5.95 -5.39 -16.24
C SER A 5 -4.49 -5.79 -16.44
N SER A 6 -4.06 -5.83 -17.70
CA SER A 6 -2.69 -6.19 -18.01
C SER A 6 -1.80 -4.96 -18.11
N GLY A 7 -2.03 -4.00 -17.22
CA GLY A 7 -1.24 -2.78 -17.22
C GLY A 7 -0.30 -2.69 -16.03
N SER A 8 -0.74 -1.99 -14.99
CA SER A 8 0.08 -1.83 -13.79
C SER A 8 0.39 -3.19 -13.17
N LEU A 9 1.60 -3.31 -12.64
CA LEU A 9 2.05 -4.56 -12.01
C LEU A 9 0.99 -5.09 -11.05
N LEU A 10 0.55 -4.22 -10.13
CA LEU A 10 -0.46 -4.60 -9.15
C LEU A 10 -1.43 -3.45 -8.90
N CYS A 11 -2.73 -3.76 -8.94
CA CYS A 11 -3.76 -2.75 -8.72
C CYS A 11 -4.90 -3.31 -7.89
N GLY A 12 -5.85 -2.45 -7.53
CA GLY A 12 -6.98 -2.88 -6.73
C GLY A 12 -7.38 -1.86 -5.70
N PRO A 13 -8.69 -1.81 -5.37
CA PRO A 13 -9.22 -0.87 -4.38
C PRO A 13 -8.76 -1.19 -2.97
N LEU A 14 -8.07 -0.25 -2.34
CA LEU A 14 -7.58 -0.43 -0.99
C LEU A 14 -8.14 0.63 -0.05
N ARG A 15 -7.92 0.45 1.25
CA ARG A 15 -8.41 1.39 2.24
C ARG A 15 -7.26 2.02 3.02
N LEU A 16 -7.39 3.29 3.34
CA LEU A 16 -6.35 4.02 4.08
C LEU A 16 -6.93 4.66 5.33
N SER A 17 -6.13 4.66 6.41
CA SER A 17 -6.57 5.25 7.67
C SER A 17 -5.37 5.67 8.51
N GLU A 18 -5.54 6.74 9.28
CA GLU A 18 -4.47 7.25 10.13
C GLU A 18 -4.67 6.82 11.58
N SER A 19 -3.83 5.89 12.04
CA SER A 19 -3.92 5.39 13.40
C SER A 19 -5.22 4.65 13.63
N GLY A 20 -5.62 3.86 12.63
CA GLY A 20 -6.86 3.10 12.72
C GLY A 20 -7.98 3.91 13.35
N GLU A 21 -8.30 5.04 12.76
CA GLU A 21 -9.36 5.90 13.27
C GLU A 21 -10.42 6.16 12.20
N THR A 22 -9.96 6.46 10.99
CA THR A 22 -10.86 6.74 9.87
C THR A 22 -10.36 6.09 8.59
N TRP A 23 -11.18 5.23 8.00
CA TRP A 23 -10.83 4.54 6.76
C TRP A 23 -11.50 5.19 5.57
N SER A 24 -10.73 5.43 4.51
CA SER A 24 -11.26 6.05 3.30
C SER A 24 -11.00 5.16 2.08
N GLU A 25 -11.91 5.23 1.11
CA GLU A 25 -11.79 4.44 -0.10
C GLU A 25 -10.81 5.08 -1.07
N VAL A 26 -9.80 4.30 -1.47
CA VAL A 26 -8.79 4.79 -2.40
C VAL A 26 -8.35 3.68 -3.36
N TRP A 27 -7.70 4.08 -4.45
CA TRP A 27 -7.22 3.13 -5.45
C TRP A 27 -5.71 3.04 -5.43
N ALA A 28 -5.19 1.83 -5.24
CA ALA A 28 -3.74 1.60 -5.22
C ALA A 28 -3.28 0.88 -6.48
N ALA A 29 -2.36 1.52 -7.21
CA ALA A 29 -1.83 0.94 -8.43
C ALA A 29 -0.38 1.34 -8.64
N ILE A 30 0.41 0.42 -9.17
CA ILE A 30 1.83 0.68 -9.42
C ILE A 30 2.11 0.81 -10.92
N PRO A 31 2.88 1.84 -11.29
CA PRO A 31 3.24 2.09 -12.69
C PRO A 31 4.39 1.20 -13.16
N MET A 32 4.07 0.29 -14.08
CA MET A 32 5.07 -0.62 -14.62
C MET A 32 6.38 0.11 -14.92
N SER A 33 6.26 1.25 -15.59
CA SER A 33 7.44 2.05 -15.94
C SER A 33 8.37 2.20 -14.75
N ASP A 34 7.77 2.36 -13.56
CA ASP A 34 8.55 2.52 -12.34
C ASP A 34 8.02 1.60 -11.24
N PRO A 35 8.61 0.40 -11.13
CA PRO A 35 8.22 -0.59 -10.13
C PRO A 35 8.78 -0.27 -8.75
N GLN A 36 9.21 0.98 -8.56
CA GLN A 36 9.78 1.40 -7.28
C GLN A 36 8.96 2.53 -6.67
N VAL A 37 7.67 2.56 -7.00
CA VAL A 37 6.77 3.59 -6.49
C VAL A 37 5.31 3.17 -6.62
N LEU A 38 4.52 3.45 -5.60
CA LEU A 38 3.11 3.10 -5.60
C LEU A 38 2.23 4.36 -5.66
N HIS A 39 1.49 4.50 -6.75
CA HIS A 39 0.62 5.65 -6.93
C HIS A 39 -0.73 5.42 -6.24
N LEU A 40 -1.29 6.48 -5.67
CA LEU A 40 -2.57 6.40 -4.98
C LEU A 40 -3.55 7.43 -5.53
N GLN A 41 -4.82 7.06 -5.58
CA GLN A 41 -5.86 7.95 -6.09
C GLN A 41 -6.96 8.16 -5.05
N GLY A 42 -7.36 9.41 -4.85
CA GLY A 42 -8.39 9.72 -3.88
C GLY A 42 -9.03 11.06 -4.13
N GLY A 43 -8.34 12.13 -3.73
CA GLY A 43 -8.86 13.47 -3.92
C GLY A 43 -9.88 13.84 -2.85
N SER A 44 -9.63 14.97 -2.18
CA SER A 44 -10.53 15.43 -1.13
C SER A 44 -10.19 16.87 -0.73
N GLN A 45 -11.10 17.49 0.03
CA GLN A 45 -10.90 18.86 0.48
C GLN A 45 -9.55 19.02 1.17
N ASP A 46 -9.21 18.05 2.01
CA ASP A 46 -7.94 18.07 2.74
C ASP A 46 -6.77 18.22 1.78
N GLY A 47 -6.54 17.19 0.98
CA GLY A 47 -5.45 17.22 0.02
C GLY A 47 -4.12 16.87 0.65
N ARG A 48 -4.16 16.06 1.71
CA ARG A 48 -2.95 15.66 2.42
C ARG A 48 -2.49 14.29 1.94
N LEU A 49 -3.43 13.48 1.46
CA LEU A 49 -3.11 12.14 0.98
C LEU A 49 -1.82 12.15 0.16
N PRO A 50 -1.03 11.07 0.30
CA PRO A 50 0.24 10.93 -0.42
C PRO A 50 0.03 10.56 -1.88
N ARG A 51 0.40 11.46 -2.77
CA ARG A 51 0.25 11.22 -4.21
C ARG A 51 1.10 10.04 -4.66
N THR A 52 2.32 9.96 -4.13
CA THR A 52 3.23 8.87 -4.47
C THR A 52 3.89 8.30 -3.23
N ILE A 53 4.19 7.01 -3.26
CA ILE A 53 4.83 6.33 -2.13
C ILE A 53 6.07 5.58 -2.58
N PRO A 54 7.24 6.06 -2.11
CA PRO A 54 8.53 5.44 -2.44
C PRO A 54 8.75 4.11 -1.72
N LEU A 55 8.56 3.02 -2.45
CA LEU A 55 8.74 1.68 -1.88
C LEU A 55 10.17 1.48 -1.40
N PRO A 56 11.14 1.88 -2.23
CA PRO A 56 12.56 1.75 -1.91
C PRO A 56 12.88 2.27 -0.51
N SER A 57 11.97 3.05 0.05
CA SER A 57 12.16 3.61 1.39
C SER A 57 11.04 3.17 2.32
N CYS A 58 9.92 2.76 1.74
CA CYS A 58 8.77 2.31 2.53
C CYS A 58 9.15 1.16 3.44
N LYS A 59 8.67 1.19 4.67
CA LYS A 59 8.95 0.15 5.65
C LYS A 59 7.73 -0.74 5.85
N LEU A 60 7.83 -2.00 5.43
CA LEU A 60 6.74 -2.95 5.58
C LEU A 60 6.74 -3.57 6.97
N SER A 61 5.62 -3.39 7.68
CA SER A 61 5.49 -3.93 9.03
C SER A 61 4.02 -4.24 9.34
N VAL A 62 3.79 -5.44 9.88
CA VAL A 62 2.43 -5.86 10.22
C VAL A 62 2.07 -5.45 11.64
N PRO A 63 0.84 -4.96 11.82
CA PRO A 63 0.35 -4.51 13.13
C PRO A 63 0.04 -5.68 14.06
N ASP A 64 -0.13 -5.38 15.34
CA ASP A 64 -0.43 -6.40 16.33
C ASP A 64 -1.85 -6.96 16.14
N PRO A 65 -2.06 -8.21 16.54
CA PRO A 65 -3.36 -8.87 16.42
C PRO A 65 -4.34 -8.43 17.50
N GLU A 66 -3.83 -8.23 18.71
CA GLU A 66 -4.67 -7.81 19.82
C GLU A 66 -5.31 -6.45 19.54
N GLU A 67 -4.86 -5.81 18.47
CA GLU A 67 -5.39 -4.51 18.07
C GLU A 67 -6.83 -4.63 17.56
N ARG A 68 -7.56 -3.52 17.60
CA ARG A 68 -8.94 -3.50 17.14
C ARG A 68 -9.12 -2.53 15.97
N LEU A 69 -8.87 -3.02 14.77
CA LEU A 69 -9.00 -2.20 13.57
C LEU A 69 -10.33 -2.47 12.87
N ASP A 70 -10.52 -1.84 11.71
CA ASP A 70 -11.74 -2.02 10.94
C ASP A 70 -11.69 -3.32 10.14
N SER A 71 -10.61 -3.52 9.39
CA SER A 71 -10.45 -4.73 8.59
C SER A 71 -9.65 -5.78 9.35
N GLY A 72 -9.61 -6.99 8.78
CA GLY A 72 -8.88 -8.07 9.42
C GLY A 72 -7.44 -8.17 8.94
N HIS A 73 -7.26 -8.06 7.63
CA HIS A 73 -5.93 -8.14 7.04
C HIS A 73 -5.44 -6.76 6.60
N VAL A 74 -4.54 -6.17 7.39
CA VAL A 74 -4.00 -4.86 7.09
C VAL A 74 -2.56 -4.73 7.57
N TRP A 75 -1.75 -3.98 6.83
CA TRP A 75 -0.36 -3.77 7.19
C TRP A 75 -0.07 -2.29 7.45
N LYS A 76 1.06 -2.02 8.10
CA LYS A 76 1.45 -0.65 8.41
C LYS A 76 2.63 -0.22 7.54
N LEU A 77 2.62 1.04 7.12
CA LEU A 77 3.70 1.58 6.30
C LEU A 77 4.25 2.88 6.90
N GLN A 78 5.49 2.82 7.37
CA GLN A 78 6.13 3.99 7.96
C GLN A 78 7.35 4.40 7.15
N TRP A 79 7.32 5.62 6.62
CA TRP A 79 8.43 6.13 5.83
C TRP A 79 8.38 7.65 5.74
N ALA A 80 9.52 8.27 5.45
CA ALA A 80 9.60 9.71 5.33
C ALA A 80 8.83 10.39 6.45
N LYS A 81 8.94 9.85 7.66
CA LYS A 81 8.24 10.41 8.82
C LYS A 81 6.74 10.37 8.62
N GLN A 82 6.26 9.30 7.98
CA GLN A 82 4.83 9.15 7.73
C GLN A 82 4.33 7.83 8.28
N SER A 83 3.00 7.68 8.36
CA SER A 83 2.40 6.45 8.87
C SER A 83 0.99 6.27 8.30
N TRP A 84 0.83 5.28 7.45
CA TRP A 84 -0.47 4.99 6.84
C TRP A 84 -0.83 3.52 6.98
N TYR A 85 -2.12 3.24 7.07
CA TYR A 85 -2.60 1.87 7.21
C TYR A 85 -3.28 1.39 5.93
N LEU A 86 -2.70 0.38 5.29
CA LEU A 86 -3.25 -0.18 4.06
C LEU A 86 -3.91 -1.52 4.32
N SER A 87 -5.23 -1.53 4.43
CA SER A 87 -5.98 -2.75 4.67
C SER A 87 -6.40 -3.41 3.36
N ALA A 88 -6.59 -4.72 3.40
CA ALA A 88 -6.99 -5.47 2.21
C ALA A 88 -8.30 -6.20 2.44
N SER A 89 -9.04 -6.45 1.36
CA SER A 89 -10.32 -7.15 1.45
C SER A 89 -10.17 -8.47 2.18
N SER A 90 -9.02 -9.11 2.02
CA SER A 90 -8.74 -10.38 2.66
C SER A 90 -7.24 -10.67 2.70
N ALA A 91 -6.88 -11.87 3.17
CA ALA A 91 -5.49 -12.27 3.24
C ALA A 91 -4.90 -12.47 1.85
N GLU A 92 -5.61 -13.20 1.01
CA GLU A 92 -5.15 -13.47 -0.35
C GLU A 92 -4.75 -12.18 -1.05
N LEU A 93 -5.44 -11.09 -0.72
CA LEU A 93 -5.15 -9.80 -1.32
C LEU A 93 -4.09 -9.05 -0.52
N GLN A 94 -4.03 -9.32 0.78
CA GLN A 94 -3.06 -8.67 1.65
C GLN A 94 -1.65 -9.17 1.35
N GLN A 95 -1.54 -10.42 0.91
CA GLN A 95 -0.25 -11.01 0.58
C GLN A 95 0.28 -10.48 -0.76
N GLN A 96 -0.56 -10.55 -1.78
CA GLN A 96 -0.17 -10.07 -3.10
C GLN A 96 0.36 -8.65 -3.04
N TRP A 97 -0.11 -7.89 -2.06
CA TRP A 97 0.33 -6.51 -1.90
C TRP A 97 1.65 -6.44 -1.13
N LEU A 98 1.74 -7.21 -0.05
CA LEU A 98 2.94 -7.24 0.77
C LEU A 98 4.13 -7.74 -0.03
N GLU A 99 3.90 -8.79 -0.83
CA GLU A 99 4.96 -9.38 -1.65
C GLU A 99 5.46 -8.36 -2.67
N THR A 100 4.53 -7.78 -3.43
CA THR A 100 4.88 -6.79 -4.45
C THR A 100 5.65 -5.63 -3.86
N LEU A 101 5.12 -5.06 -2.78
CA LEU A 101 5.76 -3.93 -2.10
C LEU A 101 7.14 -4.33 -1.58
N SER A 102 7.23 -5.53 -1.01
CA SER A 102 8.49 -6.01 -0.46
C SER A 102 9.52 -6.23 -1.57
N THR A 103 9.08 -6.81 -2.68
CA THR A 103 9.96 -7.07 -3.81
C THR A 103 10.46 -5.76 -4.41
N ALA A 104 9.61 -4.75 -4.43
CA ALA A 104 9.98 -3.44 -4.97
C ALA A 104 10.78 -2.63 -3.96
N ALA A 105 10.80 -3.09 -2.72
CA ALA A 105 11.53 -2.41 -1.65
C ALA A 105 12.81 -3.16 -1.30
N HIS A 106 13.28 -3.99 -2.23
CA HIS A 106 14.50 -4.76 -2.02
C HIS A 106 15.73 -3.88 -2.17
N SER A 107 16.42 -3.63 -1.06
CA SER A 107 17.62 -2.80 -1.08
C SER A 107 18.87 -3.66 -1.23
N GLY A 108 18.89 -4.79 -0.56
CA GLY A 108 20.04 -5.68 -0.63
C GLY A 108 20.36 -6.10 -2.05
N PRO A 109 21.66 -6.23 -2.36
CA PRO A 109 22.12 -6.63 -3.69
C PRO A 109 21.99 -8.12 -3.93
N SER A 110 21.18 -8.50 -4.92
CA SER A 110 20.97 -9.90 -5.25
C SER A 110 22.30 -10.60 -5.52
N SER A 111 23.12 -9.98 -6.37
CA SER A 111 24.42 -10.54 -6.71
C SER A 111 25.50 -9.46 -6.73
N GLY A 112 26.34 -9.44 -5.70
CA GLY A 112 27.40 -8.46 -5.61
C GLY A 112 28.33 -8.71 -4.45
N GLY A 1 -9.62 -13.34 -13.52
CA GLY A 1 -8.47 -13.36 -14.40
C GLY A 1 -7.27 -12.64 -13.81
N SER A 2 -7.41 -11.33 -13.62
CA SER A 2 -6.33 -10.51 -13.07
C SER A 2 -6.84 -9.11 -12.71
N SER A 3 -6.34 -8.58 -11.60
CA SER A 3 -6.73 -7.26 -11.15
C SER A 3 -6.18 -6.18 -12.07
N GLY A 4 -5.29 -6.57 -12.98
CA GLY A 4 -4.70 -5.64 -13.91
C GLY A 4 -3.67 -6.28 -14.82
N SER A 5 -4.11 -7.25 -15.61
CA SER A 5 -3.22 -7.95 -16.53
C SER A 5 -2.25 -6.98 -17.19
N SER A 6 -2.80 -6.00 -17.91
CA SER A 6 -1.99 -5.02 -18.60
C SER A 6 -2.19 -3.63 -18.00
N GLY A 7 -1.23 -2.74 -18.26
CA GLY A 7 -1.33 -1.39 -17.74
C GLY A 7 -0.50 -1.20 -16.48
N SER A 8 -0.88 -1.86 -15.40
CA SER A 8 -0.17 -1.76 -14.14
C SER A 8 0.19 -3.14 -13.60
N LEU A 9 1.33 -3.23 -12.94
CA LEU A 9 1.79 -4.50 -12.36
C LEU A 9 0.80 -5.02 -11.33
N LEU A 10 0.46 -4.17 -10.35
CA LEU A 10 -0.47 -4.55 -9.31
C LEU A 10 -1.41 -3.39 -8.98
N CYS A 11 -2.70 -3.69 -8.91
CA CYS A 11 -3.71 -2.68 -8.59
C CYS A 11 -4.95 -3.32 -7.99
N GLY A 12 -5.85 -2.48 -7.48
CA GLY A 12 -7.07 -2.98 -6.87
C GLY A 12 -7.56 -2.10 -5.74
N PRO A 13 -8.88 -2.04 -5.56
CA PRO A 13 -9.50 -1.24 -4.50
C PRO A 13 -8.83 -1.44 -3.15
N LEU A 14 -8.34 -0.35 -2.57
CA LEU A 14 -7.67 -0.40 -1.27
C LEU A 14 -8.22 0.66 -0.33
N ARG A 15 -7.88 0.54 0.95
CA ARG A 15 -8.34 1.50 1.95
C ARG A 15 -7.16 2.15 2.66
N LEU A 16 -7.37 3.38 3.14
CA LEU A 16 -6.31 4.10 3.84
C LEU A 16 -6.87 4.77 5.11
N SER A 17 -6.06 4.78 6.16
CA SER A 17 -6.46 5.38 7.43
C SER A 17 -5.24 5.80 8.24
N GLU A 18 -5.36 6.92 8.94
CA GLU A 18 -4.27 7.43 9.76
C GLU A 18 -4.51 7.13 11.23
N SER A 19 -3.68 6.25 11.79
CA SER A 19 -3.80 5.87 13.19
C SER A 19 -5.07 5.06 13.43
N GLY A 20 -5.51 4.35 12.40
CA GLY A 20 -6.71 3.54 12.50
C GLY A 20 -7.84 4.28 13.20
N GLU A 21 -8.20 5.44 12.67
CA GLU A 21 -9.26 6.25 13.25
C GLU A 21 -10.32 6.58 12.20
N THR A 22 -9.91 6.61 10.94
CA THR A 22 -10.82 6.92 9.84
C THR A 22 -10.32 6.30 8.53
N TRP A 23 -11.16 5.46 7.93
CA TRP A 23 -10.81 4.81 6.67
C TRP A 23 -11.54 5.46 5.50
N SER A 24 -10.96 5.34 4.31
CA SER A 24 -11.55 5.92 3.11
C SER A 24 -11.36 5.01 1.91
N GLU A 25 -12.22 5.14 0.91
CA GLU A 25 -12.15 4.33 -0.29
C GLU A 25 -11.23 4.97 -1.33
N VAL A 26 -10.11 4.30 -1.61
CA VAL A 26 -9.15 4.80 -2.58
C VAL A 26 -8.67 3.69 -3.51
N TRP A 27 -8.09 4.08 -4.63
CA TRP A 27 -7.59 3.10 -5.60
C TRP A 27 -6.06 3.06 -5.59
N ALA A 28 -5.51 1.89 -5.31
CA ALA A 28 -4.07 1.71 -5.26
C ALA A 28 -3.57 0.97 -6.49
N ALA A 29 -2.49 1.46 -7.08
CA ALA A 29 -1.91 0.84 -8.27
C ALA A 29 -0.45 1.27 -8.46
N ILE A 30 0.37 0.36 -8.96
CA ILE A 30 1.77 0.65 -9.21
C ILE A 30 2.07 0.77 -10.69
N PRO A 31 2.76 1.84 -11.08
CA PRO A 31 3.12 2.10 -12.47
C PRO A 31 4.27 1.22 -12.95
N MET A 32 4.03 0.46 -14.02
CA MET A 32 5.04 -0.43 -14.57
C MET A 32 6.37 0.30 -14.75
N SER A 33 6.31 1.45 -15.43
CA SER A 33 7.52 2.24 -15.67
C SER A 33 8.38 2.34 -14.42
N ASP A 34 7.73 2.47 -13.27
CA ASP A 34 8.44 2.57 -12.00
C ASP A 34 7.79 1.68 -10.94
N PRO A 35 8.27 0.44 -10.82
CA PRO A 35 7.74 -0.53 -9.86
C PRO A 35 8.24 -0.26 -8.44
N GLN A 36 8.92 0.86 -8.26
CA GLN A 36 9.46 1.24 -6.96
C GLN A 36 8.64 2.37 -6.34
N VAL A 37 7.37 2.46 -6.71
CA VAL A 37 6.49 3.49 -6.20
C VAL A 37 5.03 3.04 -6.23
N LEU A 38 4.28 3.41 -5.19
CA LEU A 38 2.88 3.05 -5.11
C LEU A 38 1.98 4.29 -5.17
N HIS A 39 1.26 4.43 -6.27
CA HIS A 39 0.37 5.56 -6.46
C HIS A 39 -0.97 5.31 -5.78
N LEU A 40 -1.68 6.40 -5.45
CA LEU A 40 -2.98 6.30 -4.81
C LEU A 40 -3.93 7.38 -5.32
N GLN A 41 -5.19 7.00 -5.51
CA GLN A 41 -6.19 7.93 -6.01
C GLN A 41 -7.23 8.23 -4.92
N GLY A 42 -7.27 9.49 -4.49
CA GLY A 42 -8.23 9.88 -3.46
C GLY A 42 -8.37 11.39 -3.36
N GLY A 43 -7.29 12.06 -2.96
CA GLY A 43 -7.34 13.50 -2.82
C GLY A 43 -5.97 14.11 -2.67
N SER A 44 -5.89 15.44 -2.72
CA SER A 44 -4.62 16.14 -2.60
C SER A 44 -4.66 17.12 -1.43
N GLN A 45 -5.55 18.11 -1.52
CA GLN A 45 -5.69 19.11 -0.48
C GLN A 45 -6.45 18.55 0.72
N ASP A 46 -7.50 17.79 0.44
CA ASP A 46 -8.30 17.19 1.51
C ASP A 46 -7.78 15.81 1.88
N GLY A 47 -7.47 15.62 3.15
CA GLY A 47 -6.96 14.33 3.61
C GLY A 47 -5.46 14.21 3.43
N ARG A 48 -4.87 15.16 2.71
CA ARG A 48 -3.43 15.14 2.46
C ARG A 48 -2.95 13.74 2.15
N LEU A 49 -3.61 13.08 1.21
CA LEU A 49 -3.24 11.72 0.81
C LEU A 49 -1.95 11.72 0.01
N PRO A 50 -1.12 10.69 0.24
CA PRO A 50 0.16 10.54 -0.46
C PRO A 50 -0.01 10.05 -1.89
N ARG A 51 0.09 10.97 -2.85
CA ARG A 51 -0.05 10.62 -4.26
C ARG A 51 0.83 9.43 -4.62
N THR A 52 2.07 9.46 -4.16
CA THR A 52 3.02 8.38 -4.43
C THR A 52 3.81 8.01 -3.18
N ILE A 53 4.28 6.77 -3.13
CA ILE A 53 5.04 6.29 -1.99
C ILE A 53 6.31 5.57 -2.45
N PRO A 54 7.46 6.01 -1.92
CA PRO A 54 8.77 5.42 -2.25
C PRO A 54 9.00 4.08 -1.55
N LEU A 55 8.52 3.01 -2.15
CA LEU A 55 8.68 1.68 -1.59
C LEU A 55 10.13 1.44 -1.15
N PRO A 56 11.07 1.79 -2.04
CA PRO A 56 12.51 1.62 -1.76
C PRO A 56 12.90 2.16 -0.40
N SER A 57 12.24 3.22 0.04
CA SER A 57 12.52 3.82 1.32
C SER A 57 11.36 3.64 2.29
N CYS A 58 10.62 2.55 2.11
CA CYS A 58 9.47 2.25 2.96
C CYS A 58 9.63 0.89 3.63
N LYS A 59 9.27 0.82 4.90
CA LYS A 59 9.36 -0.43 5.65
C LYS A 59 7.98 -1.07 5.83
N LEU A 60 7.89 -2.34 5.47
CA LEU A 60 6.63 -3.08 5.59
C LEU A 60 6.57 -3.83 6.91
N SER A 61 5.61 -3.47 7.76
CA SER A 61 5.46 -4.11 9.06
C SER A 61 3.97 -4.31 9.38
N VAL A 62 3.60 -5.54 9.70
CA VAL A 62 2.22 -5.86 10.03
C VAL A 62 1.92 -5.54 11.50
N PRO A 63 0.77 -4.92 11.74
CA PRO A 63 0.33 -4.53 13.09
C PRO A 63 -0.14 -5.73 13.90
N ASP A 64 -0.04 -5.63 15.21
CA ASP A 64 -0.46 -6.71 16.10
C ASP A 64 -1.92 -7.09 15.84
N PRO A 65 -2.28 -8.31 16.23
CA PRO A 65 -3.64 -8.83 16.04
C PRO A 65 -4.63 -8.23 17.03
N GLU A 66 -4.17 -7.99 18.26
CA GLU A 66 -5.02 -7.41 19.29
C GLU A 66 -5.70 -6.14 18.79
N GLU A 67 -4.98 -5.38 17.97
CA GLU A 67 -5.52 -4.13 17.43
C GLU A 67 -6.89 -4.35 16.81
N ARG A 68 -7.06 -5.49 16.14
CA ARG A 68 -8.33 -5.82 15.51
C ARG A 68 -8.93 -4.60 14.83
N LEU A 69 -8.07 -3.81 14.17
CA LEU A 69 -8.53 -2.61 13.47
C LEU A 69 -9.80 -2.88 12.69
N ASP A 70 -10.45 -1.82 12.24
CA ASP A 70 -11.68 -1.93 11.47
C ASP A 70 -11.63 -3.16 10.55
N SER A 71 -10.52 -3.29 9.83
CA SER A 71 -10.36 -4.42 8.91
C SER A 71 -9.67 -5.58 9.60
N GLY A 72 -9.60 -6.72 8.91
CA GLY A 72 -8.97 -7.90 9.47
C GLY A 72 -7.54 -8.07 9.00
N HIS A 73 -7.28 -7.69 7.75
CA HIS A 73 -5.95 -7.81 7.18
C HIS A 73 -5.44 -6.45 6.72
N VAL A 74 -4.52 -5.86 7.49
CA VAL A 74 -3.95 -4.57 7.16
C VAL A 74 -2.51 -4.46 7.65
N TRP A 75 -1.67 -3.82 6.85
CA TRP A 75 -0.27 -3.64 7.20
C TRP A 75 0.05 -2.18 7.46
N LYS A 76 1.18 -1.93 8.11
CA LYS A 76 1.61 -0.57 8.43
C LYS A 76 2.74 -0.13 7.52
N LEU A 77 2.78 1.16 7.22
CA LEU A 77 3.82 1.72 6.34
C LEU A 77 4.40 3.00 6.93
N GLN A 78 5.64 2.91 7.40
CA GLN A 78 6.31 4.06 7.99
C GLN A 78 7.50 4.50 7.14
N TRP A 79 7.45 5.73 6.64
CA TRP A 79 8.52 6.26 5.80
C TRP A 79 8.47 7.78 5.75
N ALA A 80 9.60 8.39 5.44
CA ALA A 80 9.68 9.85 5.35
C ALA A 80 8.96 10.51 6.52
N LYS A 81 9.02 9.86 7.68
CA LYS A 81 8.38 10.38 8.88
C LYS A 81 6.86 10.38 8.74
N GLN A 82 6.34 9.35 8.08
CA GLN A 82 4.90 9.23 7.87
C GLN A 82 4.39 7.88 8.35
N SER A 83 3.07 7.72 8.37
CA SER A 83 2.46 6.47 8.81
C SER A 83 1.06 6.33 8.24
N TRP A 84 0.87 5.32 7.39
CA TRP A 84 -0.42 5.06 6.77
C TRP A 84 -0.84 3.61 6.94
N TYR A 85 -2.14 3.36 6.95
CA TYR A 85 -2.66 2.01 7.11
C TYR A 85 -3.25 1.49 5.80
N LEU A 86 -2.75 0.34 5.35
CA LEU A 86 -3.23 -0.26 4.12
C LEU A 86 -3.97 -1.57 4.40
N SER A 87 -5.29 -1.51 4.36
CA SER A 87 -6.12 -2.67 4.61
C SER A 87 -6.53 -3.35 3.30
N ALA A 88 -6.51 -4.68 3.29
CA ALA A 88 -6.86 -5.44 2.10
C ALA A 88 -8.13 -6.25 2.34
N SER A 89 -8.86 -6.53 1.26
CA SER A 89 -10.10 -7.30 1.35
C SER A 89 -9.90 -8.55 2.20
N SER A 90 -8.76 -9.20 2.02
CA SER A 90 -8.46 -10.42 2.75
C SER A 90 -6.97 -10.76 2.65
N ALA A 91 -6.51 -11.65 3.53
CA ALA A 91 -5.11 -12.06 3.52
C ALA A 91 -4.62 -12.31 2.11
N GLU A 92 -5.37 -13.07 1.34
CA GLU A 92 -5.01 -13.37 -0.04
C GLU A 92 -4.55 -12.12 -0.78
N LEU A 93 -5.39 -11.09 -0.76
CA LEU A 93 -5.08 -9.84 -1.42
C LEU A 93 -3.97 -9.10 -0.68
N GLN A 94 -3.91 -9.28 0.62
CA GLN A 94 -2.90 -8.63 1.45
C GLN A 94 -1.50 -9.15 1.11
N GLN A 95 -1.44 -10.40 0.67
CA GLN A 95 -0.17 -11.02 0.33
C GLN A 95 0.39 -10.44 -0.97
N GLN A 96 -0.45 -10.43 -2.01
CA GLN A 96 -0.04 -9.90 -3.31
C GLN A 96 0.51 -8.49 -3.16
N TRP A 97 0.03 -7.77 -2.16
CA TRP A 97 0.46 -6.39 -1.92
C TRP A 97 1.78 -6.37 -1.16
N LEU A 98 1.84 -7.16 -0.08
CA LEU A 98 3.05 -7.24 0.74
C LEU A 98 4.22 -7.76 -0.07
N GLU A 99 3.96 -8.70 -0.97
CA GLU A 99 5.00 -9.28 -1.80
C GLU A 99 5.51 -8.26 -2.82
N THR A 100 4.60 -7.75 -3.65
CA THR A 100 4.95 -6.78 -4.66
C THR A 100 5.72 -5.61 -4.06
N LEU A 101 5.28 -5.14 -2.91
CA LEU A 101 5.92 -4.03 -2.22
C LEU A 101 7.28 -4.44 -1.68
N SER A 102 7.30 -5.53 -0.91
CA SER A 102 8.53 -6.04 -0.33
C SER A 102 9.61 -6.23 -1.39
N THR A 103 9.24 -6.91 -2.47
CA THR A 103 10.16 -7.17 -3.57
C THR A 103 10.71 -5.86 -4.15
N ALA A 104 9.80 -4.92 -4.40
CA ALA A 104 10.18 -3.63 -4.96
C ALA A 104 10.97 -2.81 -3.94
N ALA A 105 10.76 -3.10 -2.67
CA ALA A 105 11.45 -2.38 -1.60
C ALA A 105 12.63 -3.20 -1.06
N HIS A 106 13.22 -4.02 -1.94
CA HIS A 106 14.35 -4.84 -1.56
C HIS A 106 15.59 -3.99 -1.32
N SER A 107 15.93 -3.78 -0.04
CA SER A 107 17.09 -2.98 0.32
C SER A 107 18.38 -3.75 0.07
N GLY A 108 18.97 -3.57 -1.10
CA GLY A 108 20.21 -4.26 -1.42
C GLY A 108 20.13 -4.98 -2.76
N PRO A 109 20.61 -4.34 -3.82
CA PRO A 109 20.60 -4.92 -5.17
C PRO A 109 21.03 -6.38 -5.17
N SER A 110 21.90 -6.74 -4.24
CA SER A 110 22.40 -8.11 -4.14
C SER A 110 22.50 -8.54 -2.67
N SER A 111 22.26 -9.82 -2.43
CA SER A 111 22.32 -10.37 -1.08
C SER A 111 23.65 -10.03 -0.42
N GLY A 112 23.72 -8.84 0.18
CA GLY A 112 24.95 -8.42 0.85
C GLY A 112 24.67 -7.60 2.09
N GLY A 1 -8.68 -12.41 -8.23
CA GLY A 1 -8.13 -11.32 -9.01
C GLY A 1 -9.18 -10.60 -9.82
N SER A 2 -10.15 -10.01 -9.12
CA SER A 2 -11.23 -9.28 -9.78
C SER A 2 -10.83 -7.84 -10.07
N SER A 3 -9.65 -7.66 -10.65
CA SER A 3 -9.14 -6.33 -10.98
C SER A 3 -8.68 -6.26 -12.42
N GLY A 4 -9.17 -5.27 -13.15
CA GLY A 4 -8.80 -5.11 -14.54
C GLY A 4 -7.57 -4.24 -14.72
N SER A 5 -6.40 -4.83 -14.50
CA SER A 5 -5.14 -4.11 -14.63
C SER A 5 -4.90 -3.67 -16.07
N SER A 6 -5.50 -2.55 -16.45
CA SER A 6 -5.36 -2.02 -17.80
C SER A 6 -3.89 -1.97 -18.21
N GLY A 7 -3.08 -1.28 -17.41
CA GLY A 7 -1.67 -1.17 -17.70
C GLY A 7 -0.85 -0.84 -16.47
N SER A 8 -0.88 -1.74 -15.49
CA SER A 8 -0.12 -1.53 -14.25
C SER A 8 0.30 -2.87 -13.66
N LEU A 9 1.47 -2.87 -13.01
CA LEU A 9 1.99 -4.09 -12.39
C LEU A 9 1.00 -4.66 -11.39
N LEU A 10 0.61 -3.84 -10.41
CA LEU A 10 -0.33 -4.26 -9.38
C LEU A 10 -1.35 -3.16 -9.11
N CYS A 11 -2.63 -3.53 -9.15
CA CYS A 11 -3.70 -2.57 -8.89
C CYS A 11 -4.79 -3.19 -8.03
N GLY A 12 -5.76 -2.38 -7.64
CA GLY A 12 -6.85 -2.87 -6.81
C GLY A 12 -7.32 -1.85 -5.79
N PRO A 13 -8.60 -1.94 -5.39
CA PRO A 13 -9.18 -1.03 -4.42
C PRO A 13 -8.71 -1.31 -2.99
N LEU A 14 -8.07 -0.32 -2.38
CA LEU A 14 -7.58 -0.46 -1.01
C LEU A 14 -8.09 0.66 -0.12
N ARG A 15 -7.92 0.51 1.18
CA ARG A 15 -8.37 1.51 2.15
C ARG A 15 -7.19 2.07 2.94
N LEU A 16 -7.33 3.30 3.40
CA LEU A 16 -6.28 3.96 4.17
C LEU A 16 -6.84 4.54 5.46
N SER A 17 -5.98 4.66 6.47
CA SER A 17 -6.39 5.21 7.76
C SER A 17 -5.19 5.82 8.50
N GLU A 18 -5.45 6.90 9.21
CA GLU A 18 -4.39 7.58 9.97
C GLU A 18 -4.28 7.02 11.38
N SER A 19 -3.28 6.16 11.58
CA SER A 19 -3.06 5.55 12.90
C SER A 19 -4.32 4.80 13.35
N GLY A 20 -5.09 4.32 12.39
CA GLY A 20 -6.31 3.59 12.72
C GLY A 20 -7.36 4.47 13.35
N GLU A 21 -7.78 5.51 12.63
CA GLU A 21 -8.79 6.43 13.12
C GLU A 21 -9.99 6.49 12.17
N THR A 22 -9.74 6.96 10.95
CA THR A 22 -10.80 7.07 9.95
C THR A 22 -10.40 6.38 8.65
N TRP A 23 -11.00 5.22 8.40
CA TRP A 23 -10.70 4.46 7.19
C TRP A 23 -11.46 5.03 5.99
N SER A 24 -10.74 5.25 4.90
CA SER A 24 -11.34 5.80 3.69
C SER A 24 -11.03 4.92 2.48
N GLU A 25 -11.93 4.92 1.50
CA GLU A 25 -11.74 4.13 0.29
C GLU A 25 -10.79 4.82 -0.68
N VAL A 26 -9.90 4.05 -1.27
CA VAL A 26 -8.92 4.57 -2.22
C VAL A 26 -8.47 3.50 -3.21
N TRP A 27 -8.05 3.93 -4.38
CA TRP A 27 -7.59 3.01 -5.41
C TRP A 27 -6.06 2.94 -5.45
N ALA A 28 -5.53 1.73 -5.34
CA ALA A 28 -4.08 1.52 -5.35
C ALA A 28 -3.62 0.95 -6.68
N ALA A 29 -2.55 1.52 -7.23
CA ALA A 29 -2.01 1.08 -8.51
C ALA A 29 -0.54 1.44 -8.64
N ILE A 30 0.26 0.51 -9.13
CA ILE A 30 1.69 0.74 -9.31
C ILE A 30 2.04 0.96 -10.78
N PRO A 31 2.86 1.98 -11.04
CA PRO A 31 3.29 2.31 -12.40
C PRO A 31 4.42 1.41 -12.90
N MET A 32 4.21 0.79 -14.06
CA MET A 32 5.21 -0.09 -14.65
C MET A 32 6.55 0.62 -14.78
N SER A 33 6.52 1.81 -15.38
CA SER A 33 7.74 2.59 -15.58
C SER A 33 8.58 2.62 -14.31
N ASP A 34 7.91 2.72 -13.16
CA ASP A 34 8.60 2.77 -11.88
C ASP A 34 7.92 1.84 -10.87
N PRO A 35 8.41 0.59 -10.78
CA PRO A 35 7.87 -0.41 -9.87
C PRO A 35 8.35 -0.21 -8.44
N GLN A 36 9.19 0.81 -8.24
CA GLN A 36 9.71 1.11 -6.91
C GLN A 36 8.89 2.19 -6.23
N VAL A 37 7.61 2.27 -6.59
CA VAL A 37 6.71 3.26 -6.01
C VAL A 37 5.25 2.84 -6.20
N LEU A 38 4.43 3.16 -5.21
CA LEU A 38 3.01 2.82 -5.25
C LEU A 38 2.15 4.08 -5.35
N HIS A 39 1.50 4.27 -6.49
CA HIS A 39 0.65 5.44 -6.71
C HIS A 39 -0.75 5.19 -6.14
N LEU A 40 -1.39 6.26 -5.69
CA LEU A 40 -2.73 6.18 -5.12
C LEU A 40 -3.69 7.12 -5.84
N GLN A 41 -4.91 6.64 -6.09
CA GLN A 41 -5.92 7.43 -6.76
C GLN A 41 -7.14 7.62 -5.88
N GLY A 42 -7.72 8.83 -5.92
CA GLY A 42 -8.90 9.11 -5.12
C GLY A 42 -9.73 10.24 -5.69
N GLY A 43 -9.71 11.38 -5.03
CA GLY A 43 -10.48 12.53 -5.50
C GLY A 43 -10.20 13.78 -4.68
N SER A 44 -11.17 14.69 -4.66
CA SER A 44 -11.03 15.95 -3.92
C SER A 44 -11.90 15.93 -2.67
N GLN A 45 -11.99 14.77 -2.02
CA GLN A 45 -12.79 14.63 -0.82
C GLN A 45 -11.90 14.55 0.42
N ASP A 46 -10.92 13.66 0.38
CA ASP A 46 -9.99 13.48 1.49
C ASP A 46 -8.92 14.57 1.48
N GLY A 47 -8.02 14.50 2.46
CA GLY A 47 -6.95 15.48 2.54
C GLY A 47 -5.69 14.91 3.17
N ARG A 48 -4.55 15.53 2.86
CA ARG A 48 -3.27 15.08 3.39
C ARG A 48 -3.03 13.61 3.04
N LEU A 49 -3.30 13.25 1.80
CA LEU A 49 -3.12 11.88 1.35
C LEU A 49 -1.86 11.75 0.48
N PRO A 50 -1.08 10.69 0.72
CA PRO A 50 0.16 10.43 -0.03
C PRO A 50 -0.12 9.87 -1.42
N ARG A 51 0.26 10.63 -2.44
CA ARG A 51 0.05 10.21 -3.82
C ARG A 51 1.09 9.17 -4.23
N THR A 52 2.36 9.48 -3.99
CA THR A 52 3.45 8.57 -4.33
C THR A 52 4.14 8.06 -3.08
N ILE A 53 4.25 6.73 -2.98
CA ILE A 53 4.91 6.11 -1.83
C ILE A 53 6.16 5.35 -2.25
N PRO A 54 7.32 5.78 -1.72
CA PRO A 54 8.61 5.15 -2.03
C PRO A 54 8.78 3.80 -1.33
N LEU A 55 8.62 2.72 -2.08
CA LEU A 55 8.76 1.38 -1.54
C LEU A 55 10.19 1.12 -1.08
N PRO A 56 11.16 1.51 -1.93
CA PRO A 56 12.59 1.33 -1.63
C PRO A 56 12.95 1.82 -0.22
N SER A 57 12.15 2.73 0.30
CA SER A 57 12.39 3.29 1.63
C SER A 57 11.14 3.17 2.50
N CYS A 58 10.36 2.13 2.26
CA CYS A 58 9.13 1.91 3.02
C CYS A 58 9.32 0.82 4.07
N LYS A 59 8.77 1.04 5.26
CA LYS A 59 8.89 0.07 6.33
C LYS A 59 7.61 -0.76 6.46
N LEU A 60 7.66 -2.00 5.97
CA LEU A 60 6.50 -2.89 6.03
C LEU A 60 6.45 -3.63 7.37
N SER A 61 5.38 -3.41 8.11
CA SER A 61 5.21 -4.05 9.41
C SER A 61 3.74 -4.35 9.68
N VAL A 62 3.44 -5.62 9.96
CA VAL A 62 2.08 -6.04 10.23
C VAL A 62 1.69 -5.78 11.69
N PRO A 63 0.52 -5.18 11.90
CA PRO A 63 0.02 -4.86 13.24
C PRO A 63 -0.54 -6.08 13.96
N ASP A 64 -0.55 -6.03 15.29
CA ASP A 64 -1.06 -7.14 16.09
C ASP A 64 -2.58 -7.21 16.02
N PRO A 65 -3.12 -8.41 16.24
CA PRO A 65 -4.56 -8.65 16.20
C PRO A 65 -5.28 -8.12 17.43
N GLU A 66 -4.50 -7.85 18.49
CA GLU A 66 -5.07 -7.33 19.73
C GLU A 66 -5.70 -5.96 19.51
N GLU A 67 -5.07 -5.16 18.65
CA GLU A 67 -5.57 -3.82 18.35
C GLU A 67 -7.04 -3.87 17.93
N ARG A 68 -7.42 -4.94 17.25
CA ARG A 68 -8.80 -5.11 16.80
C ARG A 68 -9.22 -3.93 15.92
N LEU A 69 -8.39 -3.61 14.92
CA LEU A 69 -8.69 -2.51 14.01
C LEU A 69 -10.03 -2.72 13.31
N ASP A 70 -10.44 -1.72 12.54
CA ASP A 70 -11.71 -1.80 11.82
C ASP A 70 -11.71 -2.98 10.86
N SER A 71 -10.58 -3.21 10.19
CA SER A 71 -10.45 -4.31 9.25
C SER A 71 -9.73 -5.49 9.89
N GLY A 72 -9.63 -6.59 9.13
CA GLY A 72 -8.96 -7.77 9.64
C GLY A 72 -7.54 -7.91 9.12
N HIS A 73 -7.36 -7.68 7.82
CA HIS A 73 -6.05 -7.78 7.20
C HIS A 73 -5.54 -6.41 6.78
N VAL A 74 -4.61 -5.86 7.56
CA VAL A 74 -4.03 -4.55 7.26
C VAL A 74 -2.58 -4.46 7.71
N TRP A 75 -1.78 -3.72 6.95
CA TRP A 75 -0.36 -3.57 7.27
C TRP A 75 -0.02 -2.10 7.49
N LYS A 76 0.99 -1.84 8.31
CA LYS A 76 1.42 -0.48 8.59
C LYS A 76 2.58 -0.06 7.69
N LEU A 77 2.69 1.23 7.42
CA LEU A 77 3.76 1.75 6.57
C LEU A 77 4.30 3.06 7.12
N GLN A 78 5.54 3.01 7.60
CA GLN A 78 6.18 4.20 8.15
C GLN A 78 7.43 4.57 7.35
N TRP A 79 7.43 5.78 6.80
CA TRP A 79 8.55 6.25 6.00
C TRP A 79 8.55 7.77 5.90
N ALA A 80 9.69 8.35 5.53
CA ALA A 80 9.80 9.79 5.39
C ALA A 80 9.10 10.51 6.53
N LYS A 81 9.21 9.95 7.73
CA LYS A 81 8.58 10.55 8.91
C LYS A 81 7.06 10.59 8.76
N GLN A 82 6.51 9.56 8.14
CA GLN A 82 5.06 9.49 7.94
C GLN A 82 4.50 8.17 8.46
N SER A 83 3.18 8.01 8.37
CA SER A 83 2.53 6.79 8.84
C SER A 83 1.15 6.64 8.19
N TRP A 84 0.89 5.45 7.66
CA TRP A 84 -0.38 5.17 7.01
C TRP A 84 -0.73 3.70 7.10
N TYR A 85 -2.01 3.40 7.34
CA TYR A 85 -2.47 2.02 7.45
C TYR A 85 -3.11 1.55 6.15
N LEU A 86 -2.60 0.43 5.62
CA LEU A 86 -3.13 -0.12 4.37
C LEU A 86 -3.88 -1.42 4.63
N SER A 87 -5.20 -1.37 4.50
CA SER A 87 -6.03 -2.55 4.72
C SER A 87 -6.42 -3.19 3.40
N ALA A 88 -6.42 -4.52 3.38
CA ALA A 88 -6.78 -5.27 2.17
C ALA A 88 -8.08 -6.04 2.37
N SER A 89 -8.82 -6.24 1.28
CA SER A 89 -10.09 -6.96 1.33
C SER A 89 -9.95 -8.23 2.17
N SER A 90 -8.87 -8.97 1.95
CA SER A 90 -8.63 -10.20 2.69
C SER A 90 -7.14 -10.55 2.68
N ALA A 91 -6.77 -11.52 3.52
CA ALA A 91 -5.38 -11.96 3.61
C ALA A 91 -4.82 -12.31 2.23
N GLU A 92 -5.65 -12.94 1.41
CA GLU A 92 -5.23 -13.34 0.07
C GLU A 92 -4.74 -12.13 -0.72
N LEU A 93 -5.54 -11.07 -0.77
CA LEU A 93 -5.18 -9.87 -1.48
C LEU A 93 -4.07 -9.11 -0.76
N GLN A 94 -4.04 -9.25 0.56
CA GLN A 94 -3.02 -8.58 1.36
C GLN A 94 -1.62 -9.12 1.04
N GLN A 95 -1.58 -10.33 0.49
CA GLN A 95 -0.31 -10.95 0.13
C GLN A 95 0.25 -10.35 -1.16
N GLN A 96 -0.56 -10.34 -2.21
CA GLN A 96 -0.14 -9.79 -3.49
C GLN A 96 0.39 -8.37 -3.33
N TRP A 97 -0.12 -7.67 -2.32
CA TRP A 97 0.31 -6.30 -2.06
C TRP A 97 1.59 -6.26 -1.24
N LEU A 98 1.67 -7.13 -0.24
CA LEU A 98 2.84 -7.20 0.62
C LEU A 98 4.07 -7.65 -0.17
N GLU A 99 3.90 -8.71 -0.98
CA GLU A 99 4.99 -9.23 -1.79
C GLU A 99 5.44 -8.20 -2.82
N THR A 100 4.54 -7.87 -3.74
CA THR A 100 4.85 -6.90 -4.78
C THR A 100 5.62 -5.71 -4.23
N LEU A 101 5.25 -5.29 -3.01
CA LEU A 101 5.91 -4.16 -2.37
C LEU A 101 7.34 -4.52 -1.96
N SER A 102 7.47 -5.60 -1.20
CA SER A 102 8.79 -6.05 -0.74
C SER A 102 9.73 -6.26 -1.92
N THR A 103 9.21 -6.88 -2.98
CA THR A 103 10.01 -7.15 -4.17
C THR A 103 10.58 -5.86 -4.75
N ALA A 104 9.71 -4.87 -4.94
CA ALA A 104 10.13 -3.58 -5.49
C ALA A 104 11.12 -2.88 -4.56
N ALA A 105 10.76 -2.81 -3.29
CA ALA A 105 11.62 -2.16 -2.29
C ALA A 105 13.07 -2.61 -2.45
N HIS A 106 13.33 -3.88 -2.16
CA HIS A 106 14.67 -4.43 -2.26
C HIS A 106 14.83 -5.26 -3.54
N SER A 107 15.70 -4.81 -4.42
CA SER A 107 15.93 -5.50 -5.69
C SER A 107 17.02 -6.56 -5.54
N GLY A 108 18.22 -6.11 -5.19
CA GLY A 108 19.33 -7.04 -5.01
C GLY A 108 19.05 -8.08 -3.95
N PRO A 109 19.70 -9.25 -4.07
CA PRO A 109 19.53 -10.35 -3.12
C PRO A 109 19.59 -9.88 -1.67
N SER A 110 19.10 -10.72 -0.76
CA SER A 110 19.10 -10.38 0.66
C SER A 110 19.00 -11.63 1.52
N SER A 111 19.99 -11.84 2.37
CA SER A 111 20.01 -13.01 3.25
C SER A 111 19.27 -12.73 4.55
N GLY A 112 18.08 -13.32 4.69
CA GLY A 112 17.29 -13.12 5.89
C GLY A 112 16.36 -11.93 5.77
N GLY A 1 -6.04 -17.00 -16.05
CA GLY A 1 -5.66 -15.59 -16.10
C GLY A 1 -6.58 -14.78 -16.98
N SER A 2 -6.76 -13.52 -16.62
CA SER A 2 -7.64 -12.62 -17.38
C SER A 2 -6.83 -11.80 -18.39
N SER A 3 -7.44 -11.55 -19.55
CA SER A 3 -6.79 -10.78 -20.60
C SER A 3 -6.01 -9.61 -20.01
N GLY A 4 -6.65 -8.87 -19.10
CA GLY A 4 -6.00 -7.74 -18.48
C GLY A 4 -5.68 -6.63 -19.48
N SER A 5 -6.39 -5.53 -19.39
CA SER A 5 -6.18 -4.40 -20.29
C SER A 5 -5.76 -3.16 -19.52
N SER A 6 -4.86 -3.34 -18.55
CA SER A 6 -4.38 -2.23 -17.73
C SER A 6 -2.86 -2.10 -17.83
N GLY A 7 -2.35 -0.94 -17.45
CA GLY A 7 -0.92 -0.71 -17.51
C GLY A 7 -0.32 -0.50 -16.13
N SER A 8 -0.51 -1.49 -15.25
CA SER A 8 0.01 -1.42 -13.89
C SER A 8 0.35 -2.81 -13.37
N LEU A 9 1.52 -2.94 -12.76
CA LEU A 9 1.97 -4.22 -12.21
C LEU A 9 0.91 -4.80 -11.28
N LEU A 10 0.51 -4.02 -10.28
CA LEU A 10 -0.49 -4.46 -9.32
C LEU A 10 -1.45 -3.32 -8.97
N CYS A 11 -2.75 -3.61 -9.02
CA CYS A 11 -3.76 -2.61 -8.71
C CYS A 11 -4.99 -3.26 -8.09
N GLY A 12 -5.89 -2.43 -7.55
CA GLY A 12 -7.09 -2.95 -6.93
C GLY A 12 -7.57 -2.08 -5.78
N PRO A 13 -8.89 -2.04 -5.58
CA PRO A 13 -9.50 -1.25 -4.51
C PRO A 13 -8.79 -1.42 -3.18
N LEU A 14 -8.47 -0.31 -2.52
CA LEU A 14 -7.79 -0.34 -1.24
C LEU A 14 -8.30 0.76 -0.32
N ARG A 15 -7.95 0.66 0.97
CA ARG A 15 -8.38 1.65 1.95
C ARG A 15 -7.18 2.23 2.69
N LEU A 16 -7.36 3.41 3.26
CA LEU A 16 -6.30 4.08 4.00
C LEU A 16 -6.82 4.67 5.30
N SER A 17 -5.98 4.69 6.33
CA SER A 17 -6.36 5.23 7.63
C SER A 17 -5.13 5.62 8.44
N GLU A 18 -5.26 6.68 9.23
CA GLU A 18 -4.16 7.15 10.06
C GLU A 18 -4.30 6.65 11.49
N SER A 19 -3.26 5.97 11.97
CA SER A 19 -3.27 5.43 13.33
C SER A 19 -4.54 4.64 13.59
N GLY A 20 -5.07 4.01 12.55
CA GLY A 20 -6.28 3.22 12.68
C GLY A 20 -7.39 3.99 13.38
N GLU A 21 -7.85 5.06 12.75
CA GLU A 21 -8.91 5.88 13.32
C GLU A 21 -10.04 6.09 12.32
N THR A 22 -9.68 6.20 11.05
CA THR A 22 -10.66 6.39 9.99
C THR A 22 -10.22 5.72 8.69
N TRP A 23 -11.09 4.87 8.14
CA TRP A 23 -10.78 4.16 6.90
C TRP A 23 -11.58 4.73 5.74
N SER A 24 -10.89 5.12 4.68
CA SER A 24 -11.54 5.68 3.50
C SER A 24 -11.31 4.79 2.28
N GLU A 25 -12.05 5.08 1.21
CA GLU A 25 -11.92 4.31 -0.03
C GLU A 25 -10.95 4.97 -1.00
N VAL A 26 -9.95 4.21 -1.44
CA VAL A 26 -8.95 4.74 -2.37
C VAL A 26 -8.50 3.66 -3.34
N TRP A 27 -7.90 4.08 -4.44
CA TRP A 27 -7.43 3.15 -5.46
C TRP A 27 -5.90 3.08 -5.46
N ALA A 28 -5.37 1.88 -5.27
CA ALA A 28 -3.92 1.68 -5.25
C ALA A 28 -3.44 0.98 -6.52
N ALA A 29 -2.45 1.58 -7.18
CA ALA A 29 -1.90 1.03 -8.41
C ALA A 29 -0.45 1.45 -8.60
N ILE A 30 0.33 0.59 -9.23
CA ILE A 30 1.74 0.87 -9.48
C ILE A 30 2.02 1.03 -10.97
N PRO A 31 2.78 2.07 -11.33
CA PRO A 31 3.13 2.34 -12.72
C PRO A 31 4.28 1.46 -13.21
N MET A 32 4.00 0.62 -14.20
CA MET A 32 5.00 -0.27 -14.76
C MET A 32 6.32 0.47 -14.98
N SER A 33 6.25 1.64 -15.61
CA SER A 33 7.43 2.44 -15.89
C SER A 33 8.34 2.50 -14.66
N ASP A 34 7.74 2.62 -13.48
CA ASP A 34 8.50 2.68 -12.25
C ASP A 34 7.89 1.75 -11.20
N PRO A 35 8.42 0.53 -11.12
CA PRO A 35 7.96 -0.48 -10.16
C PRO A 35 8.45 -0.21 -8.75
N GLN A 36 9.12 0.91 -8.56
CA GLN A 36 9.66 1.29 -7.26
C GLN A 36 8.85 2.44 -6.66
N VAL A 37 7.59 2.53 -7.02
CA VAL A 37 6.72 3.59 -6.53
C VAL A 37 5.25 3.18 -6.62
N LEU A 38 4.51 3.39 -5.54
CA LEU A 38 3.09 3.05 -5.51
C LEU A 38 2.23 4.30 -5.53
N HIS A 39 1.51 4.50 -6.63
CA HIS A 39 0.63 5.66 -6.78
C HIS A 39 -0.70 5.44 -6.07
N LEU A 40 -1.34 6.52 -5.65
CA LEU A 40 -2.62 6.44 -4.96
C LEU A 40 -3.63 7.40 -5.59
N GLN A 41 -4.85 6.92 -5.77
CA GLN A 41 -5.91 7.74 -6.34
C GLN A 41 -7.09 7.86 -5.39
N GLY A 42 -7.40 9.09 -5.00
CA GLY A 42 -8.51 9.33 -4.08
C GLY A 42 -8.85 10.80 -3.94
N GLY A 43 -9.15 11.45 -5.07
CA GLY A 43 -9.48 12.86 -5.04
C GLY A 43 -8.35 13.72 -4.49
N SER A 44 -7.82 14.60 -5.33
CA SER A 44 -6.73 15.47 -4.91
C SER A 44 -7.26 16.78 -4.35
N GLN A 45 -8.30 16.68 -3.54
CA GLN A 45 -8.91 17.85 -2.92
C GLN A 45 -8.20 18.22 -1.63
N ASP A 46 -8.00 17.23 -0.76
CA ASP A 46 -7.32 17.44 0.51
C ASP A 46 -5.82 17.61 0.31
N GLY A 47 -5.17 16.58 -0.21
CA GLY A 47 -3.74 16.63 -0.45
C GLY A 47 -2.98 15.62 0.38
N ARG A 48 -3.30 15.55 1.67
CA ARG A 48 -2.64 14.61 2.56
C ARG A 48 -2.30 13.31 1.85
N LEU A 49 -3.32 12.66 1.30
CA LEU A 49 -3.14 11.40 0.59
C LEU A 49 -1.84 11.43 -0.22
N PRO A 50 -0.78 10.81 0.32
CA PRO A 50 0.52 10.75 -0.35
C PRO A 50 0.41 10.39 -1.83
N ARG A 51 0.75 11.35 -2.69
CA ARG A 51 0.68 11.13 -4.13
C ARG A 51 1.58 9.97 -4.54
N THR A 52 2.87 10.08 -4.23
CA THR A 52 3.82 9.04 -4.58
C THR A 52 4.46 8.45 -3.33
N ILE A 53 4.45 7.12 -3.25
CA ILE A 53 5.04 6.43 -2.10
C ILE A 53 6.25 5.61 -2.51
N PRO A 54 7.43 6.01 -2.02
CA PRO A 54 8.69 5.32 -2.33
C PRO A 54 8.82 3.99 -1.60
N LEU A 55 8.65 2.90 -2.34
CA LEU A 55 8.75 1.57 -1.77
C LEU A 55 10.16 1.29 -1.24
N PRO A 56 11.17 1.65 -2.04
CA PRO A 56 12.57 1.46 -1.68
C PRO A 56 12.88 1.96 -0.27
N SER A 57 12.02 2.84 0.24
CA SER A 57 12.20 3.39 1.57
C SER A 57 11.06 2.97 2.50
N CYS A 58 9.93 2.61 1.91
CA CYS A 58 8.76 2.18 2.67
C CYS A 58 9.10 0.99 3.56
N LYS A 59 8.61 1.01 4.79
CA LYS A 59 8.86 -0.07 5.74
C LYS A 59 7.61 -0.93 5.93
N LEU A 60 7.71 -2.20 5.60
CA LEU A 60 6.59 -3.12 5.73
C LEU A 60 6.51 -3.68 7.15
N SER A 61 5.36 -3.50 7.79
CA SER A 61 5.15 -3.97 9.15
C SER A 61 3.71 -4.43 9.36
N VAL A 62 3.53 -5.40 10.25
CA VAL A 62 2.20 -5.93 10.53
C VAL A 62 1.79 -5.63 11.98
N PRO A 63 0.55 -5.16 12.15
CA PRO A 63 0.00 -4.82 13.46
C PRO A 63 -0.43 -6.05 14.24
N ASP A 64 -0.76 -5.87 15.52
CA ASP A 64 -1.20 -6.96 16.37
C ASP A 64 -2.67 -6.81 16.74
N PRO A 65 -3.33 -7.95 17.03
CA PRO A 65 -4.75 -7.97 17.39
C PRO A 65 -5.10 -6.89 18.42
N GLU A 66 -4.19 -6.66 19.36
CA GLU A 66 -4.41 -5.65 20.40
C GLU A 66 -4.82 -4.32 19.78
N GLU A 67 -4.22 -3.99 18.64
CA GLU A 67 -4.53 -2.74 17.95
C GLU A 67 -6.03 -2.49 17.93
N ARG A 68 -6.42 -1.26 17.58
CA ARG A 68 -7.82 -0.89 17.52
C ARG A 68 -8.26 -0.65 16.08
N LEU A 69 -7.87 -1.56 15.19
CA LEU A 69 -8.21 -1.45 13.78
C LEU A 69 -9.66 -1.89 13.54
N ASP A 70 -10.10 -1.78 12.30
CA ASP A 70 -11.46 -2.18 11.93
C ASP A 70 -11.45 -3.50 11.16
N SER A 71 -10.79 -3.50 10.00
CA SER A 71 -10.72 -4.70 9.18
C SER A 71 -9.97 -5.81 9.90
N GLY A 72 -9.76 -6.93 9.21
CA GLY A 72 -9.05 -8.06 9.80
C GLY A 72 -7.65 -8.21 9.26
N HIS A 73 -7.46 -7.83 8.00
CA HIS A 73 -6.14 -7.94 7.37
C HIS A 73 -5.65 -6.58 6.91
N VAL A 74 -4.71 -6.01 7.66
CA VAL A 74 -4.15 -4.70 7.33
C VAL A 74 -2.70 -4.60 7.75
N TRP A 75 -1.92 -3.82 7.00
CA TRP A 75 -0.51 -3.65 7.31
C TRP A 75 -0.17 -2.17 7.52
N LYS A 76 0.98 -1.91 8.12
CA LYS A 76 1.42 -0.54 8.37
C LYS A 76 2.60 -0.17 7.48
N LEU A 77 2.72 1.12 7.19
CA LEU A 77 3.81 1.61 6.35
C LEU A 77 4.39 2.91 6.90
N GLN A 78 5.60 2.83 7.43
CA GLN A 78 6.27 4.00 7.99
C GLN A 78 7.49 4.39 7.16
N TRP A 79 7.47 5.61 6.64
CA TRP A 79 8.57 6.11 5.82
C TRP A 79 8.56 7.63 5.76
N ALA A 80 9.71 8.21 5.44
CA ALA A 80 9.84 9.66 5.36
C ALA A 80 9.08 10.35 6.49
N LYS A 81 9.18 9.79 7.69
CA LYS A 81 8.50 10.34 8.85
C LYS A 81 6.99 10.37 8.64
N GLN A 82 6.46 9.33 8.00
CA GLN A 82 5.03 9.24 7.73
C GLN A 82 4.48 7.90 8.21
N SER A 83 3.15 7.81 8.27
CA SER A 83 2.50 6.59 8.71
C SER A 83 1.11 6.45 8.09
N TRP A 84 0.87 5.32 7.43
CA TRP A 84 -0.42 5.07 6.79
C TRP A 84 -0.79 3.59 6.87
N TYR A 85 -2.07 3.32 7.11
CA TYR A 85 -2.55 1.95 7.20
C TYR A 85 -3.19 1.50 5.89
N LEU A 86 -3.05 0.21 5.58
CA LEU A 86 -3.62 -0.34 4.36
C LEU A 86 -4.33 -1.66 4.64
N SER A 87 -5.65 -1.65 4.55
CA SER A 87 -6.44 -2.84 4.78
C SER A 87 -6.84 -3.51 3.47
N ALA A 88 -6.63 -4.82 3.38
CA ALA A 88 -6.97 -5.57 2.18
C ALA A 88 -8.24 -6.40 2.39
N SER A 89 -9.04 -6.53 1.35
CA SER A 89 -10.28 -7.29 1.42
C SER A 89 -10.08 -8.56 2.24
N SER A 90 -8.92 -9.19 2.09
CA SER A 90 -8.61 -10.42 2.81
C SER A 90 -7.11 -10.66 2.84
N ALA A 91 -6.71 -11.81 3.40
CA ALA A 91 -5.31 -12.16 3.49
C ALA A 91 -4.73 -12.48 2.11
N GLU A 92 -5.55 -13.14 1.28
CA GLU A 92 -5.11 -13.50 -0.06
C GLU A 92 -4.74 -12.27 -0.87
N LEU A 93 -5.36 -11.14 -0.54
CA LEU A 93 -5.09 -9.88 -1.23
C LEU A 93 -3.98 -9.11 -0.54
N GLN A 94 -3.85 -9.30 0.77
CA GLN A 94 -2.81 -8.62 1.54
C GLN A 94 -1.43 -9.16 1.20
N GLN A 95 -1.36 -10.45 0.91
CA GLN A 95 -0.09 -11.08 0.56
C GLN A 95 0.45 -10.54 -0.75
N GLN A 96 -0.39 -10.53 -1.78
CA GLN A 96 0.00 -10.04 -3.09
C GLN A 96 0.53 -8.61 -3.00
N TRP A 97 -0.01 -7.85 -2.05
CA TRP A 97 0.40 -6.45 -1.86
C TRP A 97 1.72 -6.38 -1.07
N LEU A 98 1.85 -7.26 -0.08
CA LEU A 98 3.06 -7.29 0.75
C LEU A 98 4.25 -7.79 -0.05
N GLU A 99 4.02 -8.78 -0.90
CA GLU A 99 5.08 -9.34 -1.73
C GLU A 99 5.56 -8.32 -2.76
N THR A 100 4.65 -7.90 -3.64
CA THR A 100 4.98 -6.94 -4.67
C THR A 100 5.69 -5.72 -4.09
N LEU A 101 5.20 -5.24 -2.95
CA LEU A 101 5.79 -4.08 -2.29
C LEU A 101 7.21 -4.39 -1.84
N SER A 102 7.37 -5.43 -1.04
CA SER A 102 8.68 -5.83 -0.54
C SER A 102 9.67 -6.00 -1.68
N THR A 103 9.26 -6.72 -2.71
CA THR A 103 10.10 -6.96 -3.88
C THR A 103 10.65 -5.65 -4.44
N ALA A 104 9.76 -4.68 -4.60
CA ALA A 104 10.15 -3.37 -5.12
C ALA A 104 10.83 -2.52 -4.06
N ALA A 105 10.85 -3.03 -2.82
CA ALA A 105 11.47 -2.33 -1.71
C ALA A 105 12.76 -3.02 -1.28
N HIS A 106 13.35 -3.78 -2.19
CA HIS A 106 14.59 -4.50 -1.91
C HIS A 106 15.71 -4.03 -2.83
N SER A 107 15.38 -3.80 -4.09
CA SER A 107 16.37 -3.35 -5.07
C SER A 107 16.13 -1.89 -5.45
N GLY A 108 17.17 -1.23 -5.93
CA GLY A 108 17.06 0.16 -6.34
C GLY A 108 17.77 0.45 -7.64
N PRO A 109 18.40 1.63 -7.72
CA PRO A 109 19.13 2.05 -8.91
C PRO A 109 20.46 1.32 -9.07
N SER A 110 20.44 0.01 -8.91
CA SER A 110 21.65 -0.80 -9.03
C SER A 110 22.10 -0.89 -10.48
N SER A 111 23.31 -1.41 -10.68
CA SER A 111 23.87 -1.54 -12.03
C SER A 111 23.63 -2.95 -12.58
N GLY A 112 23.47 -3.04 -13.90
CA GLY A 112 23.23 -4.33 -14.52
C GLY A 112 22.28 -4.23 -15.70
N GLY A 1 -12.70 -9.85 -26.49
CA GLY A 1 -11.60 -10.61 -25.90
C GLY A 1 -11.34 -10.20 -24.46
N SER A 2 -11.53 -11.15 -23.55
CA SER A 2 -11.32 -10.88 -22.13
C SER A 2 -9.86 -11.12 -21.75
N SER A 3 -8.95 -10.58 -22.56
CA SER A 3 -7.51 -10.74 -22.31
C SER A 3 -7.10 -9.96 -21.07
N GLY A 4 -7.42 -8.67 -21.04
CA GLY A 4 -7.06 -7.83 -19.91
C GLY A 4 -5.81 -7.00 -20.17
N SER A 5 -5.98 -5.90 -20.89
CA SER A 5 -4.87 -5.02 -21.21
C SER A 5 -4.05 -4.69 -19.96
N SER A 6 -2.73 -4.61 -20.12
CA SER A 6 -1.84 -4.32 -19.01
C SER A 6 -1.60 -2.81 -18.89
N GLY A 7 -0.99 -2.41 -17.78
CA GLY A 7 -0.71 -1.00 -17.56
C GLY A 7 -0.08 -0.73 -16.22
N SER A 8 -0.55 -1.45 -15.20
CA SER A 8 -0.02 -1.29 -13.84
C SER A 8 0.40 -2.63 -13.26
N LEU A 9 1.66 -2.72 -12.83
CA LEU A 9 2.18 -3.94 -12.25
C LEU A 9 1.16 -4.58 -11.31
N LEU A 10 0.58 -3.76 -10.44
CA LEU A 10 -0.42 -4.24 -9.49
C LEU A 10 -1.37 -3.13 -9.09
N CYS A 11 -2.67 -3.42 -9.14
CA CYS A 11 -3.70 -2.44 -8.79
C CYS A 11 -4.89 -3.12 -8.13
N GLY A 12 -5.79 -2.31 -7.57
CA GLY A 12 -6.97 -2.85 -6.92
C GLY A 12 -7.41 -2.01 -5.74
N PRO A 13 -8.73 -1.95 -5.51
CA PRO A 13 -9.31 -1.17 -4.41
C PRO A 13 -8.58 -1.42 -3.09
N LEU A 14 -8.35 -0.35 -2.33
CA LEU A 14 -7.66 -0.45 -1.05
C LEU A 14 -8.20 0.57 -0.06
N ARG A 15 -7.81 0.43 1.20
CA ARG A 15 -8.26 1.35 2.25
C ARG A 15 -7.07 2.03 2.91
N LEU A 16 -7.29 3.26 3.38
CA LEU A 16 -6.23 4.02 4.04
C LEU A 16 -6.76 4.69 5.31
N SER A 17 -5.99 4.58 6.39
CA SER A 17 -6.39 5.17 7.66
C SER A 17 -5.17 5.68 8.41
N GLU A 18 -5.37 6.74 9.20
CA GLU A 18 -4.28 7.33 9.97
C GLU A 18 -4.36 6.91 11.43
N SER A 19 -3.42 6.06 11.85
CA SER A 19 -3.38 5.57 13.22
C SER A 19 -4.66 4.80 13.56
N GLY A 20 -5.27 4.20 12.54
CA GLY A 20 -6.48 3.43 12.75
C GLY A 20 -7.57 4.26 13.41
N GLU A 21 -7.85 5.43 12.85
CA GLU A 21 -8.88 6.31 13.39
C GLU A 21 -10.04 6.45 12.42
N THR A 22 -9.72 6.69 11.15
CA THR A 22 -10.74 6.84 10.12
C THR A 22 -10.29 6.24 8.80
N TRP A 23 -10.92 5.13 8.40
CA TRP A 23 -10.57 4.46 7.16
C TRP A 23 -11.37 5.03 5.99
N SER A 24 -10.74 5.12 4.83
CA SER A 24 -11.39 5.66 3.64
C SER A 24 -11.10 4.78 2.42
N GLU A 25 -11.99 4.82 1.45
CA GLU A 25 -11.84 4.04 0.23
C GLU A 25 -10.96 4.77 -0.79
N VAL A 26 -9.88 4.12 -1.19
CA VAL A 26 -8.95 4.70 -2.16
C VAL A 26 -8.53 3.69 -3.21
N TRP A 27 -7.80 4.14 -4.22
CA TRP A 27 -7.34 3.27 -5.29
C TRP A 27 -5.81 3.26 -5.36
N ALA A 28 -5.23 2.07 -5.25
CA ALA A 28 -3.78 1.93 -5.30
C ALA A 28 -3.35 1.25 -6.60
N ALA A 29 -2.32 1.81 -7.23
CA ALA A 29 -1.81 1.26 -8.48
C ALA A 29 -0.34 1.59 -8.66
N ILE A 30 0.43 0.63 -9.18
CA ILE A 30 1.85 0.82 -9.40
C ILE A 30 2.16 0.96 -10.88
N PRO A 31 2.92 2.02 -11.22
CA PRO A 31 3.30 2.31 -12.60
C PRO A 31 4.44 1.41 -13.08
N MET A 32 4.19 0.68 -14.16
CA MET A 32 5.19 -0.22 -14.72
C MET A 32 6.51 0.51 -14.95
N SER A 33 6.43 1.71 -15.52
CA SER A 33 7.61 2.51 -15.79
C SER A 33 8.50 2.62 -14.56
N ASP A 34 7.86 2.71 -13.39
CA ASP A 34 8.59 2.82 -12.14
C ASP A 34 8.02 1.86 -11.09
N PRO A 35 8.60 0.66 -11.01
CA PRO A 35 8.17 -0.38 -10.07
C PRO A 35 8.66 -0.10 -8.65
N GLN A 36 9.31 1.05 -8.46
CA GLN A 36 9.83 1.43 -7.15
C GLN A 36 8.98 2.54 -6.53
N VAL A 37 7.70 2.58 -6.91
CA VAL A 37 6.79 3.58 -6.39
C VAL A 37 5.34 3.14 -6.54
N LEU A 38 4.52 3.48 -5.55
CA LEU A 38 3.10 3.11 -5.57
C LEU A 38 2.22 4.35 -5.69
N HIS A 39 1.66 4.55 -6.87
CA HIS A 39 0.79 5.70 -7.12
C HIS A 39 -0.60 5.47 -6.53
N LEU A 40 -1.14 6.50 -5.90
CA LEU A 40 -2.47 6.41 -5.28
C LEU A 40 -3.47 7.27 -6.03
N GLN A 41 -4.75 6.90 -5.94
CA GLN A 41 -5.81 7.64 -6.61
C GLN A 41 -7.09 7.64 -5.78
N GLY A 42 -7.42 8.79 -5.19
CA GLY A 42 -8.61 8.90 -4.37
C GLY A 42 -9.28 10.25 -4.52
N GLY A 43 -10.61 10.23 -4.67
CA GLY A 43 -11.35 11.47 -4.81
C GLY A 43 -11.85 11.99 -3.48
N SER A 44 -10.96 12.60 -2.71
CA SER A 44 -11.32 13.14 -1.39
C SER A 44 -11.07 14.64 -1.35
N GLN A 45 -11.89 15.35 -0.59
CA GLN A 45 -11.76 16.79 -0.45
C GLN A 45 -10.33 17.17 -0.06
N ASP A 46 -9.76 16.43 0.88
CA ASP A 46 -8.40 16.69 1.33
C ASP A 46 -7.37 16.00 0.43
N GLY A 47 -6.43 16.77 -0.09
CA GLY A 47 -5.41 16.22 -0.97
C GLY A 47 -4.20 15.71 -0.21
N ARG A 48 -4.33 15.61 1.11
CA ARG A 48 -3.24 15.15 1.95
C ARG A 48 -2.86 13.72 1.59
N LEU A 49 -3.77 12.99 0.96
CA LEU A 49 -3.53 11.61 0.56
C LEU A 49 -2.28 11.51 -0.30
N PRO A 50 -1.22 10.92 0.26
CA PRO A 50 0.06 10.75 -0.46
C PRO A 50 -0.14 10.26 -1.88
N ARG A 51 0.21 11.12 -2.85
CA ARG A 51 0.07 10.79 -4.26
C ARG A 51 1.10 9.74 -4.67
N THR A 52 2.35 9.96 -4.27
CA THR A 52 3.43 9.04 -4.61
C THR A 52 4.08 8.48 -3.35
N ILE A 53 4.27 7.17 -3.31
CA ILE A 53 4.89 6.51 -2.17
C ILE A 53 6.08 5.68 -2.60
N PRO A 54 7.28 6.09 -2.16
CA PRO A 54 8.53 5.40 -2.48
C PRO A 54 8.68 4.09 -1.69
N LEU A 55 8.51 2.96 -2.38
CA LEU A 55 8.63 1.66 -1.75
C LEU A 55 10.03 1.44 -1.20
N PRO A 56 11.03 1.78 -2.03
CA PRO A 56 12.45 1.64 -1.66
C PRO A 56 12.75 2.20 -0.27
N SER A 57 11.84 3.03 0.23
CA SER A 57 12.00 3.65 1.54
C SER A 57 10.88 3.22 2.48
N CYS A 58 9.84 2.61 1.92
CA CYS A 58 8.70 2.16 2.71
C CYS A 58 9.07 0.95 3.55
N LYS A 59 8.59 0.92 4.79
CA LYS A 59 8.87 -0.19 5.70
C LYS A 59 7.61 -0.99 5.98
N LEU A 60 7.62 -2.27 5.59
CA LEU A 60 6.47 -3.15 5.81
C LEU A 60 6.49 -3.72 7.23
N SER A 61 5.36 -3.59 7.91
CA SER A 61 5.24 -4.10 9.28
C SER A 61 3.79 -4.40 9.62
N VAL A 62 3.51 -5.67 9.91
CA VAL A 62 2.16 -6.09 10.25
C VAL A 62 1.88 -5.90 11.74
N PRO A 63 0.67 -5.42 12.06
CA PRO A 63 0.25 -5.18 13.44
C PRO A 63 -0.15 -6.46 14.16
N ASP A 64 -0.13 -6.43 15.49
CA ASP A 64 -0.50 -7.60 16.28
C ASP A 64 -1.98 -7.93 16.12
N PRO A 65 -2.34 -9.18 16.44
CA PRO A 65 -3.72 -9.65 16.33
C PRO A 65 -4.60 -9.16 17.48
N GLU A 66 -3.96 -8.84 18.60
CA GLU A 66 -4.68 -8.36 19.78
C GLU A 66 -5.37 -7.03 19.49
N GLU A 67 -4.84 -6.30 18.51
CA GLU A 67 -5.40 -5.00 18.14
C GLU A 67 -6.78 -5.17 17.50
N ARG A 68 -6.83 -5.90 16.41
CA ARG A 68 -8.09 -6.13 15.70
C ARG A 68 -8.67 -4.82 15.19
N LEU A 69 -7.87 -4.08 14.44
CA LEU A 69 -8.31 -2.79 13.89
C LEU A 69 -9.65 -2.94 13.19
N ASP A 70 -10.19 -1.82 12.71
CA ASP A 70 -11.47 -1.83 12.01
C ASP A 70 -11.52 -2.95 10.98
N SER A 71 -10.36 -3.39 10.52
CA SER A 71 -10.27 -4.46 9.53
C SER A 71 -9.52 -5.65 10.09
N GLY A 72 -9.46 -6.72 9.30
CA GLY A 72 -8.78 -7.93 9.74
C GLY A 72 -7.35 -8.02 9.21
N HIS A 73 -7.21 -7.86 7.89
CA HIS A 73 -5.90 -7.92 7.26
C HIS A 73 -5.43 -6.53 6.84
N VAL A 74 -4.51 -5.96 7.61
CA VAL A 74 -3.98 -4.64 7.32
C VAL A 74 -2.53 -4.52 7.75
N TRP A 75 -1.71 -3.88 6.92
CA TRP A 75 -0.29 -3.70 7.22
C TRP A 75 0.04 -2.22 7.41
N LYS A 76 1.08 -1.95 8.18
CA LYS A 76 1.51 -0.58 8.44
C LYS A 76 2.65 -0.17 7.51
N LEU A 77 2.73 1.13 7.23
CA LEU A 77 3.77 1.64 6.35
C LEU A 77 4.35 2.93 6.89
N GLN A 78 5.60 2.86 7.37
CA GLN A 78 6.27 4.03 7.93
C GLN A 78 7.45 4.45 7.06
N TRP A 79 7.38 5.67 6.53
CA TRP A 79 8.44 6.19 5.68
C TRP A 79 8.38 7.71 5.60
N ALA A 80 9.50 8.32 5.22
CA ALA A 80 9.58 9.77 5.11
C ALA A 80 8.89 10.46 6.30
N LYS A 81 9.03 9.86 7.47
CA LYS A 81 8.42 10.41 8.68
C LYS A 81 6.91 10.43 8.56
N GLN A 82 6.35 9.39 7.95
CA GLN A 82 4.90 9.30 7.76
C GLN A 82 4.40 7.92 8.19
N SER A 83 3.09 7.80 8.34
CA SER A 83 2.47 6.54 8.74
C SER A 83 1.09 6.37 8.11
N TRP A 84 0.89 5.27 7.42
CA TRP A 84 -0.38 4.99 6.77
C TRP A 84 -0.75 3.51 6.87
N TYR A 85 -1.96 3.23 7.30
CA TYR A 85 -2.43 1.86 7.45
C TYR A 85 -3.09 1.36 6.16
N LEU A 86 -2.62 0.23 5.65
CA LEU A 86 -3.16 -0.34 4.43
C LEU A 86 -3.94 -1.62 4.73
N SER A 87 -5.26 -1.55 4.63
CA SER A 87 -6.11 -2.71 4.88
C SER A 87 -6.57 -3.35 3.58
N ALA A 88 -6.40 -4.67 3.48
CA ALA A 88 -6.80 -5.40 2.28
C ALA A 88 -8.11 -6.13 2.50
N SER A 89 -8.84 -6.37 1.42
CA SER A 89 -10.13 -7.06 1.49
C SER A 89 -10.01 -8.36 2.27
N SER A 90 -8.88 -9.05 2.09
CA SER A 90 -8.64 -10.31 2.78
C SER A 90 -7.17 -10.72 2.67
N ALA A 91 -6.75 -11.60 3.56
CA ALA A 91 -5.37 -12.08 3.56
C ALA A 91 -4.84 -12.25 2.14
N GLU A 92 -5.51 -13.11 1.37
CA GLU A 92 -5.10 -13.36 -0.01
C GLU A 92 -4.63 -12.09 -0.69
N LEU A 93 -5.54 -11.11 -0.78
CA LEU A 93 -5.21 -9.83 -1.40
C LEU A 93 -4.15 -9.09 -0.61
N GLN A 94 -4.12 -9.30 0.70
CA GLN A 94 -3.15 -8.66 1.56
C GLN A 94 -1.74 -9.14 1.24
N GLN A 95 -1.65 -10.34 0.67
CA GLN A 95 -0.35 -10.91 0.32
C GLN A 95 0.18 -10.30 -0.96
N GLN A 96 -0.60 -10.39 -2.03
CA GLN A 96 -0.20 -9.84 -3.32
C GLN A 96 0.35 -8.42 -3.16
N TRP A 97 -0.14 -7.71 -2.15
CA TRP A 97 0.30 -6.35 -1.89
C TRP A 97 1.59 -6.33 -1.07
N LEU A 98 1.72 -7.31 -0.17
CA LEU A 98 2.90 -7.41 0.68
C LEU A 98 4.11 -7.89 -0.13
N GLU A 99 3.94 -8.99 -0.84
CA GLU A 99 5.00 -9.56 -1.65
C GLU A 99 5.53 -8.54 -2.64
N THR A 100 4.61 -7.91 -3.38
CA THR A 100 4.98 -6.91 -4.38
C THR A 100 5.74 -5.76 -3.73
N LEU A 101 5.10 -5.09 -2.77
CA LEU A 101 5.71 -3.96 -2.09
C LEU A 101 7.09 -4.34 -1.55
N SER A 102 7.19 -5.50 -0.90
CA SER A 102 8.45 -5.96 -0.35
C SER A 102 9.49 -6.13 -1.44
N THR A 103 9.15 -6.92 -2.46
CA THR A 103 10.06 -7.17 -3.57
C THR A 103 10.49 -5.86 -4.22
N ALA A 104 9.57 -4.92 -4.33
CA ALA A 104 9.85 -3.62 -4.93
C ALA A 104 10.56 -2.70 -3.94
N ALA A 105 10.62 -3.12 -2.68
CA ALA A 105 11.26 -2.33 -1.64
C ALA A 105 12.63 -2.91 -1.30
N HIS A 106 13.24 -3.59 -2.25
CA HIS A 106 14.56 -4.19 -2.04
C HIS A 106 14.59 -4.99 -0.74
N SER A 107 13.46 -5.57 -0.39
CA SER A 107 13.35 -6.36 0.84
C SER A 107 14.51 -7.36 0.94
N GLY A 108 14.93 -7.62 2.17
CA GLY A 108 16.03 -8.55 2.39
C GLY A 108 15.57 -9.99 2.42
N PRO A 109 16.37 -10.88 1.81
CA PRO A 109 16.05 -12.31 1.77
C PRO A 109 15.63 -12.86 3.12
N SER A 110 15.18 -14.12 3.14
CA SER A 110 14.74 -14.75 4.37
C SER A 110 15.83 -15.66 4.94
N SER A 111 16.64 -15.11 5.84
CA SER A 111 17.72 -15.86 6.46
C SER A 111 17.18 -17.04 7.27
N GLY A 112 17.72 -18.23 7.02
CA GLY A 112 17.28 -19.41 7.74
C GLY A 112 16.34 -20.27 6.91
N GLY A 1 -13.31 -10.04 -9.44
CA GLY A 1 -14.11 -9.39 -10.46
C GLY A 1 -13.63 -9.70 -11.87
N SER A 2 -13.52 -8.66 -12.70
CA SER A 2 -13.08 -8.83 -14.08
C SER A 2 -11.65 -9.36 -14.12
N SER A 3 -11.19 -9.70 -15.32
CA SER A 3 -9.84 -10.23 -15.50
C SER A 3 -9.13 -9.50 -16.63
N GLY A 4 -8.03 -8.82 -16.30
CA GLY A 4 -7.27 -8.09 -17.31
C GLY A 4 -6.27 -7.14 -16.69
N SER A 5 -5.29 -6.72 -17.48
CA SER A 5 -4.25 -5.81 -17.00
C SER A 5 -4.56 -4.38 -17.45
N SER A 6 -5.25 -3.65 -16.59
CA SER A 6 -5.61 -2.26 -16.89
C SER A 6 -4.40 -1.48 -17.37
N GLY A 7 -3.26 -1.67 -16.70
CA GLY A 7 -2.05 -0.97 -17.08
C GLY A 7 -1.17 -0.66 -15.88
N SER A 8 -1.06 -1.61 -14.97
CA SER A 8 -0.24 -1.43 -13.77
C SER A 8 0.16 -2.77 -13.17
N LEU A 9 1.44 -2.90 -12.84
CA LEU A 9 1.96 -4.14 -12.27
C LEU A 9 0.96 -4.74 -11.29
N LEU A 10 0.40 -3.89 -10.43
CA LEU A 10 -0.57 -4.35 -9.44
C LEU A 10 -1.47 -3.19 -9.00
N CYS A 11 -2.78 -3.42 -9.05
CA CYS A 11 -3.75 -2.40 -8.66
C CYS A 11 -5.01 -3.05 -8.08
N GLY A 12 -5.91 -2.21 -7.58
CA GLY A 12 -7.15 -2.71 -6.99
C GLY A 12 -7.60 -1.87 -5.82
N PRO A 13 -8.93 -1.79 -5.63
CA PRO A 13 -9.53 -1.02 -4.54
C PRO A 13 -8.84 -1.28 -3.20
N LEU A 14 -8.37 -0.22 -2.58
CA LEU A 14 -7.69 -0.32 -1.29
C LEU A 14 -8.19 0.74 -0.32
N ARG A 15 -7.82 0.59 0.96
CA ARG A 15 -8.24 1.54 1.98
C ARG A 15 -7.02 2.24 2.60
N LEU A 16 -7.28 3.33 3.31
CA LEU A 16 -6.21 4.09 3.95
C LEU A 16 -6.68 4.68 5.28
N SER A 17 -5.87 4.50 6.32
CA SER A 17 -6.20 5.02 7.64
C SER A 17 -4.95 5.54 8.35
N GLU A 18 -4.96 6.83 8.66
CA GLU A 18 -3.82 7.46 9.33
C GLU A 18 -3.65 6.89 10.74
N SER A 19 -2.70 5.98 10.90
CA SER A 19 -2.43 5.36 12.19
C SER A 19 -3.70 4.71 12.74
N GLY A 20 -4.45 4.03 11.88
CA GLY A 20 -5.67 3.38 12.30
C GLY A 20 -6.60 4.32 13.05
N GLU A 21 -7.09 5.34 12.36
CA GLU A 21 -7.98 6.31 12.96
C GLU A 21 -9.25 6.49 12.12
N THR A 22 -9.05 6.84 10.85
CA THR A 22 -10.17 7.04 9.94
C THR A 22 -9.92 6.35 8.60
N TRP A 23 -10.70 5.31 8.32
CA TRP A 23 -10.57 4.57 7.07
C TRP A 23 -11.39 5.21 5.96
N SER A 24 -10.78 5.35 4.79
CA SER A 24 -11.45 5.94 3.64
C SER A 24 -11.22 5.13 2.38
N GLU A 25 -12.11 5.29 1.41
CA GLU A 25 -12.01 4.56 0.15
C GLU A 25 -10.92 5.16 -0.74
N VAL A 26 -9.97 4.33 -1.15
CA VAL A 26 -8.87 4.79 -2.01
C VAL A 26 -8.53 3.74 -3.06
N TRP A 27 -7.75 4.15 -4.05
CA TRP A 27 -7.34 3.24 -5.12
C TRP A 27 -5.82 3.11 -5.18
N ALA A 28 -5.33 1.88 -5.13
CA ALA A 28 -3.89 1.62 -5.18
C ALA A 28 -3.50 0.99 -6.51
N ALA A 29 -2.46 1.54 -7.13
CA ALA A 29 -1.97 1.03 -8.41
C ALA A 29 -0.53 1.45 -8.66
N ILE A 30 0.29 0.50 -9.09
CA ILE A 30 1.70 0.76 -9.35
C ILE A 30 1.94 0.97 -10.84
N PRO A 31 2.64 2.07 -11.18
CA PRO A 31 2.95 2.42 -12.57
C PRO A 31 4.11 1.59 -13.12
N MET A 32 3.84 0.83 -14.17
CA MET A 32 4.86 -0.01 -14.79
C MET A 32 6.14 0.79 -15.03
N SER A 33 5.98 2.03 -15.51
CA SER A 33 7.12 2.89 -15.80
C SER A 33 8.06 2.95 -14.60
N ASP A 34 7.49 2.95 -13.40
CA ASP A 34 8.28 3.01 -12.18
C ASP A 34 7.77 1.99 -11.16
N PRO A 35 8.37 0.79 -11.17
CA PRO A 35 8.01 -0.30 -10.25
C PRO A 35 8.55 -0.07 -8.85
N GLN A 36 9.03 1.14 -8.59
CA GLN A 36 9.59 1.47 -7.27
C GLN A 36 8.75 2.55 -6.60
N VAL A 37 7.47 2.60 -6.92
CA VAL A 37 6.57 3.58 -6.34
C VAL A 37 5.11 3.16 -6.49
N LEU A 38 4.32 3.40 -5.45
CA LEU A 38 2.91 3.04 -5.46
C LEU A 38 2.03 4.29 -5.49
N HIS A 39 1.35 4.49 -6.62
CA HIS A 39 0.47 5.66 -6.77
C HIS A 39 -0.85 5.42 -6.04
N LEU A 40 -1.42 6.50 -5.51
CA LEU A 40 -2.69 6.42 -4.79
C LEU A 40 -3.67 7.48 -5.29
N GLN A 41 -4.92 7.08 -5.47
CA GLN A 41 -5.96 8.00 -5.94
C GLN A 41 -7.09 8.09 -4.94
N GLY A 42 -7.18 9.23 -4.24
CA GLY A 42 -8.24 9.42 -3.27
C GLY A 42 -8.73 10.85 -3.22
N GLY A 43 -10.00 11.02 -2.86
CA GLY A 43 -10.57 12.35 -2.79
C GLY A 43 -11.60 12.49 -1.68
N SER A 44 -11.29 13.31 -0.68
CA SER A 44 -12.19 13.52 0.45
C SER A 44 -11.79 14.76 1.24
N GLN A 45 -12.62 15.12 2.20
CA GLN A 45 -12.35 16.29 3.04
C GLN A 45 -11.09 16.10 3.86
N ASP A 46 -10.55 14.88 3.85
CA ASP A 46 -9.34 14.57 4.60
C ASP A 46 -8.10 15.04 3.86
N GLY A 47 -8.00 14.66 2.58
CA GLY A 47 -6.85 15.06 1.78
C GLY A 47 -5.53 14.82 2.49
N ARG A 48 -4.48 15.48 2.02
CA ARG A 48 -3.16 15.32 2.61
C ARG A 48 -2.67 13.89 2.48
N LEU A 49 -3.05 13.23 1.40
CA LEU A 49 -2.65 11.85 1.16
C LEU A 49 -1.40 11.79 0.28
N PRO A 50 -0.60 10.73 0.47
CA PRO A 50 0.64 10.52 -0.30
C PRO A 50 0.37 10.02 -1.71
N ARG A 51 0.54 10.90 -2.69
CA ARG A 51 0.31 10.54 -4.09
C ARG A 51 1.35 9.53 -4.57
N THR A 52 2.61 9.76 -4.21
CA THR A 52 3.69 8.87 -4.61
C THR A 52 4.40 8.30 -3.38
N ILE A 53 4.31 6.98 -3.22
CA ILE A 53 4.95 6.30 -2.10
C ILE A 53 6.20 5.55 -2.53
N PRO A 54 7.35 5.97 -2.01
CA PRO A 54 8.64 5.35 -2.34
C PRO A 54 8.82 4.01 -1.64
N LEU A 55 8.59 2.93 -2.39
CA LEU A 55 8.72 1.58 -1.84
C LEU A 55 10.15 1.32 -1.38
N PRO A 56 11.12 1.71 -2.22
CA PRO A 56 12.55 1.53 -1.92
C PRO A 56 12.90 2.00 -0.51
N SER A 57 12.03 2.82 0.07
CA SER A 57 12.26 3.35 1.41
C SER A 57 11.12 2.96 2.35
N CYS A 58 9.96 2.67 1.77
CA CYS A 58 8.79 2.29 2.55
C CYS A 58 9.13 1.13 3.50
N LYS A 59 8.55 1.17 4.69
CA LYS A 59 8.79 0.13 5.69
C LYS A 59 7.53 -0.68 5.94
N LEU A 60 7.57 -1.96 5.59
CA LEU A 60 6.43 -2.85 5.77
C LEU A 60 6.37 -3.36 7.21
N SER A 61 5.28 -3.04 7.91
CA SER A 61 5.11 -3.48 9.29
C SER A 61 3.65 -3.82 9.57
N VAL A 62 3.41 -5.08 9.96
CA VAL A 62 2.07 -5.54 10.26
C VAL A 62 1.66 -5.17 11.67
N PRO A 63 0.49 -4.51 11.80
CA PRO A 63 -0.04 -4.09 13.10
C PRO A 63 -0.01 -5.20 14.14
N ASP A 64 -0.34 -4.87 15.38
CA ASP A 64 -0.36 -5.85 16.46
C ASP A 64 -1.75 -6.38 16.69
N PRO A 65 -1.84 -7.56 17.34
CA PRO A 65 -3.12 -8.21 17.63
C PRO A 65 -3.84 -7.55 18.80
N GLU A 66 -3.08 -6.89 19.67
CA GLU A 66 -3.64 -6.23 20.83
C GLU A 66 -4.59 -5.11 20.42
N GLU A 67 -4.24 -4.43 19.32
CA GLU A 67 -5.06 -3.33 18.82
C GLU A 67 -6.37 -3.86 18.25
N ARG A 68 -7.30 -2.94 17.97
CA ARG A 68 -8.60 -3.30 17.42
C ARG A 68 -8.95 -2.43 16.23
N LEU A 69 -8.45 -2.79 15.05
CA LEU A 69 -8.70 -2.03 13.84
C LEU A 69 -10.07 -2.37 13.27
N ASP A 70 -10.43 -1.72 12.16
CA ASP A 70 -11.72 -1.96 11.52
C ASP A 70 -11.69 -3.25 10.70
N SER A 71 -10.77 -3.31 9.73
CA SER A 71 -10.64 -4.48 8.87
C SER A 71 -9.95 -5.61 9.62
N GLY A 72 -9.73 -6.72 8.91
CA GLY A 72 -9.07 -7.87 9.52
C GLY A 72 -7.64 -8.05 9.04
N HIS A 73 -7.42 -7.80 7.74
CA HIS A 73 -6.08 -7.94 7.17
C HIS A 73 -5.59 -6.60 6.64
N VAL A 74 -4.67 -5.99 7.39
CA VAL A 74 -4.11 -4.69 7.00
C VAL A 74 -2.67 -4.56 7.47
N TRP A 75 -1.87 -3.82 6.70
CA TRP A 75 -0.46 -3.62 7.04
C TRP A 75 -0.15 -2.13 7.19
N LYS A 76 0.81 -1.81 8.04
CA LYS A 76 1.20 -0.42 8.27
C LYS A 76 2.44 -0.07 7.44
N LEU A 77 2.57 1.20 7.10
CA LEU A 77 3.70 1.67 6.31
C LEU A 77 4.27 2.96 6.89
N GLN A 78 5.52 2.89 7.37
CA GLN A 78 6.18 4.04 7.95
C GLN A 78 7.38 4.47 7.10
N TRP A 79 7.31 5.69 6.58
CA TRP A 79 8.39 6.22 5.75
C TRP A 79 8.33 7.74 5.69
N ALA A 80 9.44 8.36 5.32
CA ALA A 80 9.52 9.81 5.22
C ALA A 80 8.81 10.48 6.39
N LYS A 81 8.98 9.92 7.58
CA LYS A 81 8.36 10.45 8.79
C LYS A 81 6.84 10.43 8.66
N GLN A 82 6.31 9.39 8.04
CA GLN A 82 4.87 9.26 7.86
C GLN A 82 4.38 7.90 8.37
N SER A 83 3.07 7.70 8.33
CA SER A 83 2.47 6.46 8.79
C SER A 83 1.06 6.28 8.22
N TRP A 84 0.90 5.29 7.37
CA TRP A 84 -0.40 5.01 6.76
C TRP A 84 -0.76 3.54 6.89
N TYR A 85 -2.04 3.22 6.68
CA TYR A 85 -2.51 1.85 6.78
C TYR A 85 -3.06 1.37 5.43
N LEU A 86 -2.83 0.10 5.13
CA LEU A 86 -3.30 -0.49 3.88
C LEU A 86 -4.02 -1.81 4.13
N SER A 87 -5.35 -1.75 4.14
CA SER A 87 -6.17 -2.94 4.37
C SER A 87 -6.49 -3.65 3.05
N ALA A 88 -6.58 -4.98 3.11
CA ALA A 88 -6.89 -5.77 1.93
C ALA A 88 -8.16 -6.57 2.12
N SER A 89 -8.83 -6.89 1.01
CA SER A 89 -10.07 -7.67 1.07
C SER A 89 -9.92 -8.89 1.96
N SER A 90 -8.75 -9.51 1.90
CA SER A 90 -8.48 -10.70 2.71
C SER A 90 -6.99 -11.05 2.67
N ALA A 91 -6.58 -11.96 3.55
CA ALA A 91 -5.19 -12.38 3.62
C ALA A 91 -4.63 -12.63 2.23
N GLU A 92 -5.32 -13.43 1.44
CA GLU A 92 -4.89 -13.75 0.09
C GLU A 92 -4.44 -12.48 -0.65
N LEU A 93 -5.34 -11.51 -0.74
CA LEU A 93 -5.03 -10.25 -1.41
C LEU A 93 -3.98 -9.45 -0.64
N GLN A 94 -3.97 -9.63 0.68
CA GLN A 94 -3.02 -8.93 1.54
C GLN A 94 -1.60 -9.38 1.24
N GLN A 95 -1.46 -10.60 0.75
CA GLN A 95 -0.14 -11.15 0.42
C GLN A 95 0.39 -10.56 -0.88
N GLN A 96 -0.38 -10.72 -1.95
CA GLN A 96 0.02 -10.20 -3.26
C GLN A 96 0.53 -8.76 -3.14
N TRP A 97 0.02 -8.04 -2.16
CA TRP A 97 0.42 -6.66 -1.94
C TRP A 97 1.72 -6.59 -1.15
N LEU A 98 1.87 -7.48 -0.18
CA LEU A 98 3.07 -7.52 0.65
C LEU A 98 4.27 -8.02 -0.15
N GLU A 99 4.10 -9.16 -0.83
CA GLU A 99 5.16 -9.74 -1.63
C GLU A 99 5.65 -8.75 -2.69
N THR A 100 4.69 -8.15 -3.40
CA THR A 100 5.01 -7.19 -4.44
C THR A 100 5.76 -5.99 -3.88
N LEU A 101 5.16 -5.34 -2.89
CA LEU A 101 5.78 -4.17 -2.26
C LEU A 101 7.17 -4.50 -1.73
N SER A 102 7.24 -5.52 -0.89
CA SER A 102 8.52 -5.94 -0.31
C SER A 102 9.58 -6.12 -1.40
N THR A 103 9.28 -6.99 -2.37
CA THR A 103 10.20 -7.26 -3.46
C THR A 103 10.78 -5.97 -4.01
N ALA A 104 9.92 -4.99 -4.26
CA ALA A 104 10.35 -3.70 -4.78
C ALA A 104 11.27 -2.98 -3.81
N ALA A 105 10.79 -2.81 -2.57
CA ALA A 105 11.57 -2.14 -1.54
C ALA A 105 13.00 -2.66 -1.50
N HIS A 106 13.16 -3.91 -1.08
CA HIS A 106 14.47 -4.53 -1.00
C HIS A 106 14.40 -6.00 -1.41
N SER A 107 15.47 -6.50 -2.02
CA SER A 107 15.54 -7.89 -2.46
C SER A 107 15.92 -8.80 -1.31
N GLY A 108 16.41 -8.21 -0.23
CA GLY A 108 16.81 -8.99 0.93
C GLY A 108 18.32 -9.16 1.03
N PRO A 109 18.82 -10.33 0.63
CA PRO A 109 20.25 -10.64 0.67
C PRO A 109 21.01 -10.03 -0.51
N SER A 110 22.32 -10.23 -0.53
CA SER A 110 23.15 -9.70 -1.60
C SER A 110 23.08 -10.59 -2.84
N SER A 111 23.51 -10.04 -3.98
CA SER A 111 23.48 -10.78 -5.23
C SER A 111 24.82 -10.67 -5.95
N GLY A 112 25.36 -9.46 -6.00
CA GLY A 112 26.63 -9.24 -6.65
C GLY A 112 27.81 -9.49 -5.74
N GLY A 1 -12.03 -8.89 -18.35
CA GLY A 1 -10.62 -9.24 -18.47
C GLY A 1 -10.24 -9.61 -19.88
N SER A 2 -9.04 -9.22 -20.29
CA SER A 2 -8.55 -9.50 -21.64
C SER A 2 -7.13 -10.05 -21.60
N SER A 3 -6.25 -9.33 -20.91
CA SER A 3 -4.85 -9.74 -20.81
C SER A 3 -4.49 -10.03 -19.36
N GLY A 4 -4.65 -9.03 -18.49
CA GLY A 4 -4.34 -9.21 -17.09
C GLY A 4 -3.45 -8.10 -16.55
N SER A 5 -4.06 -7.14 -15.86
CA SER A 5 -3.32 -6.02 -15.30
C SER A 5 -2.17 -5.60 -16.22
N SER A 6 -2.47 -5.54 -17.51
CA SER A 6 -1.46 -5.16 -18.51
C SER A 6 -0.71 -3.91 -18.06
N GLY A 7 -1.46 -2.83 -17.83
CA GLY A 7 -0.85 -1.58 -17.41
C GLY A 7 -0.13 -1.71 -16.08
N SER A 8 -0.67 -1.06 -15.06
CA SER A 8 -0.07 -1.10 -13.73
C SER A 8 0.21 -2.53 -13.30
N LEU A 9 1.42 -2.78 -12.81
CA LEU A 9 1.82 -4.11 -12.37
C LEU A 9 0.77 -4.71 -11.42
N LEU A 10 0.49 -3.99 -10.34
CA LEU A 10 -0.49 -4.44 -9.36
C LEU A 10 -1.49 -3.34 -9.04
N CYS A 11 -2.76 -3.69 -8.96
CA CYS A 11 -3.81 -2.74 -8.64
C CYS A 11 -5.02 -3.42 -8.00
N GLY A 12 -5.90 -2.62 -7.41
CA GLY A 12 -7.08 -3.17 -6.77
C GLY A 12 -7.57 -2.32 -5.62
N PRO A 13 -8.89 -2.35 -5.37
CA PRO A 13 -9.51 -1.58 -4.29
C PRO A 13 -8.75 -1.71 -2.97
N LEU A 14 -8.45 -0.57 -2.36
CA LEU A 14 -7.73 -0.57 -1.08
C LEU A 14 -8.26 0.54 -0.17
N ARG A 15 -7.98 0.41 1.13
CA ARG A 15 -8.43 1.40 2.10
C ARG A 15 -7.24 1.99 2.85
N LEU A 16 -7.33 3.29 3.15
CA LEU A 16 -6.26 3.97 3.86
C LEU A 16 -6.77 4.57 5.18
N SER A 17 -5.89 4.66 6.16
CA SER A 17 -6.26 5.20 7.46
C SER A 17 -5.02 5.68 8.22
N GLU A 18 -5.15 6.84 8.87
CA GLU A 18 -4.03 7.41 9.63
C GLU A 18 -4.02 6.87 11.06
N SER A 19 -2.98 6.11 11.38
CA SER A 19 -2.86 5.52 12.72
C SER A 19 -4.10 4.72 13.09
N GLY A 20 -4.65 4.02 12.11
CA GLY A 20 -5.84 3.22 12.35
C GLY A 20 -6.93 4.00 13.06
N GLU A 21 -7.13 5.25 12.65
CA GLU A 21 -8.15 6.10 13.25
C GLU A 21 -9.38 6.20 12.35
N THR A 22 -9.18 6.70 11.14
CA THR A 22 -10.28 6.85 10.19
C THR A 22 -9.94 6.19 8.86
N TRP A 23 -10.78 5.26 8.43
CA TRP A 23 -10.57 4.55 7.17
C TRP A 23 -11.39 5.18 6.05
N SER A 24 -10.84 5.16 4.84
CA SER A 24 -11.52 5.72 3.68
C SER A 24 -11.34 4.85 2.44
N GLU A 25 -12.19 5.06 1.44
CA GLU A 25 -12.11 4.28 0.21
C GLU A 25 -11.19 4.94 -0.80
N VAL A 26 -10.20 4.18 -1.27
CA VAL A 26 -9.24 4.69 -2.24
C VAL A 26 -8.82 3.60 -3.22
N TRP A 27 -8.09 4.00 -4.26
CA TRP A 27 -7.64 3.06 -5.28
C TRP A 27 -6.11 3.06 -5.37
N ALA A 28 -5.51 1.89 -5.20
CA ALA A 28 -4.06 1.75 -5.27
C ALA A 28 -3.63 1.10 -6.57
N ALA A 29 -2.51 1.56 -7.12
CA ALA A 29 -1.99 1.02 -8.37
C ALA A 29 -0.54 1.43 -8.58
N ILE A 30 0.32 0.46 -8.86
CA ILE A 30 1.73 0.73 -9.08
C ILE A 30 2.02 0.94 -10.56
N PRO A 31 2.81 1.99 -10.88
CA PRO A 31 3.18 2.32 -12.25
C PRO A 31 4.30 1.44 -12.78
N MET A 32 4.08 0.83 -13.94
CA MET A 32 5.08 -0.04 -14.55
C MET A 32 6.39 0.70 -14.76
N SER A 33 6.30 1.91 -15.29
CA SER A 33 7.49 2.73 -15.54
C SER A 33 8.40 2.76 -14.32
N ASP A 34 7.78 2.83 -13.14
CA ASP A 34 8.54 2.86 -11.89
C ASP A 34 7.93 1.91 -10.87
N PRO A 35 8.46 0.68 -10.81
CA PRO A 35 7.98 -0.36 -9.88
C PRO A 35 8.48 -0.13 -8.46
N GLN A 36 9.13 1.01 -8.24
CA GLN A 36 9.67 1.35 -6.92
C GLN A 36 8.84 2.46 -6.27
N VAL A 37 7.55 2.50 -6.60
CA VAL A 37 6.65 3.49 -6.05
C VAL A 37 5.20 3.05 -6.15
N LEU A 38 4.42 3.33 -5.12
CA LEU A 38 3.00 2.96 -5.10
C LEU A 38 2.11 4.20 -5.22
N HIS A 39 1.54 4.39 -6.40
CA HIS A 39 0.66 5.53 -6.64
C HIS A 39 -0.71 5.30 -6.02
N LEU A 40 -1.28 6.36 -5.44
CA LEU A 40 -2.58 6.27 -4.81
C LEU A 40 -3.57 7.24 -5.46
N GLN A 41 -4.82 6.79 -5.60
CA GLN A 41 -5.86 7.61 -6.21
C GLN A 41 -7.02 7.81 -5.26
N GLY A 42 -7.05 8.97 -4.60
CA GLY A 42 -8.11 9.27 -3.66
C GLY A 42 -7.81 10.47 -2.79
N GLY A 43 -7.34 11.55 -3.42
CA GLY A 43 -7.02 12.76 -2.69
C GLY A 43 -7.31 14.02 -3.47
N SER A 44 -8.49 14.58 -3.24
CA SER A 44 -8.91 15.80 -3.94
C SER A 44 -9.44 16.84 -2.96
N GLN A 45 -10.43 16.44 -2.16
CA GLN A 45 -11.03 17.34 -1.17
C GLN A 45 -9.95 18.01 -0.33
N ASP A 46 -9.02 17.21 0.18
CA ASP A 46 -7.93 17.72 1.01
C ASP A 46 -6.58 17.53 0.32
N GLY A 47 -6.32 16.30 -0.12
CA GLY A 47 -5.06 16.01 -0.78
C GLY A 47 -3.94 15.73 0.19
N ARG A 48 -4.30 15.22 1.37
CA ARG A 48 -3.30 14.92 2.40
C ARG A 48 -2.64 13.58 2.12
N LEU A 49 -3.34 12.71 1.41
CA LEU A 49 -2.82 11.39 1.08
C LEU A 49 -1.54 11.50 0.25
N PRO A 50 -0.63 10.53 0.42
CA PRO A 50 0.64 10.50 -0.30
C PRO A 50 0.48 10.06 -1.75
N ARG A 51 0.66 11.00 -2.68
CA ARG A 51 0.52 10.71 -4.10
C ARG A 51 1.42 9.55 -4.50
N THR A 52 2.69 9.63 -4.13
CA THR A 52 3.65 8.57 -4.45
C THR A 52 4.38 8.09 -3.20
N ILE A 53 4.46 6.78 -3.04
CA ILE A 53 5.13 6.19 -1.88
C ILE A 53 6.36 5.40 -2.32
N PRO A 54 7.55 5.88 -1.88
CA PRO A 54 8.82 5.23 -2.21
C PRO A 54 9.02 3.93 -1.44
N LEU A 55 8.54 2.83 -2.02
CA LEU A 55 8.67 1.52 -1.41
C LEU A 55 10.10 1.28 -0.93
N PRO A 56 11.07 1.57 -1.81
CA PRO A 56 12.49 1.40 -1.50
C PRO A 56 12.87 1.98 -0.15
N SER A 57 12.22 3.08 0.23
CA SER A 57 12.50 3.73 1.50
C SER A 57 11.29 3.63 2.43
N CYS A 58 10.54 2.54 2.30
CA CYS A 58 9.36 2.32 3.13
C CYS A 58 9.44 0.96 3.82
N LYS A 59 9.08 0.93 5.10
CA LYS A 59 9.11 -0.30 5.88
C LYS A 59 7.69 -0.82 6.12
N LEU A 60 7.47 -2.09 5.80
CA LEU A 60 6.16 -2.70 6.00
C LEU A 60 6.03 -3.32 7.38
N SER A 61 5.17 -2.75 8.21
CA SER A 61 4.96 -3.24 9.56
C SER A 61 3.52 -3.69 9.76
N VAL A 62 3.33 -4.99 9.95
CA VAL A 62 2.00 -5.54 10.16
C VAL A 62 1.61 -5.53 11.62
N PRO A 63 0.45 -4.92 11.93
CA PRO A 63 -0.05 -4.83 13.30
C PRO A 63 -0.61 -6.15 13.82
N ASP A 64 -0.87 -6.22 15.12
CA ASP A 64 -1.41 -7.43 15.73
C ASP A 64 -2.72 -7.84 15.06
N PRO A 65 -2.92 -9.16 14.90
CA PRO A 65 -4.13 -9.70 14.29
C PRO A 65 -5.32 -9.74 15.25
N GLU A 66 -5.01 -9.87 16.54
CA GLU A 66 -6.06 -9.92 17.56
C GLU A 66 -6.89 -8.64 17.55
N GLU A 67 -6.23 -7.52 17.27
CA GLU A 67 -6.92 -6.23 17.22
C GLU A 67 -8.15 -6.30 16.33
N ARG A 68 -9.02 -5.31 16.46
CA ARG A 68 -10.25 -5.25 15.67
C ARG A 68 -10.29 -4.00 14.81
N LEU A 69 -9.49 -3.98 13.76
CA LEU A 69 -9.42 -2.83 12.86
C LEU A 69 -10.58 -2.85 11.87
N ASP A 70 -10.57 -1.92 10.93
CA ASP A 70 -11.63 -1.83 9.92
C ASP A 70 -12.12 -3.22 9.53
N SER A 71 -11.32 -3.95 8.77
CA SER A 71 -11.68 -5.28 8.32
C SER A 71 -10.93 -6.35 9.13
N GLY A 72 -9.65 -6.51 8.83
CA GLY A 72 -8.85 -7.48 9.55
C GLY A 72 -7.42 -7.55 9.03
N HIS A 73 -7.28 -7.73 7.71
CA HIS A 73 -5.96 -7.82 7.09
C HIS A 73 -5.49 -6.43 6.63
N VAL A 74 -4.58 -5.84 7.39
CA VAL A 74 -4.05 -4.53 7.05
C VAL A 74 -2.60 -4.39 7.51
N TRP A 75 -1.80 -3.66 6.73
CA TRP A 75 -0.39 -3.45 7.06
C TRP A 75 -0.08 -1.97 7.18
N LYS A 76 0.82 -1.63 8.10
CA LYS A 76 1.21 -0.24 8.32
C LYS A 76 2.47 0.10 7.54
N LEU A 77 2.64 1.38 7.22
CA LEU A 77 3.81 1.83 6.48
C LEU A 77 4.34 3.14 7.05
N GLN A 78 5.58 3.10 7.55
CA GLN A 78 6.20 4.28 8.13
C GLN A 78 7.42 4.70 7.30
N TRP A 79 7.37 5.91 6.74
CA TRP A 79 8.46 6.43 5.94
C TRP A 79 8.38 7.94 5.82
N ALA A 80 9.51 8.57 5.47
CA ALA A 80 9.56 10.02 5.31
C ALA A 80 8.85 10.71 6.47
N LYS A 81 8.98 10.15 7.66
CA LYS A 81 8.36 10.72 8.86
C LYS A 81 6.83 10.74 8.71
N GLN A 82 6.29 9.68 8.12
CA GLN A 82 4.85 9.58 7.92
C GLN A 82 4.31 8.28 8.52
N SER A 83 3.01 8.06 8.35
CA SER A 83 2.37 6.85 8.86
C SER A 83 1.02 6.62 8.19
N TRP A 84 0.90 5.50 7.50
CA TRP A 84 -0.34 5.16 6.81
C TRP A 84 -0.65 3.67 6.96
N TYR A 85 -1.94 3.33 6.83
CA TYR A 85 -2.37 1.94 6.95
C TYR A 85 -3.04 1.46 5.67
N LEU A 86 -2.74 0.24 5.28
CA LEU A 86 -3.31 -0.35 4.06
C LEU A 86 -4.05 -1.63 4.38
N SER A 87 -5.38 -1.59 4.25
CA SER A 87 -6.21 -2.77 4.52
C SER A 87 -6.64 -3.45 3.23
N ALA A 88 -6.51 -4.76 3.18
CA ALA A 88 -6.89 -5.53 2.00
C ALA A 88 -8.15 -6.34 2.26
N SER A 89 -8.90 -6.62 1.18
CA SER A 89 -10.13 -7.39 1.29
C SER A 89 -9.91 -8.66 2.10
N SER A 90 -8.77 -9.30 1.89
CA SER A 90 -8.44 -10.53 2.60
C SER A 90 -6.94 -10.83 2.51
N ALA A 91 -6.54 -11.98 3.04
CA ALA A 91 -5.14 -12.39 3.01
C ALA A 91 -4.66 -12.57 1.58
N GLU A 92 -5.49 -13.16 0.74
CA GLU A 92 -5.15 -13.40 -0.65
C GLU A 92 -4.75 -12.09 -1.35
N LEU A 93 -5.43 -11.01 -0.98
CA LEU A 93 -5.16 -9.71 -1.57
C LEU A 93 -4.07 -8.98 -0.79
N GLN A 94 -3.97 -9.29 0.51
CA GLN A 94 -2.97 -8.67 1.36
C GLN A 94 -1.56 -9.18 1.03
N GLN A 95 -1.49 -10.43 0.59
CA GLN A 95 -0.22 -11.04 0.24
C GLN A 95 0.32 -10.47 -1.07
N GLN A 96 -0.53 -10.45 -2.09
CA GLN A 96 -0.14 -9.92 -3.39
C GLN A 96 0.40 -8.50 -3.28
N TRP A 97 -0.11 -7.76 -2.30
CA TRP A 97 0.32 -6.38 -2.07
C TRP A 97 1.63 -6.34 -1.29
N LEU A 98 1.73 -7.19 -0.28
CA LEU A 98 2.93 -7.25 0.55
C LEU A 98 4.14 -7.69 -0.27
N GLU A 99 4.07 -8.90 -0.81
CA GLU A 99 5.15 -9.44 -1.63
C GLU A 99 5.60 -8.43 -2.68
N THR A 100 4.72 -8.17 -3.65
CA THR A 100 5.03 -7.23 -4.72
C THR A 100 5.77 -6.01 -4.19
N LEU A 101 5.20 -5.38 -3.17
CA LEU A 101 5.80 -4.20 -2.56
C LEU A 101 7.22 -4.50 -2.08
N SER A 102 7.34 -5.51 -1.22
CA SER A 102 8.64 -5.90 -0.68
C SER A 102 9.65 -6.14 -1.81
N THR A 103 9.40 -7.17 -2.59
CA THR A 103 10.27 -7.52 -3.70
C THR A 103 10.77 -6.28 -4.43
N ALA A 104 9.86 -5.34 -4.69
CA ALA A 104 10.22 -4.10 -5.35
C ALA A 104 11.17 -3.26 -4.50
N ALA A 105 10.86 -3.15 -3.22
CA ALA A 105 11.69 -2.38 -2.30
C ALA A 105 13.12 -2.93 -2.26
N HIS A 106 13.24 -4.24 -2.13
CA HIS A 106 14.55 -4.88 -2.08
C HIS A 106 14.56 -6.16 -2.92
N SER A 107 15.64 -6.36 -3.67
CA SER A 107 15.77 -7.54 -4.51
C SER A 107 16.74 -8.55 -3.90
N GLY A 108 16.64 -9.80 -4.34
CA GLY A 108 17.51 -10.84 -3.82
C GLY A 108 18.92 -10.36 -3.58
N PRO A 109 19.76 -10.44 -4.63
CA PRO A 109 21.16 -10.01 -4.55
C PRO A 109 21.30 -8.49 -4.63
N SER A 110 22.29 -7.96 -3.91
CA SER A 110 22.54 -6.52 -3.90
C SER A 110 24.01 -6.22 -4.11
N SER A 111 24.33 -4.93 -4.26
CA SER A 111 25.71 -4.51 -4.48
C SER A 111 26.55 -4.77 -3.25
N GLY A 112 27.61 -5.57 -3.41
CA GLY A 112 28.48 -5.87 -2.30
C GLY A 112 29.94 -5.81 -2.67
N GLY A 1 -12.00 -14.95 -13.20
CA GLY A 1 -11.96 -13.67 -12.53
C GLY A 1 -10.92 -12.74 -13.12
N SER A 2 -11.36 -11.85 -14.01
CA SER A 2 -10.45 -10.91 -14.65
C SER A 2 -10.27 -9.66 -13.80
N SER A 3 -9.04 -9.15 -13.76
CA SER A 3 -8.73 -7.96 -12.97
C SER A 3 -8.19 -6.85 -13.87
N GLY A 4 -8.79 -5.68 -13.77
CA GLY A 4 -8.35 -4.55 -14.56
C GLY A 4 -6.94 -4.12 -14.25
N SER A 5 -5.97 -4.69 -14.95
CA SER A 5 -4.57 -4.37 -14.73
C SER A 5 -4.29 -2.91 -15.05
N SER A 6 -4.88 -2.42 -16.13
CA SER A 6 -4.70 -1.03 -16.55
C SER A 6 -3.20 -0.69 -16.63
N GLY A 7 -2.43 -1.55 -17.27
CA GLY A 7 -1.01 -1.33 -17.41
C GLY A 7 -0.35 -0.96 -16.09
N SER A 8 -0.52 -1.83 -15.10
CA SER A 8 0.06 -1.58 -13.79
C SER A 8 0.49 -2.90 -13.14
N LEU A 9 1.71 -2.92 -12.62
CA LEU A 9 2.25 -4.11 -11.97
C LEU A 9 1.20 -4.76 -11.06
N LEU A 10 0.61 -3.96 -10.19
CA LEU A 10 -0.42 -4.45 -9.27
C LEU A 10 -1.35 -3.32 -8.84
N CYS A 11 -2.65 -3.58 -8.91
CA CYS A 11 -3.65 -2.58 -8.52
C CYS A 11 -4.87 -3.25 -7.91
N GLY A 12 -5.75 -2.44 -7.33
CA GLY A 12 -6.94 -2.97 -6.70
C GLY A 12 -7.42 -2.11 -5.55
N PRO A 13 -8.74 -2.14 -5.28
CA PRO A 13 -9.35 -1.37 -4.19
C PRO A 13 -8.60 -1.54 -2.88
N LEU A 14 -8.28 -0.41 -2.25
CA LEU A 14 -7.56 -0.43 -0.98
C LEU A 14 -8.08 0.65 -0.05
N ARG A 15 -7.76 0.53 1.25
CA ARG A 15 -8.19 1.50 2.24
C ARG A 15 -6.99 2.18 2.91
N LEU A 16 -7.18 3.42 3.33
CA LEU A 16 -6.13 4.17 3.98
C LEU A 16 -6.61 4.77 5.30
N SER A 17 -5.72 4.80 6.29
CA SER A 17 -6.07 5.34 7.60
C SER A 17 -4.82 5.85 8.32
N GLU A 18 -5.00 6.88 9.14
CA GLU A 18 -3.89 7.46 9.89
C GLU A 18 -3.76 6.82 11.27
N SER A 19 -2.63 6.18 11.52
CA SER A 19 -2.39 5.53 12.81
C SER A 19 -3.66 4.87 13.32
N GLY A 20 -4.46 4.33 12.40
CA GLY A 20 -5.71 3.69 12.78
C GLY A 20 -6.67 4.63 13.46
N GLU A 21 -7.09 5.66 12.73
CA GLU A 21 -8.03 6.65 13.28
C GLU A 21 -9.24 6.81 12.35
N THR A 22 -8.96 7.14 11.09
CA THR A 22 -10.03 7.33 10.11
C THR A 22 -9.72 6.58 8.82
N TRP A 23 -10.57 5.61 8.49
CA TRP A 23 -10.39 4.83 7.28
C TRP A 23 -11.19 5.41 6.12
N SER A 24 -10.61 5.36 4.92
CA SER A 24 -11.28 5.89 3.73
C SER A 24 -11.00 5.02 2.51
N GLU A 25 -11.94 5.00 1.58
CA GLU A 25 -11.80 4.20 0.37
C GLU A 25 -10.88 4.90 -0.64
N VAL A 26 -10.02 4.12 -1.28
CA VAL A 26 -9.09 4.66 -2.26
C VAL A 26 -8.66 3.59 -3.26
N TRP A 27 -7.99 4.02 -4.33
CA TRP A 27 -7.52 3.10 -5.36
C TRP A 27 -6.01 3.14 -5.48
N ALA A 28 -5.38 1.98 -5.27
CA ALA A 28 -3.92 1.88 -5.36
C ALA A 28 -3.49 1.17 -6.63
N ALA A 29 -2.46 1.69 -7.28
CA ALA A 29 -1.95 1.11 -8.51
C ALA A 29 -0.49 1.48 -8.73
N ILE A 30 0.31 0.48 -9.11
CA ILE A 30 1.73 0.70 -9.35
C ILE A 30 2.02 0.85 -10.84
N PRO A 31 2.75 1.92 -11.19
CA PRO A 31 3.12 2.20 -12.59
C PRO A 31 4.29 1.35 -13.07
N MET A 32 4.02 0.48 -14.02
CA MET A 32 5.06 -0.39 -14.58
C MET A 32 6.33 0.39 -14.85
N SER A 33 6.18 1.57 -15.45
CA SER A 33 7.33 2.41 -15.77
C SER A 33 8.25 2.56 -14.56
N ASP A 34 7.64 2.67 -13.37
CA ASP A 34 8.41 2.83 -12.14
C ASP A 34 7.89 1.89 -11.06
N PRO A 35 8.50 0.70 -10.96
CA PRO A 35 8.12 -0.32 -9.98
C PRO A 35 8.61 0.02 -8.58
N GLN A 36 9.27 1.17 -8.44
CA GLN A 36 9.79 1.60 -7.15
C GLN A 36 8.93 2.72 -6.57
N VAL A 37 7.65 2.72 -6.91
CA VAL A 37 6.72 3.72 -6.41
C VAL A 37 5.28 3.24 -6.54
N LEU A 38 4.44 3.60 -5.57
CA LEU A 38 3.04 3.22 -5.57
C LEU A 38 2.14 4.44 -5.71
N HIS A 39 1.52 4.57 -6.88
CA HIS A 39 0.62 5.69 -7.15
C HIS A 39 -0.75 5.45 -6.53
N LEU A 40 -1.32 6.50 -5.95
CA LEU A 40 -2.63 6.40 -5.32
C LEU A 40 -3.65 7.28 -6.05
N GLN A 41 -4.89 6.80 -6.09
CA GLN A 41 -5.97 7.54 -6.77
C GLN A 41 -7.17 7.71 -5.84
N GLY A 42 -7.50 8.96 -5.53
CA GLY A 42 -8.63 9.23 -4.66
C GLY A 42 -9.30 10.55 -4.98
N GLY A 43 -9.98 11.12 -3.98
CA GLY A 43 -10.67 12.38 -4.18
C GLY A 43 -11.34 12.88 -2.92
N SER A 44 -10.57 13.04 -1.86
CA SER A 44 -11.11 13.51 -0.59
C SER A 44 -11.13 15.03 -0.54
N GLN A 45 -11.94 15.58 0.37
CA GLN A 45 -12.05 17.02 0.52
C GLN A 45 -10.68 17.67 0.63
N ASP A 46 -9.85 17.15 1.53
CA ASP A 46 -8.51 17.68 1.73
C ASP A 46 -7.56 17.15 0.66
N GLY A 47 -6.30 17.61 0.72
CA GLY A 47 -5.31 17.18 -0.25
C GLY A 47 -4.04 16.66 0.41
N ARG A 48 -4.19 16.07 1.60
CA ARG A 48 -3.05 15.54 2.33
C ARG A 48 -2.68 14.15 1.82
N LEU A 49 -3.67 13.42 1.33
CA LEU A 49 -3.45 12.07 0.82
C LEU A 49 -2.20 12.03 -0.07
N PRO A 50 -1.32 11.06 0.21
CA PRO A 50 -0.08 10.88 -0.56
C PRO A 50 -0.33 10.26 -1.92
N ARG A 51 0.39 10.75 -2.93
CA ARG A 51 0.24 10.24 -4.29
C ARG A 51 1.28 9.15 -4.57
N THR A 52 2.54 9.44 -4.26
CA THR A 52 3.61 8.48 -4.48
C THR A 52 4.26 8.08 -3.16
N ILE A 53 4.22 6.77 -2.87
CA ILE A 53 4.81 6.26 -1.63
C ILE A 53 6.10 5.49 -1.93
N PRO A 54 7.23 6.16 -1.73
CA PRO A 54 8.56 5.57 -1.95
C PRO A 54 8.66 4.16 -1.39
N LEU A 55 8.51 3.16 -2.25
CA LEU A 55 8.59 1.77 -1.83
C LEU A 55 9.97 1.44 -1.26
N PRO A 56 11.03 1.91 -1.96
CA PRO A 56 12.41 1.69 -1.54
C PRO A 56 12.64 2.00 -0.07
N SER A 57 11.93 3.02 0.43
CA SER A 57 12.05 3.41 1.82
C SER A 57 10.90 2.87 2.65
N CYS A 58 9.74 2.72 2.02
CA CYS A 58 8.56 2.20 2.70
C CYS A 58 8.91 1.01 3.57
N LYS A 59 8.42 1.00 4.80
CA LYS A 59 8.67 -0.10 5.73
C LYS A 59 7.41 -0.93 5.94
N LEU A 60 7.46 -2.18 5.49
CA LEU A 60 6.32 -3.08 5.64
C LEU A 60 6.31 -3.72 7.03
N SER A 61 5.20 -3.55 7.74
CA SER A 61 5.06 -4.11 9.09
C SER A 61 3.63 -4.55 9.34
N VAL A 62 3.47 -5.56 10.19
CA VAL A 62 2.15 -6.08 10.54
C VAL A 62 1.80 -5.79 11.99
N PRO A 63 0.55 -5.34 12.23
CA PRO A 63 0.08 -5.02 13.57
C PRO A 63 -0.33 -6.27 14.35
N ASP A 64 -0.60 -6.10 15.64
CA ASP A 64 -1.00 -7.20 16.49
C ASP A 64 -2.52 -7.22 16.68
N PRO A 65 -3.09 -8.44 16.72
CA PRO A 65 -4.54 -8.62 16.89
C PRO A 65 -5.10 -7.76 18.01
N GLU A 66 -4.33 -7.61 19.08
CA GLU A 66 -4.77 -6.80 20.23
C GLU A 66 -5.30 -5.45 19.75
N GLU A 67 -4.60 -4.83 18.82
CA GLU A 67 -5.00 -3.53 18.29
C GLU A 67 -6.46 -3.54 17.87
N ARG A 68 -7.00 -2.37 17.58
CA ARG A 68 -8.40 -2.24 17.16
C ARG A 68 -8.50 -1.52 15.81
N LEU A 69 -8.38 -2.28 14.74
CA LEU A 69 -8.46 -1.72 13.39
C LEU A 69 -9.87 -1.87 12.82
N ASP A 70 -10.03 -1.48 11.56
CA ASP A 70 -11.33 -1.59 10.90
C ASP A 70 -11.54 -2.98 10.33
N SER A 71 -10.60 -3.42 9.49
CA SER A 71 -10.69 -4.74 8.87
C SER A 71 -9.92 -5.77 9.69
N GLY A 72 -9.84 -6.99 9.16
CA GLY A 72 -9.13 -8.05 9.85
C GLY A 72 -7.71 -8.24 9.32
N HIS A 73 -7.52 -7.94 8.04
CA HIS A 73 -6.20 -8.08 7.41
C HIS A 73 -5.71 -6.74 6.88
N VAL A 74 -4.77 -6.13 7.62
CA VAL A 74 -4.22 -4.85 7.22
C VAL A 74 -2.76 -4.72 7.68
N TRP A 75 -1.98 -3.94 6.93
CA TRP A 75 -0.58 -3.75 7.24
C TRP A 75 -0.27 -2.26 7.44
N LYS A 76 0.81 -1.97 8.15
CA LYS A 76 1.22 -0.59 8.41
C LYS A 76 2.40 -0.20 7.55
N LEU A 77 2.54 1.08 7.26
CA LEU A 77 3.64 1.58 6.44
C LEU A 77 4.21 2.86 7.04
N GLN A 78 5.51 2.84 7.34
CA GLN A 78 6.19 3.99 7.92
C GLN A 78 7.39 4.41 7.06
N TRP A 79 7.37 5.64 6.58
CA TRP A 79 8.46 6.16 5.75
C TRP A 79 8.46 7.67 5.75
N ALA A 80 9.60 8.26 5.40
CA ALA A 80 9.73 9.71 5.34
C ALA A 80 9.03 10.37 6.53
N LYS A 81 9.18 9.76 7.70
CA LYS A 81 8.57 10.29 8.91
C LYS A 81 7.05 10.33 8.78
N GLN A 82 6.48 9.32 8.13
CA GLN A 82 5.03 9.25 7.94
C GLN A 82 4.51 7.89 8.38
N SER A 83 3.18 7.78 8.45
CA SER A 83 2.54 6.54 8.87
C SER A 83 1.17 6.39 8.20
N TRP A 84 0.99 5.30 7.46
CA TRP A 84 -0.27 5.04 6.78
C TRP A 84 -0.65 3.57 6.87
N TYR A 85 -1.93 3.30 7.06
CA TYR A 85 -2.41 1.93 7.17
C TYR A 85 -3.08 1.48 5.86
N LEU A 86 -2.76 0.27 5.42
CA LEU A 86 -3.33 -0.27 4.20
C LEU A 86 -4.01 -1.62 4.46
N SER A 87 -5.33 -1.63 4.40
CA SER A 87 -6.09 -2.84 4.63
C SER A 87 -6.53 -3.47 3.30
N ALA A 88 -6.68 -4.79 3.31
CA ALA A 88 -7.09 -5.51 2.11
C ALA A 88 -8.30 -6.39 2.39
N SER A 89 -9.08 -6.66 1.34
CA SER A 89 -10.27 -7.49 1.47
C SER A 89 -10.01 -8.70 2.36
N SER A 90 -8.83 -9.30 2.19
CA SER A 90 -8.46 -10.47 2.98
C SER A 90 -6.96 -10.74 2.87
N ALA A 91 -6.48 -11.71 3.64
CA ALA A 91 -5.07 -12.07 3.63
C ALA A 91 -4.58 -12.33 2.21
N GLU A 92 -5.40 -13.01 1.42
CA GLU A 92 -5.05 -13.31 0.04
C GLU A 92 -4.62 -12.05 -0.71
N LEU A 93 -5.48 -11.05 -0.72
CA LEU A 93 -5.20 -9.79 -1.40
C LEU A 93 -4.07 -9.03 -0.68
N GLN A 94 -3.99 -9.20 0.63
CA GLN A 94 -2.97 -8.54 1.42
C GLN A 94 -1.58 -9.06 1.05
N GLN A 95 -1.48 -10.34 0.75
CA GLN A 95 -0.22 -10.95 0.37
C GLN A 95 0.31 -10.36 -0.93
N GLN A 96 -0.52 -10.39 -1.97
CA GLN A 96 -0.13 -9.86 -3.27
C GLN A 96 0.39 -8.44 -3.14
N TRP A 97 -0.09 -7.72 -2.14
CA TRP A 97 0.33 -6.35 -1.90
C TRP A 97 1.64 -6.30 -1.12
N LEU A 98 1.73 -7.10 -0.07
CA LEU A 98 2.93 -7.16 0.76
C LEU A 98 4.12 -7.62 -0.06
N GLU A 99 3.95 -8.70 -0.81
CA GLU A 99 5.02 -9.24 -1.64
C GLU A 99 5.51 -8.20 -2.64
N THR A 100 4.65 -7.85 -3.59
CA THR A 100 4.99 -6.87 -4.61
C THR A 100 5.75 -5.69 -4.01
N LEU A 101 5.20 -5.13 -2.94
CA LEU A 101 5.82 -3.99 -2.27
C LEU A 101 7.21 -4.36 -1.76
N SER A 102 7.34 -5.58 -1.26
CA SER A 102 8.63 -6.06 -0.74
C SER A 102 9.64 -6.20 -1.86
N THR A 103 9.29 -6.96 -2.89
CA THR A 103 10.18 -7.18 -4.02
C THR A 103 10.74 -5.87 -4.54
N ALA A 104 9.90 -4.84 -4.57
CA ALA A 104 10.33 -3.52 -5.05
C ALA A 104 11.20 -2.82 -4.01
N ALA A 105 10.68 -2.70 -2.79
CA ALA A 105 11.42 -2.04 -1.72
C ALA A 105 12.86 -2.56 -1.65
N HIS A 106 13.01 -3.87 -1.66
CA HIS A 106 14.33 -4.49 -1.60
C HIS A 106 14.48 -5.57 -2.66
N SER A 107 15.71 -5.73 -3.16
CA SER A 107 15.98 -6.72 -4.20
C SER A 107 15.66 -8.13 -3.69
N GLY A 108 14.39 -8.49 -3.73
CA GLY A 108 13.98 -9.81 -3.28
C GLY A 108 14.49 -10.13 -1.90
N PRO A 109 14.15 -11.33 -1.40
CA PRO A 109 14.57 -11.79 -0.07
C PRO A 109 16.05 -11.52 0.20
N SER A 110 16.31 -10.69 1.20
CA SER A 110 17.69 -10.34 1.56
C SER A 110 18.27 -11.37 2.51
N SER A 111 18.73 -12.49 1.95
CA SER A 111 19.31 -13.56 2.75
C SER A 111 18.62 -13.66 4.11
N GLY A 112 17.29 -13.56 4.10
CA GLY A 112 16.54 -13.65 5.34
C GLY A 112 15.08 -13.96 5.09
N GLY A 1 -11.78 -3.26 -10.74
CA GLY A 1 -12.24 -3.89 -11.96
C GLY A 1 -11.16 -3.96 -13.03
N SER A 2 -11.16 -5.03 -13.81
CA SER A 2 -10.18 -5.21 -14.86
C SER A 2 -10.26 -4.08 -15.89
N SER A 3 -11.45 -3.90 -16.47
CA SER A 3 -11.66 -2.87 -17.47
C SER A 3 -11.28 -1.49 -16.92
N GLY A 4 -10.14 -0.97 -17.37
CA GLY A 4 -9.69 0.32 -16.91
C GLY A 4 -8.18 0.40 -16.80
N SER A 5 -7.61 -0.42 -15.91
CA SER A 5 -6.17 -0.45 -15.70
C SER A 5 -5.43 -0.40 -17.03
N SER A 6 -4.70 0.69 -17.25
CA SER A 6 -3.94 0.87 -18.48
C SER A 6 -2.67 0.02 -18.46
N GLY A 7 -1.86 0.19 -17.42
CA GLY A 7 -0.63 -0.56 -17.30
C GLY A 7 -0.03 -0.47 -15.91
N SER A 8 -0.38 -1.40 -15.04
CA SER A 8 0.13 -1.42 -13.67
C SER A 8 0.35 -2.85 -13.19
N LEU A 9 1.56 -3.15 -12.76
CA LEU A 9 1.91 -4.48 -12.27
C LEU A 9 0.85 -4.97 -11.27
N LEU A 10 0.45 -4.09 -10.36
CA LEU A 10 -0.54 -4.43 -9.36
C LEU A 10 -1.51 -3.27 -9.12
N CYS A 11 -2.79 -3.59 -9.00
CA CYS A 11 -3.81 -2.57 -8.78
C CYS A 11 -4.98 -3.14 -7.97
N GLY A 12 -5.92 -2.26 -7.61
CA GLY A 12 -7.06 -2.70 -6.82
C GLY A 12 -7.46 -1.68 -5.78
N PRO A 13 -8.77 -1.63 -5.47
CA PRO A 13 -9.31 -0.69 -4.48
C PRO A 13 -8.89 -1.04 -3.06
N LEU A 14 -8.20 -0.12 -2.40
CA LEU A 14 -7.73 -0.33 -1.04
C LEU A 14 -8.28 0.75 -0.10
N ARG A 15 -8.09 0.55 1.20
CA ARG A 15 -8.56 1.50 2.19
C ARG A 15 -7.38 2.12 2.95
N LEU A 16 -7.50 3.41 3.26
CA LEU A 16 -6.45 4.11 3.99
C LEU A 16 -6.99 4.73 5.28
N SER A 17 -6.21 4.64 6.34
CA SER A 17 -6.62 5.19 7.63
C SER A 17 -5.41 5.72 8.40
N GLU A 18 -5.62 6.77 9.18
CA GLU A 18 -4.55 7.37 9.96
C GLU A 18 -4.60 6.88 11.41
N SER A 19 -3.55 6.16 11.82
CA SER A 19 -3.48 5.63 13.17
C SER A 19 -4.65 4.70 13.46
N GLY A 20 -5.18 4.08 12.40
CA GLY A 20 -6.31 3.18 12.56
C GLY A 20 -7.50 3.85 13.23
N GLU A 21 -7.86 5.04 12.76
CA GLU A 21 -8.98 5.77 13.31
C GLU A 21 -10.11 5.90 12.31
N THR A 22 -9.81 6.50 11.15
CA THR A 22 -10.79 6.68 10.10
C THR A 22 -10.33 6.03 8.79
N TRP A 23 -11.09 5.05 8.32
CA TRP A 23 -10.76 4.35 7.09
C TRP A 23 -11.49 4.98 5.91
N SER A 24 -10.76 5.22 4.82
CA SER A 24 -11.34 5.82 3.63
C SER A 24 -11.15 4.91 2.42
N GLU A 25 -11.92 5.15 1.36
CA GLU A 25 -11.83 4.35 0.15
C GLU A 25 -10.90 5.01 -0.87
N VAL A 26 -9.88 4.27 -1.29
CA VAL A 26 -8.92 4.78 -2.26
C VAL A 26 -8.47 3.69 -3.22
N TRP A 27 -7.98 4.09 -4.39
CA TRP A 27 -7.52 3.13 -5.39
C TRP A 27 -5.99 3.08 -5.42
N ALA A 28 -5.45 1.87 -5.28
CA ALA A 28 -4.00 1.69 -5.29
C ALA A 28 -3.55 1.03 -6.60
N ALA A 29 -2.45 1.52 -7.14
CA ALA A 29 -1.90 0.98 -8.39
C ALA A 29 -0.44 1.37 -8.56
N ILE A 30 0.36 0.44 -9.06
CA ILE A 30 1.78 0.68 -9.28
C ILE A 30 2.10 0.79 -10.77
N PRO A 31 2.92 1.80 -11.12
CA PRO A 31 3.31 2.05 -12.50
C PRO A 31 4.44 1.13 -12.96
N MET A 32 4.28 0.54 -14.14
CA MET A 32 5.27 -0.36 -14.69
C MET A 32 6.60 0.36 -14.91
N SER A 33 6.53 1.56 -15.46
CA SER A 33 7.73 2.35 -15.73
C SER A 33 8.60 2.46 -14.48
N ASP A 34 7.95 2.57 -13.33
CA ASP A 34 8.67 2.68 -12.06
C ASP A 34 8.06 1.74 -11.01
N PRO A 35 8.59 0.52 -10.93
CA PRO A 35 8.12 -0.49 -9.98
C PRO A 35 8.65 -0.26 -8.57
N GLN A 36 9.12 0.96 -8.32
CA GLN A 36 9.66 1.31 -7.02
C GLN A 36 8.85 2.45 -6.38
N VAL A 37 7.56 2.51 -6.74
CA VAL A 37 6.68 3.54 -6.21
C VAL A 37 5.22 3.10 -6.26
N LEU A 38 4.46 3.44 -5.23
CA LEU A 38 3.05 3.07 -5.18
C LEU A 38 2.16 4.31 -5.31
N HIS A 39 1.50 4.43 -6.46
CA HIS A 39 0.62 5.56 -6.71
C HIS A 39 -0.76 5.32 -6.11
N LEU A 40 -1.43 6.41 -5.74
CA LEU A 40 -2.76 6.32 -5.14
C LEU A 40 -3.74 7.25 -5.84
N GLN A 41 -4.97 6.79 -6.01
CA GLN A 41 -6.00 7.59 -6.68
C GLN A 41 -7.23 7.74 -5.78
N GLY A 42 -7.42 8.95 -5.25
CA GLY A 42 -8.56 9.19 -4.38
C GLY A 42 -9.15 10.58 -4.59
N GLY A 43 -10.24 10.87 -3.87
CA GLY A 43 -10.88 12.16 -3.99
C GLY A 43 -11.80 12.46 -2.82
N SER A 44 -11.22 12.92 -1.72
CA SER A 44 -11.98 13.24 -0.53
C SER A 44 -11.77 14.70 -0.12
N GLN A 45 -12.57 15.17 0.84
CA GLN A 45 -12.48 16.54 1.31
C GLN A 45 -11.04 16.88 1.69
N ASP A 46 -10.37 15.94 2.36
CA ASP A 46 -8.99 16.14 2.78
C ASP A 46 -8.08 16.38 1.58
N GLY A 47 -8.03 15.41 0.68
CA GLY A 47 -7.20 15.53 -0.50
C GLY A 47 -5.72 15.65 -0.17
N ARG A 48 -5.33 15.05 0.94
CA ARG A 48 -3.93 15.08 1.37
C ARG A 48 -3.36 13.68 1.51
N LEU A 49 -3.52 12.88 0.46
CA LEU A 49 -3.02 11.51 0.45
C LEU A 49 -1.73 11.40 -0.35
N PRO A 50 -0.74 10.69 0.22
CA PRO A 50 0.56 10.49 -0.44
C PRO A 50 0.41 10.05 -1.89
N ARG A 51 0.36 11.03 -2.80
CA ARG A 51 0.24 10.73 -4.22
C ARG A 51 1.11 9.54 -4.62
N THR A 52 2.31 9.50 -4.08
CA THR A 52 3.24 8.42 -4.38
C THR A 52 3.99 7.97 -3.12
N ILE A 53 4.36 6.69 -3.09
CA ILE A 53 5.07 6.14 -1.95
C ILE A 53 6.26 5.30 -2.40
N PRO A 54 7.47 5.73 -2.02
CA PRO A 54 8.71 5.02 -2.37
C PRO A 54 8.88 3.71 -1.61
N LEU A 55 8.39 2.63 -2.19
CA LEU A 55 8.48 1.31 -1.57
C LEU A 55 9.90 1.04 -1.07
N PRO A 56 10.88 1.33 -1.93
CA PRO A 56 12.30 1.13 -1.61
C PRO A 56 12.66 1.70 -0.23
N SER A 57 12.11 2.87 0.08
CA SER A 57 12.38 3.52 1.37
C SER A 57 11.22 3.33 2.32
N CYS A 58 10.41 2.30 2.08
CA CYS A 58 9.26 2.01 2.92
C CYS A 58 9.46 0.72 3.70
N LYS A 59 9.01 0.70 4.95
CA LYS A 59 9.13 -0.47 5.79
C LYS A 59 7.79 -1.18 5.96
N LEU A 60 7.70 -2.40 5.45
CA LEU A 60 6.48 -3.19 5.55
C LEU A 60 6.43 -3.98 6.86
N SER A 61 5.45 -3.66 7.70
CA SER A 61 5.31 -4.33 8.98
C SER A 61 3.82 -4.51 9.33
N VAL A 62 3.46 -5.72 9.73
CA VAL A 62 2.09 -6.03 10.10
C VAL A 62 1.85 -5.83 11.60
N PRO A 63 0.71 -5.23 11.95
CA PRO A 63 0.35 -4.98 13.34
C PRO A 63 -0.19 -6.22 14.04
N ASP A 64 -0.05 -6.25 15.37
CA ASP A 64 -0.53 -7.39 16.15
C ASP A 64 -2.03 -7.55 16.03
N PRO A 65 -2.52 -8.78 16.22
CA PRO A 65 -3.95 -9.10 16.13
C PRO A 65 -4.71 -8.67 17.38
N GLU A 66 -4.00 -8.07 18.32
CA GLU A 66 -4.61 -7.60 19.56
C GLU A 66 -5.19 -6.20 19.39
N GLU A 67 -4.69 -5.48 18.40
CA GLU A 67 -5.15 -4.12 18.14
C GLU A 67 -6.67 -4.09 17.96
N ARG A 68 -7.23 -2.89 17.88
CA ARG A 68 -8.67 -2.73 17.72
C ARG A 68 -8.99 -2.05 16.40
N LEU A 69 -8.36 -2.52 15.33
CA LEU A 69 -8.58 -1.97 14.00
C LEU A 69 -9.93 -2.42 13.44
N ASP A 70 -10.25 -1.92 12.25
CA ASP A 70 -11.52 -2.27 11.61
C ASP A 70 -11.40 -3.56 10.81
N SER A 71 -10.53 -3.54 9.80
CA SER A 71 -10.32 -4.72 8.96
C SER A 71 -9.46 -5.75 9.68
N GLY A 72 -9.37 -6.94 9.10
CA GLY A 72 -8.57 -8.01 9.69
C GLY A 72 -7.17 -8.06 9.15
N HIS A 73 -7.04 -7.92 7.83
CA HIS A 73 -5.72 -7.97 7.19
C HIS A 73 -5.32 -6.57 6.72
N VAL A 74 -4.40 -5.95 7.46
CA VAL A 74 -3.92 -4.62 7.12
C VAL A 74 -2.46 -4.43 7.54
N TRP A 75 -1.68 -3.80 6.68
CA TRP A 75 -0.27 -3.55 6.96
C TRP A 75 -0.02 -2.07 7.21
N LYS A 76 1.03 -1.77 7.97
CA LYS A 76 1.38 -0.39 8.28
C LYS A 76 2.64 0.03 7.51
N LEU A 77 2.64 1.26 7.03
CA LEU A 77 3.76 1.79 6.28
C LEU A 77 4.34 3.04 6.94
N GLN A 78 5.57 2.94 7.42
CA GLN A 78 6.23 4.07 8.09
C GLN A 78 7.49 4.47 7.34
N TRP A 79 7.48 5.67 6.77
CA TRP A 79 8.62 6.18 6.02
C TRP A 79 8.54 7.70 5.88
N ALA A 80 9.69 8.32 5.64
CA ALA A 80 9.76 9.76 5.49
C ALA A 80 8.96 10.47 6.57
N LYS A 81 9.00 9.93 7.78
CA LYS A 81 8.28 10.50 8.91
C LYS A 81 6.77 10.45 8.67
N GLN A 82 6.32 9.42 7.97
CA GLN A 82 4.91 9.25 7.68
C GLN A 82 4.37 7.95 8.28
N SER A 83 3.05 7.81 8.29
CA SER A 83 2.42 6.62 8.83
C SER A 83 1.00 6.45 8.28
N TRP A 84 0.83 5.46 7.41
CA TRP A 84 -0.46 5.18 6.81
C TRP A 84 -0.83 3.71 6.92
N TYR A 85 -2.11 3.43 7.13
CA TYR A 85 -2.58 2.05 7.25
C TYR A 85 -3.22 1.58 5.96
N LEU A 86 -2.75 0.44 5.45
CA LEU A 86 -3.27 -0.12 4.21
C LEU A 86 -3.94 -1.47 4.47
N SER A 87 -5.28 -1.47 4.46
CA SER A 87 -6.04 -2.68 4.70
C SER A 87 -6.41 -3.36 3.37
N ALA A 88 -6.51 -4.68 3.41
CA ALA A 88 -6.86 -5.45 2.21
C ALA A 88 -8.13 -6.26 2.43
N SER A 89 -8.83 -6.56 1.34
CA SER A 89 -10.07 -7.32 1.42
C SER A 89 -9.88 -8.60 2.22
N SER A 90 -8.71 -9.21 2.06
CA SER A 90 -8.39 -10.45 2.78
C SER A 90 -6.90 -10.76 2.70
N ALA A 91 -6.48 -11.78 3.43
CA ALA A 91 -5.08 -12.19 3.43
C ALA A 91 -4.56 -12.41 2.02
N GLU A 92 -5.29 -13.21 1.24
CA GLU A 92 -4.90 -13.51 -0.13
C GLU A 92 -4.49 -12.23 -0.86
N LEU A 93 -5.33 -11.21 -0.78
CA LEU A 93 -5.05 -9.93 -1.43
C LEU A 93 -3.98 -9.15 -0.67
N GLN A 94 -3.95 -9.33 0.65
CA GLN A 94 -2.98 -8.64 1.49
C GLN A 94 -1.55 -9.09 1.15
N GLN A 95 -1.41 -10.35 0.73
CA GLN A 95 -0.11 -10.89 0.37
C GLN A 95 0.40 -10.27 -0.92
N GLN A 96 -0.38 -10.40 -1.98
CA GLN A 96 0.00 -9.85 -3.28
C GLN A 96 0.51 -8.42 -3.14
N TRP A 97 -0.01 -7.70 -2.16
CA TRP A 97 0.39 -6.32 -1.92
C TRP A 97 1.66 -6.27 -1.08
N LEU A 98 1.71 -7.08 -0.03
CA LEU A 98 2.87 -7.12 0.85
C LEU A 98 4.12 -7.55 0.09
N GLU A 99 4.03 -8.67 -0.63
CA GLU A 99 5.15 -9.18 -1.41
C GLU A 99 5.59 -8.16 -2.45
N THR A 100 4.69 -7.86 -3.39
CA THR A 100 4.99 -6.90 -4.44
C THR A 100 5.69 -5.67 -3.89
N LEU A 101 5.17 -5.14 -2.79
CA LEU A 101 5.75 -3.95 -2.16
C LEU A 101 7.16 -4.23 -1.65
N SER A 102 7.28 -5.25 -0.81
CA SER A 102 8.58 -5.63 -0.25
C SER A 102 9.61 -5.82 -1.35
N THR A 103 9.33 -6.76 -2.26
CA THR A 103 10.23 -7.04 -3.37
C THR A 103 10.52 -5.78 -4.19
N ALA A 104 9.48 -4.98 -4.42
CA ALA A 104 9.62 -3.75 -5.19
C ALA A 104 10.49 -2.74 -4.45
N ALA A 105 10.87 -3.08 -3.21
CA ALA A 105 11.70 -2.21 -2.40
C ALA A 105 13.14 -2.73 -2.34
N HIS A 106 13.54 -3.45 -3.37
CA HIS A 106 14.89 -4.00 -3.43
C HIS A 106 15.78 -3.18 -4.37
N SER A 107 16.23 -2.03 -3.88
CA SER A 107 17.08 -1.15 -4.68
C SER A 107 18.42 -1.82 -4.99
N GLY A 108 18.92 -1.59 -6.20
CA GLY A 108 20.18 -2.18 -6.60
C GLY A 108 20.72 -1.57 -7.89
N PRO A 109 20.42 -2.22 -9.02
CA PRO A 109 20.87 -1.75 -10.34
C PRO A 109 20.65 -0.25 -10.53
N SER A 110 19.50 0.24 -10.09
CA SER A 110 19.17 1.65 -10.21
C SER A 110 19.62 2.19 -11.56
N SER A 111 19.40 1.40 -12.61
CA SER A 111 19.79 1.80 -13.95
C SER A 111 18.67 1.49 -14.95
N GLY A 112 18.83 1.99 -16.18
CA GLY A 112 17.83 1.75 -17.20
C GLY A 112 16.82 2.88 -17.29
N GLY A 1 -17.63 -10.27 -17.55
CA GLY A 1 -16.18 -10.42 -17.49
C GLY A 1 -15.47 -9.08 -17.36
N SER A 2 -14.53 -9.01 -16.41
CA SER A 2 -13.78 -7.78 -16.18
C SER A 2 -12.31 -7.98 -16.49
N SER A 3 -11.77 -7.16 -17.38
CA SER A 3 -10.38 -7.24 -17.77
C SER A 3 -9.52 -6.32 -16.91
N GLY A 4 -10.16 -5.65 -15.95
CA GLY A 4 -9.43 -4.75 -15.07
C GLY A 4 -8.87 -3.55 -15.81
N SER A 5 -7.56 -3.51 -15.96
CA SER A 5 -6.90 -2.39 -16.65
C SER A 5 -5.49 -2.80 -17.09
N SER A 6 -4.93 -2.02 -18.00
CA SER A 6 -3.58 -2.28 -18.51
C SER A 6 -2.60 -1.20 -18.06
N GLY A 7 -1.35 -1.60 -17.84
CA GLY A 7 -0.34 -0.66 -17.41
C GLY A 7 -0.30 -0.49 -15.91
N SER A 8 -0.19 -1.61 -15.19
CA SER A 8 -0.16 -1.58 -13.74
C SER A 8 0.31 -2.92 -13.17
N LEU A 9 1.53 -2.94 -12.66
CA LEU A 9 2.09 -4.16 -12.08
C LEU A 9 1.13 -4.80 -11.09
N LEU A 10 0.30 -3.97 -10.47
CA LEU A 10 -0.67 -4.44 -9.50
C LEU A 10 -1.58 -3.31 -9.03
N CYS A 11 -2.88 -3.47 -9.21
CA CYS A 11 -3.85 -2.46 -8.80
C CYS A 11 -5.08 -3.10 -8.17
N GLY A 12 -5.89 -2.29 -7.52
CA GLY A 12 -7.10 -2.80 -6.87
C GLY A 12 -7.54 -1.94 -5.71
N PRO A 13 -8.86 -1.82 -5.53
CA PRO A 13 -9.45 -1.02 -4.45
C PRO A 13 -8.79 -1.29 -3.10
N LEU A 14 -8.44 -0.22 -2.40
CA LEU A 14 -7.80 -0.33 -1.10
C LEU A 14 -8.31 0.75 -0.14
N ARG A 15 -7.99 0.60 1.13
CA ARG A 15 -8.41 1.55 2.15
C ARG A 15 -7.21 2.24 2.78
N LEU A 16 -7.47 3.32 3.51
CA LEU A 16 -6.40 4.08 4.17
C LEU A 16 -6.91 4.74 5.44
N SER A 17 -6.06 4.76 6.48
CA SER A 17 -6.43 5.36 7.75
C SER A 17 -5.18 5.73 8.54
N GLU A 18 -5.27 6.84 9.29
CA GLU A 18 -4.15 7.30 10.10
C GLU A 18 -4.30 6.85 11.54
N SER A 19 -3.27 6.18 12.05
CA SER A 19 -3.28 5.67 13.42
C SER A 19 -4.58 4.94 13.72
N GLY A 20 -5.10 4.25 12.71
CA GLY A 20 -6.35 3.51 12.88
C GLY A 20 -7.44 4.35 13.50
N GLU A 21 -7.89 5.37 12.78
CA GLU A 21 -8.94 6.25 13.27
C GLU A 21 -10.09 6.33 12.27
N THR A 22 -9.77 6.67 11.03
CA THR A 22 -10.77 6.78 9.98
C THR A 22 -10.30 6.10 8.69
N TRP A 23 -11.13 5.22 8.16
CA TRP A 23 -10.81 4.50 6.93
C TRP A 23 -11.57 5.08 5.75
N SER A 24 -10.87 5.30 4.64
CA SER A 24 -11.48 5.84 3.43
C SER A 24 -11.27 4.92 2.24
N GLU A 25 -11.92 5.23 1.13
CA GLU A 25 -11.81 4.43 -0.08
C GLU A 25 -10.82 5.06 -1.06
N VAL A 26 -9.80 4.30 -1.44
CA VAL A 26 -8.79 4.79 -2.36
C VAL A 26 -8.36 3.70 -3.34
N TRP A 27 -7.79 4.10 -4.46
CA TRP A 27 -7.33 3.15 -5.47
C TRP A 27 -5.82 3.07 -5.50
N ALA A 28 -5.28 1.87 -5.30
CA ALA A 28 -3.84 1.67 -5.30
C ALA A 28 -3.39 0.98 -6.59
N ALA A 29 -2.31 1.48 -7.18
CA ALA A 29 -1.78 0.92 -8.41
C ALA A 29 -0.33 1.31 -8.61
N ILE A 30 0.46 0.39 -9.16
CA ILE A 30 1.88 0.64 -9.41
C ILE A 30 2.14 0.86 -10.90
N PRO A 31 2.88 1.94 -11.21
CA PRO A 31 3.23 2.28 -12.60
C PRO A 31 4.39 1.45 -13.13
N MET A 32 4.12 0.64 -14.15
CA MET A 32 5.15 -0.20 -14.74
C MET A 32 6.46 0.57 -14.91
N SER A 33 6.35 1.77 -15.51
CA SER A 33 7.52 2.60 -15.74
C SER A 33 8.39 2.68 -14.49
N ASP A 34 7.75 2.74 -13.34
CA ASP A 34 8.46 2.82 -12.07
C ASP A 34 7.89 1.82 -11.06
N PRO A 35 8.48 0.62 -11.01
CA PRO A 35 8.06 -0.44 -10.10
C PRO A 35 8.53 -0.21 -8.67
N GLN A 36 9.16 0.94 -8.45
CA GLN A 36 9.67 1.29 -7.12
C GLN A 36 8.84 2.39 -6.48
N VAL A 37 7.56 2.44 -6.85
CA VAL A 37 6.66 3.45 -6.32
C VAL A 37 5.20 3.02 -6.47
N LEU A 38 4.40 3.29 -5.44
CA LEU A 38 2.99 2.93 -5.46
C LEU A 38 2.11 4.18 -5.51
N HIS A 39 1.45 4.40 -6.65
CA HIS A 39 0.58 5.55 -6.82
C HIS A 39 -0.76 5.34 -6.10
N LEU A 40 -1.38 6.43 -5.68
CA LEU A 40 -2.65 6.36 -4.99
C LEU A 40 -3.64 7.39 -5.54
N GLN A 41 -4.84 6.93 -5.86
CA GLN A 41 -5.88 7.81 -6.41
C GLN A 41 -7.02 7.99 -5.40
N GLY A 42 -7.33 9.25 -5.10
CA GLY A 42 -8.40 9.53 -4.17
C GLY A 42 -8.67 11.02 -4.03
N GLY A 43 -7.63 11.83 -4.23
CA GLY A 43 -7.79 13.27 -4.12
C GLY A 43 -6.51 13.95 -3.69
N SER A 44 -6.20 15.08 -4.31
CA SER A 44 -5.00 15.84 -3.98
C SER A 44 -5.31 16.97 -3.01
N GLN A 45 -6.17 17.88 -3.45
CA GLN A 45 -6.56 19.02 -2.61
C GLN A 45 -7.55 18.60 -1.54
N ASP A 46 -8.54 17.79 -1.93
CA ASP A 46 -9.55 17.31 -0.99
C ASP A 46 -8.93 16.96 0.35
N GLY A 47 -7.91 16.10 0.32
CA GLY A 47 -7.25 15.71 1.56
C GLY A 47 -5.74 15.67 1.42
N ARG A 48 -5.05 15.37 2.51
CA ARG A 48 -3.60 15.31 2.50
C ARG A 48 -3.11 13.89 2.20
N LEU A 49 -3.69 13.29 1.17
CA LEU A 49 -3.32 11.93 0.77
C LEU A 49 -2.02 11.94 -0.02
N PRO A 50 -1.18 10.91 0.19
CA PRO A 50 0.11 10.77 -0.50
C PRO A 50 -0.06 10.35 -1.96
N ARG A 51 0.25 11.25 -2.87
CA ARG A 51 0.14 10.97 -4.30
C ARG A 51 1.00 9.77 -4.68
N THR A 52 2.21 9.72 -4.14
CA THR A 52 3.13 8.63 -4.43
C THR A 52 3.79 8.11 -3.15
N ILE A 53 4.24 6.86 -3.19
CA ILE A 53 4.88 6.25 -2.04
C ILE A 53 6.13 5.48 -2.45
N PRO A 54 7.28 5.88 -1.88
CA PRO A 54 8.57 5.25 -2.18
C PRO A 54 8.73 3.90 -1.48
N LEU A 55 8.58 2.82 -2.24
CA LEU A 55 8.71 1.48 -1.69
C LEU A 55 10.13 1.23 -1.20
N PRO A 56 11.12 1.60 -2.02
CA PRO A 56 12.54 1.43 -1.69
C PRO A 56 12.87 1.91 -0.29
N SER A 57 12.12 2.91 0.19
CA SER A 57 12.33 3.46 1.51
C SER A 57 11.09 3.31 2.38
N CYS A 58 10.32 2.25 2.13
CA CYS A 58 9.11 2.00 2.88
C CYS A 58 9.28 0.82 3.82
N LYS A 59 8.77 0.97 5.05
CA LYS A 59 8.89 -0.09 6.05
C LYS A 59 7.56 -0.84 6.19
N LEU A 60 7.62 -2.16 5.99
CA LEU A 60 6.42 -3.00 6.10
C LEU A 60 6.36 -3.68 7.47
N SER A 61 5.33 -3.35 8.23
CA SER A 61 5.15 -3.93 9.55
C SER A 61 3.69 -4.24 9.82
N VAL A 62 3.37 -5.51 9.98
CA VAL A 62 2.00 -5.94 10.24
C VAL A 62 1.66 -5.82 11.72
N PRO A 63 0.43 -5.36 12.02
CA PRO A 63 -0.04 -5.19 13.40
C PRO A 63 -0.50 -6.50 14.02
N ASP A 64 -0.79 -6.46 15.32
CA ASP A 64 -1.24 -7.66 16.03
C ASP A 64 -2.76 -7.65 16.19
N PRO A 65 -3.36 -8.84 16.12
CA PRO A 65 -4.81 -9.01 16.26
C PRO A 65 -5.38 -8.21 17.42
N GLU A 66 -4.62 -8.15 18.51
CA GLU A 66 -5.05 -7.41 19.70
C GLU A 66 -5.59 -6.05 19.32
N GLU A 67 -4.94 -5.39 18.38
CA GLU A 67 -5.37 -4.06 17.94
C GLU A 67 -6.84 -4.06 17.58
N ARG A 68 -7.28 -5.10 16.88
CA ARG A 68 -8.68 -5.22 16.47
C ARG A 68 -9.11 -4.01 15.63
N LEU A 69 -8.29 -3.67 14.65
CA LEU A 69 -8.58 -2.55 13.77
C LEU A 69 -9.86 -2.79 12.98
N ASP A 70 -10.41 -1.72 12.41
CA ASP A 70 -11.63 -1.81 11.62
C ASP A 70 -11.61 -3.05 10.74
N SER A 71 -10.53 -3.22 9.98
CA SER A 71 -10.39 -4.36 9.09
C SER A 71 -9.65 -5.50 9.77
N GLY A 72 -9.52 -6.63 9.07
CA GLY A 72 -8.83 -7.78 9.64
C GLY A 72 -7.41 -7.91 9.12
N HIS A 73 -7.25 -7.86 7.80
CA HIS A 73 -5.94 -7.98 7.19
C HIS A 73 -5.43 -6.61 6.73
N VAL A 74 -4.49 -6.05 7.50
CA VAL A 74 -3.92 -4.75 7.16
C VAL A 74 -2.46 -4.66 7.61
N TRP A 75 -1.69 -3.84 6.91
CA TRP A 75 -0.28 -3.67 7.23
C TRP A 75 0.05 -2.20 7.47
N LYS A 76 1.09 -1.94 8.26
CA LYS A 76 1.51 -0.58 8.57
C LYS A 76 2.64 -0.14 7.64
N LEU A 77 2.69 1.16 7.35
CA LEU A 77 3.72 1.70 6.48
C LEU A 77 4.25 3.02 7.03
N GLN A 78 5.50 3.00 7.50
CA GLN A 78 6.13 4.18 8.05
C GLN A 78 7.36 4.59 7.23
N TRP A 79 7.33 5.79 6.69
CA TRP A 79 8.43 6.30 5.87
C TRP A 79 8.39 7.82 5.78
N ALA A 80 9.52 8.41 5.44
CA ALA A 80 9.61 9.86 5.31
C ALA A 80 8.87 10.56 6.45
N LYS A 81 8.95 10.00 7.65
CA LYS A 81 8.29 10.57 8.81
C LYS A 81 6.78 10.57 8.63
N GLN A 82 6.26 9.52 8.01
CA GLN A 82 4.83 9.41 7.77
C GLN A 82 4.28 8.12 8.37
N SER A 83 2.97 7.90 8.21
CA SER A 83 2.32 6.70 8.73
C SER A 83 0.94 6.52 8.11
N TRP A 84 0.77 5.42 7.39
CA TRP A 84 -0.50 5.11 6.75
C TRP A 84 -0.85 3.64 6.89
N TYR A 85 -2.13 3.35 7.07
CA TYR A 85 -2.58 1.97 7.22
C TYR A 85 -3.22 1.47 5.93
N LEU A 86 -2.67 0.39 5.39
CA LEU A 86 -3.19 -0.20 4.16
C LEU A 86 -3.87 -1.53 4.44
N SER A 87 -5.20 -1.53 4.41
CA SER A 87 -5.98 -2.73 4.65
C SER A 87 -6.36 -3.41 3.34
N ALA A 88 -6.33 -4.74 3.34
CA ALA A 88 -6.67 -5.51 2.15
C ALA A 88 -7.99 -6.26 2.34
N SER A 89 -8.70 -6.47 1.24
CA SER A 89 -9.98 -7.16 1.28
C SER A 89 -9.87 -8.46 2.09
N SER A 90 -8.74 -9.14 1.93
CA SER A 90 -8.51 -10.39 2.64
C SER A 90 -7.02 -10.77 2.61
N ALA A 91 -6.67 -11.84 3.31
CA ALA A 91 -5.29 -12.30 3.35
C ALA A 91 -4.73 -12.51 1.95
N GLU A 92 -5.44 -13.29 1.14
CA GLU A 92 -5.00 -13.57 -0.23
C GLU A 92 -4.61 -12.28 -0.94
N LEU A 93 -5.34 -11.20 -0.66
CA LEU A 93 -5.06 -9.91 -1.27
C LEU A 93 -4.00 -9.14 -0.49
N GLN A 94 -3.92 -9.43 0.81
CA GLN A 94 -2.95 -8.77 1.67
C GLN A 94 -1.53 -9.23 1.36
N GLN A 95 -1.41 -10.48 0.90
CA GLN A 95 -0.10 -11.03 0.56
C GLN A 95 0.37 -10.51 -0.79
N GLN A 96 -0.50 -10.60 -1.80
CA GLN A 96 -0.17 -10.13 -3.13
C GLN A 96 0.37 -8.70 -3.11
N TRP A 97 -0.05 -7.94 -2.10
CA TRP A 97 0.38 -6.56 -1.96
C TRP A 97 1.71 -6.48 -1.19
N LEU A 98 1.81 -7.25 -0.12
CA LEU A 98 3.02 -7.26 0.69
C LEU A 98 4.21 -7.78 -0.12
N GLU A 99 3.96 -8.78 -0.96
CA GLU A 99 5.01 -9.36 -1.78
C GLU A 99 5.50 -8.35 -2.82
N THR A 100 4.57 -7.89 -3.66
CA THR A 100 4.92 -6.92 -4.71
C THR A 100 5.65 -5.72 -4.13
N LEU A 101 5.26 -5.32 -2.93
CA LEU A 101 5.90 -4.18 -2.26
C LEU A 101 7.32 -4.52 -1.85
N SER A 102 7.48 -5.63 -1.14
CA SER A 102 8.79 -6.07 -0.67
C SER A 102 9.74 -6.28 -1.85
N THR A 103 9.24 -6.92 -2.90
CA THR A 103 10.04 -7.19 -4.09
C THR A 103 10.64 -5.90 -4.65
N ALA A 104 9.78 -4.92 -4.90
CA ALA A 104 10.23 -3.63 -5.43
C ALA A 104 11.20 -2.95 -4.47
N ALA A 105 10.74 -2.74 -3.24
CA ALA A 105 11.56 -2.09 -2.21
C ALA A 105 12.99 -2.62 -2.25
N HIS A 106 13.14 -3.93 -2.35
CA HIS A 106 14.46 -4.55 -2.40
C HIS A 106 14.82 -4.95 -3.82
N SER A 107 15.74 -4.21 -4.42
CA SER A 107 16.18 -4.49 -5.78
C SER A 107 17.45 -3.72 -6.12
N GLY A 108 18.53 -4.45 -6.36
CA GLY A 108 19.81 -3.82 -6.69
C GLY A 108 20.58 -3.40 -5.45
N PRO A 109 21.88 -3.16 -5.63
CA PRO A 109 22.77 -2.74 -4.53
C PRO A 109 22.14 -1.65 -3.66
N SER A 110 21.53 -2.06 -2.55
CA SER A 110 20.88 -1.13 -1.64
C SER A 110 21.83 0.01 -1.27
N SER A 111 21.27 1.10 -0.75
CA SER A 111 22.07 2.25 -0.35
C SER A 111 22.03 2.45 1.16
N GLY A 112 23.21 2.52 1.77
CA GLY A 112 23.29 2.70 3.21
C GLY A 112 24.27 1.76 3.87
N GLY A 1 -1.91 15.48 -17.78
CA GLY A 1 -3.02 14.80 -17.15
C GLY A 1 -3.57 13.66 -17.98
N SER A 2 -3.15 12.45 -17.67
CA SER A 2 -3.60 11.27 -18.41
C SER A 2 -4.91 10.73 -17.84
N SER A 3 -5.71 10.13 -18.70
CA SER A 3 -7.00 9.58 -18.29
C SER A 3 -7.37 8.37 -19.15
N GLY A 4 -7.86 7.32 -18.49
CA GLY A 4 -8.25 6.12 -19.21
C GLY A 4 -7.78 4.85 -18.53
N SER A 5 -7.07 4.01 -19.27
CA SER A 5 -6.56 2.76 -18.73
C SER A 5 -5.15 2.49 -19.22
N SER A 6 -4.33 1.88 -18.36
CA SER A 6 -2.95 1.57 -18.70
C SER A 6 -2.45 0.36 -17.91
N GLY A 7 -1.42 -0.30 -18.43
CA GLY A 7 -0.86 -1.45 -17.75
C GLY A 7 -0.30 -1.11 -16.39
N SER A 8 -0.52 -2.00 -15.43
CA SER A 8 -0.02 -1.78 -14.08
C SER A 8 0.28 -3.12 -13.38
N LEU A 9 1.50 -3.23 -12.85
CA LEU A 9 1.91 -4.45 -12.16
C LEU A 9 0.82 -4.95 -11.23
N LEU A 10 0.48 -4.13 -10.23
CA LEU A 10 -0.55 -4.49 -9.26
C LEU A 10 -1.49 -3.31 -9.00
N CYS A 11 -2.79 -3.56 -9.09
CA CYS A 11 -3.79 -2.52 -8.87
C CYS A 11 -4.95 -3.06 -8.04
N GLY A 12 -5.86 -2.16 -7.67
CA GLY A 12 -7.01 -2.56 -6.88
C GLY A 12 -7.37 -1.54 -5.81
N PRO A 13 -8.65 -1.46 -5.47
CA PRO A 13 -9.15 -0.52 -4.46
C PRO A 13 -8.74 -0.93 -3.04
N LEU A 14 -8.02 -0.05 -2.36
CA LEU A 14 -7.57 -0.32 -1.00
C LEU A 14 -8.05 0.77 -0.04
N ARG A 15 -7.97 0.48 1.26
CA ARG A 15 -8.40 1.43 2.27
C ARG A 15 -7.19 2.10 2.93
N LEU A 16 -7.41 3.28 3.50
CA LEU A 16 -6.34 4.02 4.16
C LEU A 16 -6.84 4.67 5.44
N SER A 17 -6.06 4.53 6.51
CA SER A 17 -6.43 5.10 7.81
C SER A 17 -5.20 5.60 8.54
N GLU A 18 -5.37 6.68 9.30
CA GLU A 18 -4.26 7.26 10.07
C GLU A 18 -4.31 6.80 11.52
N SER A 19 -3.33 5.96 11.89
CA SER A 19 -3.25 5.45 13.26
C SER A 19 -4.51 4.65 13.59
N GLY A 20 -5.04 3.92 12.61
CA GLY A 20 -6.23 3.13 12.84
C GLY A 20 -7.31 3.89 13.56
N GLU A 21 -7.76 4.99 12.96
CA GLU A 21 -8.81 5.82 13.56
C GLU A 21 -9.94 6.06 12.57
N THR A 22 -9.59 6.31 11.33
CA THR A 22 -10.58 6.55 10.28
C THR A 22 -10.15 5.94 8.95
N TRP A 23 -10.84 4.90 8.53
CA TRP A 23 -10.52 4.22 7.27
C TRP A 23 -11.32 4.82 6.12
N SER A 24 -10.65 5.05 5.00
CA SER A 24 -11.30 5.63 3.83
C SER A 24 -11.07 4.76 2.60
N GLU A 25 -11.79 5.06 1.53
CA GLU A 25 -11.67 4.30 0.28
C GLU A 25 -10.68 4.97 -0.67
N VAL A 26 -9.71 4.20 -1.14
CA VAL A 26 -8.70 4.71 -2.05
C VAL A 26 -8.31 3.66 -3.10
N TRP A 27 -7.67 4.12 -4.17
CA TRP A 27 -7.25 3.21 -5.24
C TRP A 27 -5.73 3.15 -5.33
N ALA A 28 -5.19 1.94 -5.32
CA ALA A 28 -3.75 1.73 -5.40
C ALA A 28 -3.35 1.09 -6.73
N ALA A 29 -2.36 1.66 -7.39
CA ALA A 29 -1.88 1.13 -8.66
C ALA A 29 -0.41 1.48 -8.89
N ILE A 30 0.36 0.48 -9.30
CA ILE A 30 1.79 0.68 -9.55
C ILE A 30 2.07 0.77 -11.04
N PRO A 31 2.82 1.81 -11.44
CA PRO A 31 3.18 2.03 -12.84
C PRO A 31 4.35 1.16 -13.29
N MET A 32 4.08 0.23 -14.20
CA MET A 32 5.10 -0.67 -14.71
C MET A 32 6.40 0.09 -14.99
N SER A 33 6.29 1.22 -15.69
CA SER A 33 7.45 2.03 -16.02
C SER A 33 8.39 2.14 -14.83
N ASP A 34 7.81 2.32 -13.64
CA ASP A 34 8.61 2.44 -12.42
C ASP A 34 8.04 1.55 -11.32
N PRO A 35 8.60 0.33 -11.19
CA PRO A 35 8.16 -0.64 -10.19
C PRO A 35 8.67 -0.30 -8.79
N GLN A 36 9.27 0.89 -8.66
CA GLN A 36 9.81 1.33 -7.38
C GLN A 36 8.97 2.48 -6.81
N VAL A 37 7.69 2.50 -7.17
CA VAL A 37 6.79 3.55 -6.69
C VAL A 37 5.33 3.11 -6.83
N LEU A 38 4.53 3.43 -5.82
CA LEU A 38 3.11 3.07 -5.82
C LEU A 38 2.24 4.32 -5.86
N HIS A 39 1.51 4.50 -6.95
CA HIS A 39 0.63 5.65 -7.10
C HIS A 39 -0.71 5.40 -6.43
N LEU A 40 -1.27 6.44 -5.82
CA LEU A 40 -2.55 6.34 -5.13
C LEU A 40 -3.54 7.36 -5.67
N GLN A 41 -4.82 7.00 -5.67
CA GLN A 41 -5.87 7.89 -6.16
C GLN A 41 -7.05 7.92 -5.21
N GLY A 42 -7.71 9.07 -5.10
CA GLY A 42 -8.85 9.19 -4.22
C GLY A 42 -9.88 10.18 -4.74
N GLY A 43 -10.19 11.20 -3.94
CA GLY A 43 -11.15 12.20 -4.35
C GLY A 43 -10.92 13.54 -3.69
N SER A 44 -12.00 14.24 -3.37
CA SER A 44 -11.90 15.55 -2.74
C SER A 44 -12.14 15.46 -1.24
N GLN A 45 -13.19 14.73 -0.86
CA GLN A 45 -13.53 14.55 0.55
C GLN A 45 -12.32 14.06 1.34
N ASP A 46 -11.61 13.09 0.79
CA ASP A 46 -10.44 12.53 1.44
C ASP A 46 -9.16 12.93 0.70
N GLY A 47 -8.65 14.11 1.01
CA GLY A 47 -7.44 14.59 0.36
C GLY A 47 -6.20 14.39 1.22
N ARG A 48 -5.14 15.13 0.91
CA ARG A 48 -3.90 15.05 1.67
C ARG A 48 -3.40 13.60 1.72
N LEU A 49 -3.55 12.89 0.60
CA LEU A 49 -3.11 11.50 0.53
C LEU A 49 -1.81 11.38 -0.27
N PRO A 50 -0.89 10.55 0.23
CA PRO A 50 0.42 10.32 -0.41
C PRO A 50 0.28 10.03 -1.90
N ARG A 51 0.54 11.04 -2.72
CA ARG A 51 0.45 10.90 -4.17
C ARG A 51 1.41 9.83 -4.67
N THR A 52 2.67 9.93 -4.25
CA THR A 52 3.69 8.99 -4.66
C THR A 52 4.36 8.35 -3.45
N ILE A 53 4.33 7.01 -3.39
CA ILE A 53 4.93 6.29 -2.29
C ILE A 53 6.20 5.57 -2.74
N PRO A 54 7.34 6.00 -2.19
CA PRO A 54 8.65 5.41 -2.52
C PRO A 54 8.86 4.05 -1.86
N LEU A 55 8.59 3.00 -2.64
CA LEU A 55 8.74 1.64 -2.13
C LEU A 55 10.15 1.41 -1.58
N PRO A 56 11.16 1.89 -2.32
CA PRO A 56 12.56 1.75 -1.93
C PRO A 56 12.79 2.15 -0.47
N SER A 57 11.84 2.89 0.10
CA SER A 57 11.95 3.34 1.48
C SER A 57 10.78 2.81 2.31
N CYS A 58 9.67 2.53 1.65
CA CYS A 58 8.48 2.01 2.32
C CYS A 58 8.85 0.90 3.30
N LYS A 59 8.24 0.93 4.48
CA LYS A 59 8.50 -0.07 5.49
C LYS A 59 7.22 -0.83 5.86
N LEU A 60 7.05 -2.01 5.27
CA LEU A 60 5.87 -2.83 5.53
C LEU A 60 6.03 -3.62 6.83
N SER A 61 5.02 -3.55 7.68
CA SER A 61 5.05 -4.26 8.95
C SER A 61 3.64 -4.58 9.43
N VAL A 62 3.40 -5.85 9.75
CA VAL A 62 2.10 -6.30 10.21
C VAL A 62 1.93 -6.04 11.72
N PRO A 63 0.78 -5.48 12.09
CA PRO A 63 0.47 -5.17 13.49
C PRO A 63 0.03 -6.41 14.28
N ASP A 64 0.11 -6.32 15.59
CA ASP A 64 -0.29 -7.42 16.46
C ASP A 64 -1.80 -7.65 16.41
N PRO A 65 -2.22 -8.89 16.71
CA PRO A 65 -3.64 -9.26 16.71
C PRO A 65 -4.40 -8.68 17.89
N GLU A 66 -3.66 -8.12 18.84
CA GLU A 66 -4.27 -7.52 20.03
C GLU A 66 -5.01 -6.25 19.68
N GLU A 67 -4.47 -5.48 18.73
CA GLU A 67 -5.09 -4.24 18.31
C GLU A 67 -6.58 -4.42 18.05
N ARG A 68 -7.31 -3.32 17.97
CA ARG A 68 -8.75 -3.36 17.74
C ARG A 68 -9.12 -2.62 16.46
N LEU A 69 -8.34 -2.86 15.40
CA LEU A 69 -8.58 -2.22 14.11
C LEU A 69 -9.98 -2.53 13.60
N ASP A 70 -10.29 -2.08 12.39
CA ASP A 70 -11.59 -2.32 11.78
C ASP A 70 -11.55 -3.55 10.88
N SER A 71 -10.56 -3.60 9.99
CA SER A 71 -10.42 -4.72 9.07
C SER A 71 -9.65 -5.86 9.72
N GLY A 72 -9.60 -6.99 9.03
CA GLY A 72 -8.89 -8.15 9.55
C GLY A 72 -7.48 -8.26 9.02
N HIS A 73 -7.32 -8.00 7.73
CA HIS A 73 -6.00 -8.08 7.09
C HIS A 73 -5.53 -6.69 6.66
N VAL A 74 -4.60 -6.12 7.43
CA VAL A 74 -4.06 -4.81 7.12
C VAL A 74 -2.61 -4.68 7.57
N TRP A 75 -1.83 -3.93 6.80
CA TRP A 75 -0.42 -3.74 7.11
C TRP A 75 -0.11 -2.27 7.38
N LYS A 76 0.93 -2.02 8.15
CA LYS A 76 1.34 -0.65 8.48
C LYS A 76 2.54 -0.22 7.65
N LEU A 77 2.43 0.95 7.03
CA LEU A 77 3.51 1.48 6.20
C LEU A 77 4.12 2.73 6.83
N GLN A 78 5.40 2.65 7.16
CA GLN A 78 6.11 3.76 7.77
C GLN A 78 7.33 4.15 6.95
N TRP A 79 7.30 5.34 6.38
CA TRP A 79 8.41 5.84 5.56
C TRP A 79 8.45 7.36 5.55
N ALA A 80 9.61 7.92 5.21
CA ALA A 80 9.77 9.37 5.15
C ALA A 80 9.07 10.04 6.33
N LYS A 81 9.22 9.46 7.52
CA LYS A 81 8.61 10.01 8.72
C LYS A 81 7.09 10.06 8.59
N GLN A 82 6.53 9.05 7.93
CA GLN A 82 5.09 8.98 7.73
C GLN A 82 4.52 7.66 8.26
N SER A 83 3.20 7.53 8.23
CA SER A 83 2.55 6.33 8.72
C SER A 83 1.14 6.21 8.15
N TRP A 84 0.89 5.13 7.40
CA TRP A 84 -0.41 4.89 6.80
C TRP A 84 -0.82 3.44 6.94
N TYR A 85 -2.10 3.21 7.18
CA TYR A 85 -2.63 1.85 7.33
C TYR A 85 -3.31 1.39 6.05
N LEU A 86 -2.78 0.33 5.45
CA LEU A 86 -3.35 -0.22 4.22
C LEU A 86 -4.04 -1.56 4.49
N SER A 87 -5.36 -1.56 4.41
CA SER A 87 -6.14 -2.77 4.64
C SER A 87 -6.55 -3.41 3.32
N ALA A 88 -6.63 -4.74 3.31
CA ALA A 88 -7.02 -5.48 2.11
C ALA A 88 -8.26 -6.33 2.37
N SER A 89 -9.02 -6.59 1.31
CA SER A 89 -10.24 -7.39 1.42
C SER A 89 -9.99 -8.63 2.27
N SER A 90 -8.89 -9.33 1.97
CA SER A 90 -8.54 -10.54 2.70
C SER A 90 -7.03 -10.72 2.76
N ALA A 91 -6.58 -11.79 3.41
CA ALA A 91 -5.16 -12.07 3.55
C ALA A 91 -4.52 -12.34 2.18
N GLU A 92 -5.21 -13.13 1.37
CA GLU A 92 -4.70 -13.47 0.03
C GLU A 92 -4.28 -12.21 -0.72
N LEU A 93 -5.18 -11.25 -0.79
CA LEU A 93 -4.90 -9.98 -1.48
C LEU A 93 -3.92 -9.13 -0.68
N GLN A 94 -3.97 -9.28 0.64
CA GLN A 94 -3.08 -8.52 1.52
C GLN A 94 -1.62 -8.88 1.28
N GLN A 95 -1.39 -10.14 0.91
CA GLN A 95 -0.04 -10.61 0.65
C GLN A 95 0.50 -10.04 -0.66
N GLN A 96 -0.22 -10.30 -1.75
CA GLN A 96 0.18 -9.81 -3.07
C GLN A 96 0.63 -8.35 -2.99
N TRP A 97 0.05 -7.61 -2.05
CA TRP A 97 0.38 -6.20 -1.88
C TRP A 97 1.66 -6.04 -1.06
N LEU A 98 1.80 -6.88 -0.03
CA LEU A 98 2.98 -6.82 0.83
C LEU A 98 4.21 -7.34 0.10
N GLU A 99 4.13 -8.57 -0.39
CA GLU A 99 5.24 -9.18 -1.11
C GLU A 99 5.71 -8.28 -2.25
N THR A 100 4.76 -7.77 -3.02
CA THR A 100 5.08 -6.89 -4.14
C THR A 100 5.68 -5.57 -3.67
N LEU A 101 5.07 -4.99 -2.63
CA LEU A 101 5.54 -3.73 -2.07
C LEU A 101 6.94 -3.88 -1.50
N SER A 102 7.07 -4.71 -0.46
CA SER A 102 8.36 -4.94 0.18
C SER A 102 9.41 -5.34 -0.85
N THR A 103 9.15 -6.45 -1.55
CA THR A 103 10.08 -6.94 -2.56
C THR A 103 10.51 -5.82 -3.50
N ALA A 104 9.54 -5.09 -4.03
CA ALA A 104 9.81 -3.98 -4.94
C ALA A 104 10.91 -3.08 -4.39
N ALA A 105 11.10 -3.13 -3.09
CA ALA A 105 12.12 -2.31 -2.43
C ALA A 105 13.45 -3.06 -2.35
N HIS A 106 13.72 -3.89 -3.34
CA HIS A 106 14.95 -4.67 -3.37
C HIS A 106 16.15 -3.81 -2.98
N SER A 107 16.78 -4.14 -1.86
CA SER A 107 17.93 -3.39 -1.37
C SER A 107 18.77 -2.87 -2.53
N GLY A 108 19.14 -1.60 -2.47
CA GLY A 108 19.94 -1.00 -3.53
C GLY A 108 20.62 0.27 -3.07
N PRO A 109 19.94 1.41 -3.26
CA PRO A 109 20.47 2.73 -2.88
C PRO A 109 21.09 2.72 -1.50
N SER A 110 22.13 3.54 -1.32
CA SER A 110 22.82 3.62 -0.04
C SER A 110 23.31 5.05 0.21
N SER A 111 23.67 5.33 1.47
CA SER A 111 24.15 6.65 1.85
C SER A 111 25.65 6.63 2.12
N GLY A 112 26.36 7.61 1.60
CA GLY A 112 27.79 7.69 1.80
C GLY A 112 28.54 6.59 1.05
N GLY A 1 -10.62 9.19 -16.91
CA GLY A 1 -11.79 9.24 -17.76
C GLY A 1 -12.38 7.87 -18.00
N SER A 2 -12.74 7.18 -16.94
CA SER A 2 -13.32 5.84 -17.04
C SER A 2 -12.55 5.00 -18.06
N SER A 3 -11.23 5.10 -18.01
CA SER A 3 -10.38 4.34 -18.93
C SER A 3 -10.49 2.84 -18.68
N GLY A 4 -10.32 2.05 -19.73
CA GLY A 4 -10.41 0.62 -19.60
C GLY A 4 -9.12 -0.01 -19.08
N SER A 5 -8.59 -0.97 -19.82
CA SER A 5 -7.36 -1.65 -19.42
C SER A 5 -6.38 -0.67 -18.80
N SER A 6 -5.87 -1.01 -17.62
CA SER A 6 -4.92 -0.16 -16.92
C SER A 6 -3.64 -0.91 -16.60
N GLY A 7 -2.53 -0.43 -17.15
CA GLY A 7 -1.24 -1.07 -16.92
C GLY A 7 -0.65 -0.72 -15.56
N SER A 8 -0.48 -1.73 -14.72
CA SER A 8 0.07 -1.52 -13.39
C SER A 8 0.47 -2.85 -12.74
N LEU A 9 1.74 -2.95 -12.38
CA LEU A 9 2.26 -4.17 -11.75
C LEU A 9 1.20 -4.80 -10.83
N LEU A 10 0.35 -3.96 -10.27
CA LEU A 10 -0.70 -4.43 -9.37
C LEU A 10 -1.62 -3.29 -8.94
N CYS A 11 -2.90 -3.42 -9.22
CA CYS A 11 -3.88 -2.40 -8.87
C CYS A 11 -5.12 -3.02 -8.23
N GLY A 12 -5.90 -2.20 -7.55
CA GLY A 12 -7.11 -2.69 -6.90
C GLY A 12 -7.54 -1.81 -5.73
N PRO A 13 -8.86 -1.69 -5.54
CA PRO A 13 -9.42 -0.89 -4.46
C PRO A 13 -8.77 -1.17 -3.11
N LEU A 14 -8.23 -0.12 -2.49
CA LEU A 14 -7.57 -0.25 -1.20
C LEU A 14 -8.13 0.74 -0.19
N ARG A 15 -7.84 0.52 1.09
CA ARG A 15 -8.32 1.39 2.15
C ARG A 15 -7.15 2.05 2.88
N LEU A 16 -7.35 3.28 3.32
CA LEU A 16 -6.30 4.02 4.03
C LEU A 16 -6.85 4.61 5.33
N SER A 17 -6.02 4.61 6.37
CA SER A 17 -6.42 5.14 7.67
C SER A 17 -5.20 5.54 8.49
N GLU A 18 -5.34 6.62 9.25
CA GLU A 18 -4.25 7.12 10.08
C GLU A 18 -4.41 6.65 11.53
N SER A 19 -3.41 5.93 12.04
CA SER A 19 -3.45 5.42 13.40
C SER A 19 -4.71 4.59 13.64
N GLY A 20 -5.13 3.86 12.61
CA GLY A 20 -6.33 3.04 12.73
C GLY A 20 -7.47 3.77 13.41
N GLU A 21 -7.86 4.91 12.85
CA GLU A 21 -8.95 5.70 13.41
C GLU A 21 -10.08 5.87 12.40
N THR A 22 -9.73 6.28 11.19
CA THR A 22 -10.71 6.48 10.13
C THR A 22 -10.25 5.84 8.82
N TRP A 23 -11.09 4.99 8.26
CA TRP A 23 -10.77 4.31 7.00
C TRP A 23 -11.53 4.94 5.84
N SER A 24 -10.81 5.17 4.73
CA SER A 24 -11.42 5.77 3.55
C SER A 24 -11.15 4.91 2.32
N GLU A 25 -12.09 4.94 1.37
CA GLU A 25 -11.96 4.17 0.15
C GLU A 25 -11.08 4.90 -0.86
N VAL A 26 -10.07 4.20 -1.38
CA VAL A 26 -9.16 4.78 -2.36
C VAL A 26 -8.75 3.74 -3.40
N TRP A 27 -7.88 4.16 -4.32
CA TRP A 27 -7.42 3.27 -5.38
C TRP A 27 -5.90 3.17 -5.37
N ALA A 28 -5.39 1.94 -5.43
CA ALA A 28 -3.95 1.71 -5.43
C ALA A 28 -3.49 1.10 -6.74
N ALA A 29 -2.39 1.61 -7.28
CA ALA A 29 -1.84 1.11 -8.53
C ALA A 29 -0.37 1.46 -8.66
N ILE A 30 0.42 0.50 -9.16
CA ILE A 30 1.85 0.72 -9.34
C ILE A 30 2.21 0.82 -10.82
N PRO A 31 3.02 1.84 -11.15
CA PRO A 31 3.46 2.07 -12.53
C PRO A 31 4.61 1.15 -12.95
N MET A 32 4.33 0.26 -13.89
CA MET A 32 5.35 -0.67 -14.37
C MET A 32 6.66 0.05 -14.65
N SER A 33 6.57 1.22 -15.28
CA SER A 33 7.75 2.00 -15.61
C SER A 33 8.61 2.24 -14.36
N ASP A 34 7.96 2.42 -13.23
CA ASP A 34 8.66 2.66 -11.97
C ASP A 34 8.08 1.78 -10.86
N PRO A 35 8.67 0.59 -10.69
CA PRO A 35 8.23 -0.37 -9.66
C PRO A 35 8.74 0.00 -8.27
N GLN A 36 9.27 1.22 -8.14
CA GLN A 36 9.79 1.69 -6.86
C GLN A 36 8.92 2.81 -6.30
N VAL A 37 7.64 2.81 -6.68
CA VAL A 37 6.71 3.82 -6.21
C VAL A 37 5.27 3.37 -6.41
N LEU A 38 4.47 3.49 -5.35
CA LEU A 38 3.07 3.10 -5.40
C LEU A 38 2.17 4.31 -5.54
N HIS A 39 1.57 4.48 -6.71
CA HIS A 39 0.68 5.60 -6.98
C HIS A 39 -0.69 5.36 -6.34
N LEU A 40 -1.28 6.42 -5.80
CA LEU A 40 -2.58 6.34 -5.16
C LEU A 40 -3.57 7.29 -5.81
N GLN A 41 -4.84 6.91 -5.84
CA GLN A 41 -5.88 7.73 -6.44
C GLN A 41 -7.17 7.64 -5.62
N GLY A 42 -7.70 8.81 -5.24
CA GLY A 42 -8.92 8.85 -4.47
C GLY A 42 -9.92 9.85 -5.00
N GLY A 43 -9.46 11.08 -5.24
CA GLY A 43 -10.33 12.12 -5.76
C GLY A 43 -10.90 12.99 -4.66
N SER A 44 -10.15 14.00 -4.24
CA SER A 44 -10.58 14.91 -3.19
C SER A 44 -9.79 16.21 -3.24
N GLN A 45 -10.32 17.24 -2.59
CA GLN A 45 -9.67 18.55 -2.57
C GLN A 45 -8.36 18.48 -1.78
N ASP A 46 -8.43 17.92 -0.58
CA ASP A 46 -7.25 17.80 0.28
C ASP A 46 -6.27 16.77 -0.30
N GLY A 47 -5.06 17.24 -0.61
CA GLY A 47 -4.05 16.36 -1.17
C GLY A 47 -3.27 15.63 -0.10
N ARG A 48 -3.91 15.39 1.05
CA ARG A 48 -3.27 14.70 2.16
C ARG A 48 -2.83 13.30 1.73
N LEU A 49 -3.69 12.59 1.02
CA LEU A 49 -3.40 11.24 0.56
C LEU A 49 -2.10 11.21 -0.25
N PRO A 50 -1.05 10.62 0.34
CA PRO A 50 0.26 10.52 -0.31
C PRO A 50 0.16 10.06 -1.75
N ARG A 51 0.18 11.03 -2.67
CA ARG A 51 0.09 10.72 -4.10
C ARG A 51 1.01 9.56 -4.46
N THR A 52 2.29 9.69 -4.14
CA THR A 52 3.26 8.65 -4.44
C THR A 52 3.95 8.16 -3.17
N ILE A 53 4.21 6.86 -3.10
CA ILE A 53 4.87 6.28 -1.95
C ILE A 53 6.15 5.54 -2.35
N PRO A 54 7.29 6.00 -1.81
CA PRO A 54 8.59 5.40 -2.10
C PRO A 54 8.78 4.06 -1.40
N LEU A 55 8.58 2.98 -2.13
CA LEU A 55 8.74 1.63 -1.57
C LEU A 55 10.17 1.40 -1.11
N PRO A 56 11.15 1.79 -1.95
CA PRO A 56 12.57 1.64 -1.65
C PRO A 56 12.92 2.14 -0.24
N SER A 57 12.22 3.17 0.20
CA SER A 57 12.45 3.74 1.53
C SER A 57 11.24 3.52 2.44
N CYS A 58 10.52 2.44 2.19
CA CYS A 58 9.33 2.12 2.99
C CYS A 58 9.58 0.89 3.85
N LYS A 59 9.06 0.91 5.08
CA LYS A 59 9.23 -0.20 6.00
C LYS A 59 7.91 -0.97 6.15
N LEU A 60 7.99 -2.29 5.99
CA LEU A 60 6.81 -3.14 6.12
C LEU A 60 6.71 -3.74 7.52
N SER A 61 5.56 -3.55 8.15
CA SER A 61 5.34 -4.07 9.50
C SER A 61 3.86 -4.33 9.75
N VAL A 62 3.52 -5.58 9.99
CA VAL A 62 2.13 -5.97 10.25
C VAL A 62 1.79 -5.81 11.73
N PRO A 63 0.58 -5.29 12.00
CA PRO A 63 0.09 -5.08 13.36
C PRO A 63 -0.41 -6.37 14.01
N ASP A 64 -0.58 -6.34 15.33
CA ASP A 64 -1.06 -7.51 16.06
C ASP A 64 -2.52 -7.33 16.47
N PRO A 65 -3.23 -8.45 16.60
CA PRO A 65 -4.65 -8.44 16.99
C PRO A 65 -4.93 -7.50 18.15
N GLU A 66 -3.99 -7.43 19.09
CA GLU A 66 -4.14 -6.56 20.26
C GLU A 66 -4.44 -5.12 19.83
N GLU A 67 -3.83 -4.70 18.73
CA GLU A 67 -4.02 -3.34 18.22
C GLU A 67 -5.51 -3.05 18.03
N ARG A 68 -5.81 -1.81 17.64
CA ARG A 68 -7.20 -1.40 17.42
C ARG A 68 -7.43 -1.00 15.98
N LEU A 69 -7.94 -1.94 15.18
CA LEU A 69 -8.22 -1.69 13.77
C LEU A 69 -9.64 -2.08 13.41
N ASP A 70 -9.99 -1.89 12.15
CA ASP A 70 -11.34 -2.23 11.67
C ASP A 70 -11.32 -3.51 10.85
N SER A 71 -10.58 -3.48 9.73
CA SER A 71 -10.48 -4.64 8.86
C SER A 71 -9.74 -5.78 9.54
N GLY A 72 -9.50 -6.86 8.80
CA GLY A 72 -8.80 -8.00 9.35
C GLY A 72 -7.38 -8.11 8.84
N HIS A 73 -7.18 -7.80 7.56
CA HIS A 73 -5.87 -7.87 6.95
C HIS A 73 -5.37 -6.47 6.56
N VAL A 74 -4.45 -5.93 7.35
CA VAL A 74 -3.90 -4.61 7.09
C VAL A 74 -2.45 -4.52 7.54
N TRP A 75 -1.65 -3.74 6.82
CA TRP A 75 -0.24 -3.57 7.15
C TRP A 75 0.09 -2.10 7.37
N LYS A 76 1.08 -1.84 8.23
CA LYS A 76 1.49 -0.48 8.52
C LYS A 76 2.68 -0.07 7.66
N LEU A 77 2.75 1.21 7.31
CA LEU A 77 3.85 1.73 6.50
C LEU A 77 4.39 3.03 7.07
N GLN A 78 5.63 2.98 7.53
CA GLN A 78 6.28 4.16 8.12
C GLN A 78 7.47 4.60 7.27
N TRP A 79 7.41 5.82 6.75
CA TRP A 79 8.49 6.35 5.92
C TRP A 79 8.41 7.88 5.86
N ALA A 80 9.55 8.51 5.55
CA ALA A 80 9.61 9.96 5.45
C ALA A 80 8.86 10.61 6.60
N LYS A 81 9.00 10.05 7.80
CA LYS A 81 8.33 10.59 8.98
C LYS A 81 6.82 10.58 8.81
N GLN A 82 6.31 9.56 8.12
CA GLN A 82 4.88 9.44 7.89
C GLN A 82 4.35 8.11 8.43
N SER A 83 3.04 7.93 8.36
CA SER A 83 2.40 6.71 8.84
C SER A 83 1.03 6.52 8.22
N TRP A 84 0.89 5.48 7.41
CA TRP A 84 -0.37 5.18 6.74
C TRP A 84 -0.69 3.70 6.81
N TYR A 85 -1.95 3.37 7.06
CA TYR A 85 -2.39 1.98 7.14
C TYR A 85 -3.02 1.52 5.83
N LEU A 86 -2.74 0.28 5.45
CA LEU A 86 -3.28 -0.27 4.22
C LEU A 86 -4.04 -1.57 4.50
N SER A 87 -5.36 -1.51 4.37
CA SER A 87 -6.21 -2.68 4.61
C SER A 87 -6.64 -3.32 3.29
N ALA A 88 -6.53 -4.63 3.21
CA ALA A 88 -6.92 -5.36 2.00
C ALA A 88 -8.25 -6.07 2.19
N SER A 89 -8.97 -6.30 1.10
CA SER A 89 -10.26 -6.96 1.14
C SER A 89 -10.16 -8.28 1.91
N SER A 90 -9.01 -8.93 1.82
CA SER A 90 -8.78 -10.19 2.50
C SER A 90 -7.30 -10.53 2.55
N ALA A 91 -6.98 -11.70 3.10
CA ALA A 91 -5.60 -12.14 3.22
C ALA A 91 -4.97 -12.37 1.85
N GLU A 92 -5.68 -13.10 1.00
CA GLU A 92 -5.19 -13.39 -0.35
C GLU A 92 -4.78 -12.10 -1.06
N LEU A 93 -5.45 -11.01 -0.73
CA LEU A 93 -5.16 -9.72 -1.34
C LEU A 93 -4.09 -8.96 -0.54
N GLN A 94 -4.01 -9.26 0.75
CA GLN A 94 -3.05 -8.62 1.63
C GLN A 94 -1.64 -9.10 1.32
N GLN A 95 -1.52 -10.36 0.89
CA GLN A 95 -0.22 -10.94 0.56
C GLN A 95 0.28 -10.42 -0.77
N GLN A 96 -0.55 -10.52 -1.80
CA GLN A 96 -0.18 -10.06 -3.14
C GLN A 96 0.39 -8.65 -3.08
N TRP A 97 -0.14 -7.83 -2.17
CA TRP A 97 0.32 -6.46 -2.02
C TRP A 97 1.64 -6.40 -1.27
N LEU A 98 1.72 -7.14 -0.17
CA LEU A 98 2.94 -7.18 0.64
C LEU A 98 4.11 -7.73 -0.17
N GLU A 99 3.95 -8.94 -0.69
CA GLU A 99 5.00 -9.57 -1.48
C GLU A 99 5.51 -8.63 -2.56
N THR A 100 4.59 -8.03 -3.30
CA THR A 100 4.95 -7.10 -4.37
C THR A 100 5.71 -5.91 -3.83
N LEU A 101 5.10 -5.19 -2.88
CA LEU A 101 5.72 -4.02 -2.28
C LEU A 101 7.14 -4.33 -1.83
N SER A 102 7.30 -5.43 -1.09
CA SER A 102 8.61 -5.83 -0.60
C SER A 102 9.56 -6.14 -1.76
N THR A 103 9.14 -7.03 -2.65
CA THR A 103 9.95 -7.41 -3.80
C THR A 103 10.48 -6.18 -4.52
N ALA A 104 9.59 -5.23 -4.79
CA ALA A 104 9.97 -4.00 -5.49
C ALA A 104 11.01 -3.22 -4.68
N ALA A 105 10.79 -3.13 -3.37
CA ALA A 105 11.70 -2.41 -2.49
C ALA A 105 13.08 -3.04 -2.49
N HIS A 106 13.13 -4.36 -2.27
CA HIS A 106 14.39 -5.08 -2.25
C HIS A 106 14.49 -6.03 -3.45
N SER A 107 15.51 -5.82 -4.28
CA SER A 107 15.71 -6.64 -5.46
C SER A 107 16.98 -7.51 -5.30
N GLY A 108 18.07 -6.87 -4.95
CA GLY A 108 19.33 -7.59 -4.77
C GLY A 108 20.47 -6.67 -4.40
N PRO A 109 21.04 -5.99 -5.40
CA PRO A 109 22.17 -5.08 -5.20
C PRO A 109 21.72 -3.74 -4.61
N SER A 110 22.52 -3.22 -3.69
CA SER A 110 22.20 -1.94 -3.05
C SER A 110 23.23 -0.87 -3.42
N SER A 111 22.77 0.37 -3.55
CA SER A 111 23.65 1.48 -3.90
C SER A 111 24.41 1.98 -2.67
N GLY A 112 25.37 2.87 -2.90
CA GLY A 112 26.16 3.42 -1.81
C GLY A 112 26.72 2.35 -0.91
N GLY A 1 -9.97 -11.45 -7.83
CA GLY A 1 -9.99 -10.00 -7.92
C GLY A 1 -10.12 -9.51 -9.35
N SER A 2 -10.31 -8.20 -9.50
CA SER A 2 -10.46 -7.61 -10.83
C SER A 2 -9.14 -7.70 -11.61
N SER A 3 -9.26 -7.70 -12.93
CA SER A 3 -8.08 -7.78 -13.80
C SER A 3 -8.13 -6.72 -14.89
N GLY A 4 -7.02 -6.01 -15.09
CA GLY A 4 -6.97 -4.98 -16.10
C GLY A 4 -5.72 -5.07 -16.95
N SER A 5 -4.56 -4.97 -16.30
CA SER A 5 -3.28 -5.04 -17.00
C SER A 5 -3.21 -3.99 -18.10
N SER A 6 -3.69 -2.79 -17.79
CA SER A 6 -3.68 -1.68 -18.75
C SER A 6 -2.35 -0.94 -18.71
N GLY A 7 -1.97 -0.49 -17.53
CA GLY A 7 -0.71 0.23 -17.37
C GLY A 7 -0.22 0.26 -15.93
N SER A 8 -0.31 -0.88 -15.26
CA SER A 8 0.12 -0.99 -13.88
C SER A 8 0.42 -2.44 -13.51
N LEU A 9 1.49 -2.64 -12.75
CA LEU A 9 1.89 -3.98 -12.33
C LEU A 9 0.84 -4.60 -11.43
N LEU A 10 0.38 -3.83 -10.45
CA LEU A 10 -0.64 -4.31 -9.50
C LEU A 10 -1.56 -3.18 -9.08
N CYS A 11 -2.85 -3.48 -8.98
CA CYS A 11 -3.83 -2.47 -8.58
C CYS A 11 -5.07 -3.14 -7.99
N GLY A 12 -5.93 -2.34 -7.37
CA GLY A 12 -7.15 -2.88 -6.78
C GLY A 12 -7.63 -2.05 -5.61
N PRO A 13 -8.97 -1.97 -5.44
CA PRO A 13 -9.58 -1.20 -4.36
C PRO A 13 -8.93 -1.46 -3.01
N LEU A 14 -8.53 -0.39 -2.33
CA LEU A 14 -7.88 -0.51 -1.03
C LEU A 14 -8.38 0.57 -0.08
N ARG A 15 -8.13 0.39 1.21
CA ARG A 15 -8.54 1.35 2.22
C ARG A 15 -7.34 1.92 2.97
N LEU A 16 -7.42 3.19 3.34
CA LEU A 16 -6.34 3.85 4.05
C LEU A 16 -6.85 4.48 5.34
N SER A 17 -5.98 4.55 6.36
CA SER A 17 -6.35 5.14 7.64
C SER A 17 -5.11 5.66 8.37
N GLU A 18 -5.30 6.70 9.16
CA GLU A 18 -4.20 7.30 9.92
C GLU A 18 -4.17 6.77 11.34
N SER A 19 -3.19 5.92 11.63
CA SER A 19 -3.05 5.34 12.96
C SER A 19 -4.29 4.54 13.33
N GLY A 20 -4.92 3.91 12.34
CA GLY A 20 -6.11 3.13 12.59
C GLY A 20 -7.21 3.92 13.26
N GLU A 21 -7.60 5.03 12.63
CA GLU A 21 -8.65 5.89 13.19
C GLU A 21 -9.81 6.01 12.21
N THR A 22 -9.54 6.55 11.03
CA THR A 22 -10.57 6.73 10.01
C THR A 22 -10.17 6.05 8.71
N TRP A 23 -10.99 5.12 8.26
CA TRP A 23 -10.72 4.39 7.02
C TRP A 23 -11.51 4.99 5.86
N SER A 24 -10.84 5.15 4.72
CA SER A 24 -11.48 5.72 3.54
C SER A 24 -11.22 4.85 2.31
N GLU A 25 -12.15 4.88 1.36
CA GLU A 25 -12.04 4.10 0.14
C GLU A 25 -11.12 4.80 -0.86
N VAL A 26 -10.03 4.13 -1.23
CA VAL A 26 -9.09 4.69 -2.19
C VAL A 26 -8.67 3.65 -3.22
N TRP A 27 -8.00 4.10 -4.28
CA TRP A 27 -7.55 3.20 -5.34
C TRP A 27 -6.03 3.23 -5.46
N ALA A 28 -5.41 2.07 -5.31
CA ALA A 28 -3.95 1.96 -5.41
C ALA A 28 -3.54 1.31 -6.72
N ALA A 29 -2.43 1.78 -7.28
CA ALA A 29 -1.93 1.25 -8.54
C ALA A 29 -0.45 1.61 -8.74
N ILE A 30 0.34 0.63 -9.14
CA ILE A 30 1.76 0.85 -9.36
C ILE A 30 2.05 1.05 -10.84
N PRO A 31 2.90 2.05 -11.15
CA PRO A 31 3.28 2.37 -12.54
C PRO A 31 4.35 1.43 -13.06
N MET A 32 3.99 0.60 -14.04
CA MET A 32 4.94 -0.33 -14.64
C MET A 32 6.28 0.33 -14.90
N SER A 33 6.24 1.54 -15.45
CA SER A 33 7.45 2.29 -15.75
C SER A 33 8.37 2.35 -14.54
N ASP A 34 7.78 2.49 -13.37
CA ASP A 34 8.54 2.56 -12.12
C ASP A 34 7.94 1.63 -11.06
N PRO A 35 8.48 0.42 -10.96
CA PRO A 35 8.01 -0.59 -10.00
C PRO A 35 8.52 -0.31 -8.60
N GLN A 36 9.28 0.77 -8.45
CA GLN A 36 9.84 1.15 -7.15
C GLN A 36 9.04 2.28 -6.53
N VAL A 37 7.75 2.36 -6.86
CA VAL A 37 6.87 3.40 -6.33
C VAL A 37 5.41 3.00 -6.48
N LEU A 38 4.62 3.33 -5.46
CA LEU A 38 3.20 3.02 -5.47
C LEU A 38 2.36 4.29 -5.53
N HIS A 39 1.64 4.47 -6.63
CA HIS A 39 0.79 5.64 -6.79
C HIS A 39 -0.60 5.41 -6.20
N LEU A 40 -1.28 6.50 -5.85
CA LEU A 40 -2.61 6.41 -5.27
C LEU A 40 -3.59 7.30 -6.02
N GLN A 41 -4.85 6.88 -6.06
CA GLN A 41 -5.89 7.65 -6.75
C GLN A 41 -7.11 7.85 -5.84
N GLY A 42 -7.24 9.04 -5.27
CA GLY A 42 -8.36 9.33 -4.40
C GLY A 42 -8.68 10.80 -4.34
N GLY A 43 -7.66 11.64 -4.43
CA GLY A 43 -7.86 13.07 -4.39
C GLY A 43 -8.59 13.52 -3.13
N SER A 44 -8.01 13.22 -1.98
CA SER A 44 -8.61 13.60 -0.71
C SER A 44 -7.84 14.73 -0.05
N GLN A 45 -8.57 15.69 0.51
CA GLN A 45 -7.96 16.83 1.16
C GLN A 45 -8.11 16.74 2.68
N ASP A 46 -9.13 16.00 3.12
CA ASP A 46 -9.38 15.83 4.55
C ASP A 46 -8.07 15.72 5.32
N GLY A 47 -7.18 14.85 4.86
CA GLY A 47 -5.91 14.67 5.54
C GLY A 47 -4.73 14.99 4.63
N ARG A 48 -3.63 14.29 4.84
CA ARG A 48 -2.43 14.49 4.04
C ARG A 48 -2.14 13.28 3.16
N LEU A 49 -3.15 12.85 2.40
CA LEU A 49 -3.00 11.70 1.52
C LEU A 49 -1.76 11.82 0.65
N PRO A 50 -0.87 10.82 0.75
CA PRO A 50 0.38 10.80 -0.01
C PRO A 50 0.17 10.41 -1.47
N ARG A 51 0.66 11.25 -2.38
CA ARG A 51 0.51 10.99 -3.81
C ARG A 51 1.44 9.87 -4.27
N THR A 52 2.74 10.04 -4.01
CA THR A 52 3.73 9.05 -4.39
C THR A 52 4.36 8.40 -3.17
N ILE A 53 4.37 7.08 -3.14
CA ILE A 53 4.95 6.34 -2.02
C ILE A 53 6.17 5.54 -2.45
N PRO A 54 7.36 5.99 -2.03
CA PRO A 54 8.62 5.32 -2.37
C PRO A 54 8.81 4.02 -1.61
N LEU A 55 8.62 2.91 -2.30
CA LEU A 55 8.76 1.59 -1.68
C LEU A 55 10.19 1.38 -1.18
N PRO A 56 11.18 1.75 -2.02
CA PRO A 56 12.59 1.62 -1.67
C PRO A 56 12.90 2.18 -0.28
N SER A 57 11.99 2.98 0.25
CA SER A 57 12.17 3.57 1.57
C SER A 57 11.03 3.19 2.50
N CYS A 58 9.94 2.70 1.92
CA CYS A 58 8.77 2.29 2.70
C CYS A 58 9.12 1.13 3.61
N LYS A 59 8.62 1.18 4.84
CA LYS A 59 8.88 0.13 5.82
C LYS A 59 7.63 -0.74 6.02
N LEU A 60 7.73 -2.00 5.66
CA LEU A 60 6.61 -2.93 5.81
C LEU A 60 6.54 -3.47 7.23
N SER A 61 5.39 -3.30 7.87
CA SER A 61 5.19 -3.78 9.23
C SER A 61 3.77 -4.26 9.43
N VAL A 62 3.59 -5.23 10.32
CA VAL A 62 2.28 -5.80 10.61
C VAL A 62 1.89 -5.54 12.06
N PRO A 63 0.62 -5.12 12.26
CA PRO A 63 0.10 -4.84 13.60
C PRO A 63 -0.31 -6.11 14.35
N ASP A 64 -0.67 -5.95 15.61
CA ASP A 64 -1.09 -7.08 16.43
C ASP A 64 -2.59 -7.07 16.66
N PRO A 65 -3.18 -8.27 16.79
CA PRO A 65 -4.62 -8.43 17.02
C PRO A 65 -5.16 -7.46 18.06
N GLU A 66 -4.37 -7.24 19.11
CA GLU A 66 -4.76 -6.34 20.19
C GLU A 66 -5.26 -5.01 19.63
N GLU A 67 -4.54 -4.48 18.64
CA GLU A 67 -4.92 -3.22 18.02
C GLU A 67 -6.43 -3.14 17.81
N ARG A 68 -7.04 -4.28 17.53
CA ARG A 68 -8.48 -4.34 17.31
C ARG A 68 -8.91 -3.31 16.27
N LEU A 69 -8.21 -3.30 15.13
CA LEU A 69 -8.52 -2.37 14.06
C LEU A 69 -9.91 -2.64 13.48
N ASP A 70 -10.27 -1.88 12.46
CA ASP A 70 -11.58 -2.03 11.81
C ASP A 70 -11.59 -3.26 10.90
N SER A 71 -10.53 -3.40 10.10
CA SER A 71 -10.42 -4.52 9.17
C SER A 71 -9.69 -5.69 9.82
N GLY A 72 -9.51 -6.76 9.05
CA GLY A 72 -8.83 -7.93 9.57
C GLY A 72 -7.40 -8.05 9.05
N HIS A 73 -7.23 -7.85 7.75
CA HIS A 73 -5.92 -7.93 7.12
C HIS A 73 -5.44 -6.55 6.68
N VAL A 74 -4.52 -5.98 7.44
CA VAL A 74 -3.98 -4.65 7.13
C VAL A 74 -2.52 -4.53 7.58
N TRP A 75 -1.73 -3.78 6.82
CA TRP A 75 -0.33 -3.59 7.14
C TRP A 75 -0.02 -2.11 7.35
N LYS A 76 1.00 -1.83 8.16
CA LYS A 76 1.40 -0.46 8.43
C LYS A 76 2.60 -0.05 7.58
N LEU A 77 2.64 1.22 7.18
CA LEU A 77 3.73 1.73 6.37
C LEU A 77 4.30 3.01 6.96
N GLN A 78 5.51 2.91 7.50
CA GLN A 78 6.18 4.07 8.10
C GLN A 78 7.41 4.46 7.30
N TRP A 79 7.40 5.67 6.76
CA TRP A 79 8.52 6.17 5.96
C TRP A 79 8.48 7.69 5.86
N ALA A 80 9.63 8.28 5.56
CA ALA A 80 9.73 9.73 5.44
C ALA A 80 8.98 10.44 6.56
N LYS A 81 9.08 9.89 7.77
CA LYS A 81 8.43 10.46 8.94
C LYS A 81 6.91 10.45 8.76
N GLN A 82 6.40 9.43 8.08
CA GLN A 82 4.97 9.30 7.85
C GLN A 82 4.45 7.97 8.39
N SER A 83 3.15 7.74 8.20
CA SER A 83 2.52 6.52 8.69
C SER A 83 1.12 6.36 8.10
N TRP A 84 0.92 5.27 7.36
CA TRP A 84 -0.37 5.00 6.73
C TRP A 84 -0.71 3.51 6.82
N TYR A 85 -1.98 3.21 7.11
CA TYR A 85 -2.43 1.84 7.23
C TYR A 85 -3.15 1.39 5.96
N LEU A 86 -2.72 0.24 5.42
CA LEU A 86 -3.33 -0.29 4.21
C LEU A 86 -4.03 -1.62 4.48
N SER A 87 -5.35 -1.61 4.40
CA SER A 87 -6.13 -2.81 4.64
C SER A 87 -6.57 -3.46 3.33
N ALA A 88 -6.48 -4.78 3.27
CA ALA A 88 -6.86 -5.52 2.08
C ALA A 88 -8.15 -6.32 2.31
N SER A 89 -8.90 -6.54 1.24
CA SER A 89 -10.14 -7.29 1.33
C SER A 89 -9.97 -8.56 2.15
N SER A 90 -8.84 -9.23 1.96
CA SER A 90 -8.55 -10.46 2.68
C SER A 90 -7.06 -10.79 2.63
N ALA A 91 -6.67 -11.86 3.31
CA ALA A 91 -5.27 -12.27 3.33
C ALA A 91 -4.72 -12.47 1.91
N GLU A 92 -5.47 -13.22 1.10
CA GLU A 92 -5.06 -13.49 -0.27
C GLU A 92 -4.65 -12.19 -0.98
N LEU A 93 -5.40 -11.13 -0.72
CA LEU A 93 -5.13 -9.83 -1.33
C LEU A 93 -4.07 -9.07 -0.54
N GLN A 94 -4.00 -9.34 0.76
CA GLN A 94 -3.05 -8.68 1.64
C GLN A 94 -1.62 -9.14 1.32
N GLN A 95 -1.49 -10.42 0.98
CA GLN A 95 -0.18 -10.99 0.67
C GLN A 95 0.32 -10.48 -0.67
N GLN A 96 -0.52 -10.56 -1.69
CA GLN A 96 -0.16 -10.09 -3.03
C GLN A 96 0.38 -8.67 -2.99
N TRP A 97 -0.13 -7.88 -2.04
CA TRP A 97 0.29 -6.49 -1.90
C TRP A 97 1.62 -6.41 -1.16
N LEU A 98 1.76 -7.21 -0.11
CA LEU A 98 2.98 -7.22 0.70
C LEU A 98 4.16 -7.71 -0.14
N GLU A 99 3.98 -8.84 -0.81
CA GLU A 99 5.02 -9.41 -1.64
C GLU A 99 5.52 -8.39 -2.67
N THR A 100 4.66 -8.04 -3.62
CA THR A 100 5.01 -7.08 -4.66
C THR A 100 5.76 -5.89 -4.07
N LEU A 101 5.20 -5.30 -3.03
CA LEU A 101 5.82 -4.15 -2.38
C LEU A 101 7.22 -4.49 -1.89
N SER A 102 7.34 -5.62 -1.18
CA SER A 102 8.62 -6.05 -0.65
C SER A 102 9.64 -6.23 -1.77
N THR A 103 9.23 -6.93 -2.83
CA THR A 103 10.11 -7.16 -3.97
C THR A 103 10.70 -5.87 -4.50
N ALA A 104 9.86 -4.83 -4.59
CA ALA A 104 10.30 -3.53 -5.07
C ALA A 104 11.05 -2.77 -3.99
N ALA A 105 10.92 -3.22 -2.75
CA ALA A 105 11.59 -2.58 -1.63
C ALA A 105 12.77 -3.42 -1.13
N HIS A 106 13.33 -4.23 -2.03
CA HIS A 106 14.46 -5.09 -1.69
C HIS A 106 15.55 -4.28 -0.99
N SER A 107 15.96 -3.18 -1.62
CA SER A 107 17.01 -2.33 -1.06
C SER A 107 18.18 -3.17 -0.56
N GLY A 108 18.48 -4.25 -1.28
CA GLY A 108 19.58 -5.12 -0.89
C GLY A 108 19.74 -6.30 -1.83
N PRO A 109 20.64 -6.15 -2.81
CA PRO A 109 20.92 -7.19 -3.80
C PRO A 109 21.77 -8.32 -3.23
N SER A 110 22.59 -7.99 -2.24
CA SER A 110 23.45 -8.98 -1.60
C SER A 110 23.02 -9.24 -0.17
N SER A 111 22.22 -10.28 0.03
CA SER A 111 21.73 -10.64 1.35
C SER A 111 22.60 -11.72 1.98
N GLY A 112 22.89 -12.75 1.20
CA GLY A 112 23.72 -13.84 1.70
C GLY A 112 22.95 -14.79 2.59
N GLY A 1 -11.61 -6.70 -28.13
CA GLY A 1 -10.64 -6.59 -29.20
C GLY A 1 -9.22 -6.66 -28.70
N SER A 2 -8.50 -5.53 -28.78
CA SER A 2 -7.12 -5.47 -28.34
C SER A 2 -6.93 -4.37 -27.29
N SER A 3 -7.89 -4.28 -26.37
CA SER A 3 -7.83 -3.27 -25.32
C SER A 3 -7.16 -3.84 -24.07
N GLY A 4 -6.26 -3.05 -23.48
CA GLY A 4 -5.56 -3.49 -22.28
C GLY A 4 -4.26 -4.19 -22.59
N SER A 5 -3.21 -3.40 -22.85
CA SER A 5 -1.90 -3.95 -23.16
C SER A 5 -0.97 -3.88 -21.95
N SER A 6 -0.88 -2.69 -21.36
CA SER A 6 -0.02 -2.48 -20.21
C SER A 6 -0.35 -1.17 -19.51
N GLY A 7 -0.12 -1.12 -18.20
CA GLY A 7 -0.40 0.08 -17.44
C GLY A 7 0.16 0.03 -16.03
N SER A 8 -0.39 -0.85 -15.21
CA SER A 8 0.06 -1.01 -13.84
C SER A 8 0.32 -2.46 -13.49
N LEU A 9 1.38 -2.72 -12.75
CA LEU A 9 1.74 -4.08 -12.36
C LEU A 9 0.68 -4.68 -11.44
N LEU A 10 0.40 -4.00 -10.34
CA LEU A 10 -0.60 -4.45 -9.38
C LEU A 10 -1.53 -3.32 -8.97
N CYS A 11 -2.83 -3.58 -8.99
CA CYS A 11 -3.82 -2.57 -8.62
C CYS A 11 -5.07 -3.22 -8.04
N GLY A 12 -5.87 -2.44 -7.32
CA GLY A 12 -7.08 -2.96 -6.72
C GLY A 12 -7.60 -2.09 -5.61
N PRO A 13 -8.93 -2.06 -5.44
CA PRO A 13 -9.58 -1.26 -4.40
C PRO A 13 -8.92 -1.44 -3.04
N LEU A 14 -8.44 -0.34 -2.46
CA LEU A 14 -7.79 -0.38 -1.15
C LEU A 14 -8.29 0.76 -0.26
N ARG A 15 -8.02 0.64 1.03
CA ARG A 15 -8.43 1.66 1.99
C ARG A 15 -7.23 2.31 2.66
N LEU A 16 -7.46 3.41 3.35
CA LEU A 16 -6.39 4.14 4.04
C LEU A 16 -6.91 4.81 5.30
N SER A 17 -6.11 4.79 6.35
CA SER A 17 -6.49 5.40 7.62
C SER A 17 -5.26 5.96 8.34
N GLU A 18 -5.45 7.07 9.05
CA GLU A 18 -4.36 7.70 9.78
C GLU A 18 -4.44 7.35 11.26
N SER A 19 -3.52 6.48 11.71
CA SER A 19 -3.48 6.06 13.10
C SER A 19 -4.70 5.21 13.45
N GLY A 20 -5.12 4.38 12.50
CA GLY A 20 -6.26 3.51 12.71
C GLY A 20 -7.40 4.23 13.42
N GLU A 21 -7.88 5.31 12.81
CA GLU A 21 -8.98 6.08 13.38
C GLU A 21 -10.13 6.21 12.40
N THR A 22 -9.81 6.54 11.15
CA THR A 22 -10.82 6.70 10.11
C THR A 22 -10.35 6.09 8.80
N TRP A 23 -11.10 5.10 8.30
CA TRP A 23 -10.77 4.44 7.06
C TRP A 23 -11.54 5.06 5.89
N SER A 24 -10.85 5.24 4.76
CA SER A 24 -11.47 5.82 3.58
C SER A 24 -11.20 4.95 2.34
N GLU A 25 -12.15 4.94 1.42
CA GLU A 25 -12.01 4.17 0.19
C GLU A 25 -11.08 4.86 -0.80
N VAL A 26 -10.05 4.14 -1.24
CA VAL A 26 -9.09 4.69 -2.19
C VAL A 26 -8.65 3.64 -3.20
N TRP A 27 -7.96 4.07 -4.24
CA TRP A 27 -7.49 3.17 -5.28
C TRP A 27 -5.96 3.17 -5.35
N ALA A 28 -5.36 1.99 -5.19
CA ALA A 28 -3.91 1.85 -5.24
C ALA A 28 -3.47 1.18 -6.54
N ALA A 29 -2.33 1.63 -7.06
CA ALA A 29 -1.79 1.07 -8.30
C ALA A 29 -0.32 1.44 -8.47
N ILE A 30 0.45 0.49 -9.00
CA ILE A 30 1.87 0.70 -9.20
C ILE A 30 2.19 0.87 -10.68
N PRO A 31 2.93 1.94 -11.01
CA PRO A 31 3.32 2.24 -12.40
C PRO A 31 4.51 1.41 -12.87
N MET A 32 4.35 0.75 -14.00
CA MET A 32 5.42 -0.09 -14.55
C MET A 32 6.70 0.72 -14.73
N SER A 33 6.58 1.88 -15.38
CA SER A 33 7.73 2.74 -15.62
C SER A 33 8.62 2.82 -14.38
N ASP A 34 8.00 2.89 -13.21
CA ASP A 34 8.74 2.97 -11.96
C ASP A 34 8.15 2.02 -10.93
N PRO A 35 8.73 0.81 -10.84
CA PRO A 35 8.29 -0.22 -9.90
C PRO A 35 8.77 0.05 -8.48
N GLN A 36 9.33 1.23 -8.26
CA GLN A 36 9.84 1.60 -6.94
C GLN A 36 8.96 2.69 -6.32
N VAL A 37 7.68 2.68 -6.66
CA VAL A 37 6.74 3.66 -6.13
C VAL A 37 5.30 3.18 -6.29
N LEU A 38 4.47 3.49 -5.30
CA LEU A 38 3.06 3.10 -5.32
C LEU A 38 2.16 4.31 -5.47
N HIS A 39 1.56 4.46 -6.64
CA HIS A 39 0.66 5.57 -6.91
C HIS A 39 -0.72 5.32 -6.32
N LEU A 40 -1.39 6.39 -5.92
CA LEU A 40 -2.72 6.29 -5.34
C LEU A 40 -3.71 7.18 -6.08
N GLN A 41 -4.99 6.81 -6.02
CA GLN A 41 -6.04 7.58 -6.68
C GLN A 41 -7.28 7.69 -5.81
N GLY A 42 -7.51 8.87 -5.25
CA GLY A 42 -8.66 9.07 -4.39
C GLY A 42 -9.37 10.39 -4.67
N GLY A 43 -9.71 11.12 -3.62
CA GLY A 43 -10.38 12.39 -3.78
C GLY A 43 -9.52 13.43 -4.48
N SER A 44 -10.15 14.26 -5.31
CA SER A 44 -9.44 15.29 -6.04
C SER A 44 -9.14 16.49 -5.15
N GLN A 45 -10.19 17.14 -4.67
CA GLN A 45 -10.05 18.30 -3.80
C GLN A 45 -9.09 18.01 -2.66
N ASP A 46 -9.30 16.88 -1.99
CA ASP A 46 -8.44 16.48 -0.87
C ASP A 46 -7.11 15.96 -1.38
N GLY A 47 -6.04 16.72 -1.11
CA GLY A 47 -4.72 16.31 -1.54
C GLY A 47 -3.88 15.75 -0.40
N ARG A 48 -4.53 15.05 0.52
CA ARG A 48 -3.84 14.46 1.66
C ARG A 48 -3.32 13.07 1.32
N LEU A 49 -4.00 12.38 0.42
CA LEU A 49 -3.61 11.05 0.01
C LEU A 49 -2.26 11.07 -0.71
N PRO A 50 -1.24 10.49 -0.07
CA PRO A 50 0.11 10.43 -0.63
C PRO A 50 0.13 9.92 -2.06
N ARG A 51 0.33 10.84 -3.00
CA ARG A 51 0.38 10.48 -4.42
C ARG A 51 1.32 9.31 -4.66
N THR A 52 2.55 9.44 -4.17
CA THR A 52 3.55 8.39 -4.33
C THR A 52 4.14 7.98 -2.99
N ILE A 53 4.41 6.69 -2.85
CA ILE A 53 4.99 6.16 -1.61
C ILE A 53 6.27 5.38 -1.88
N PRO A 54 7.42 6.04 -1.66
CA PRO A 54 8.73 5.44 -1.88
C PRO A 54 8.83 4.04 -1.28
N LEU A 55 8.66 3.03 -2.12
CA LEU A 55 8.72 1.64 -1.67
C LEU A 55 10.12 1.30 -1.16
N PRO A 56 11.15 1.74 -1.90
CA PRO A 56 12.54 1.49 -1.54
C PRO A 56 12.83 1.83 -0.08
N SER A 57 12.13 2.84 0.44
CA SER A 57 12.31 3.26 1.82
C SER A 57 11.16 2.77 2.69
N CYS A 58 9.98 2.66 2.09
CA CYS A 58 8.80 2.20 2.81
C CYS A 58 9.13 1.01 3.71
N LYS A 59 8.68 1.07 4.96
CA LYS A 59 8.93 0.00 5.92
C LYS A 59 7.70 -0.87 6.09
N LEU A 60 7.77 -2.10 5.59
CA LEU A 60 6.66 -3.04 5.69
C LEU A 60 6.64 -3.72 7.05
N SER A 61 5.49 -3.66 7.73
CA SER A 61 5.36 -4.27 9.05
C SER A 61 3.89 -4.52 9.37
N VAL A 62 3.58 -5.75 9.79
CA VAL A 62 2.21 -6.12 10.13
C VAL A 62 1.88 -5.74 11.57
N PRO A 63 0.83 -4.92 11.74
CA PRO A 63 0.38 -4.46 13.06
C PRO A 63 0.27 -5.61 14.06
N ASP A 64 0.18 -5.26 15.34
CA ASP A 64 0.06 -6.25 16.40
C ASP A 64 -1.38 -6.73 16.53
N PRO A 65 -1.55 -7.95 17.05
CA PRO A 65 -2.87 -8.55 17.26
C PRO A 65 -3.63 -7.91 18.41
N GLU A 66 -2.93 -7.13 19.22
CA GLU A 66 -3.53 -6.46 20.36
C GLU A 66 -4.34 -5.25 19.90
N GLU A 67 -3.88 -4.59 18.86
CA GLU A 67 -4.55 -3.41 18.33
C GLU A 67 -5.93 -3.78 17.80
N ARG A 68 -6.00 -4.88 17.05
CA ARG A 68 -7.26 -5.33 16.48
C ARG A 68 -7.97 -4.21 15.73
N LEU A 69 -7.24 -3.58 14.80
CA LEU A 69 -7.80 -2.49 14.01
C LEU A 69 -9.16 -2.86 13.44
N ASP A 70 -9.86 -1.88 12.87
CA ASP A 70 -11.17 -2.10 12.29
C ASP A 70 -11.14 -3.29 11.33
N SER A 71 -10.34 -3.17 10.27
CA SER A 71 -10.23 -4.23 9.29
C SER A 71 -9.59 -5.47 9.88
N GLY A 72 -9.48 -6.53 9.08
CA GLY A 72 -8.89 -7.77 9.56
C GLY A 72 -7.49 -7.96 9.04
N HIS A 73 -7.27 -7.63 7.78
CA HIS A 73 -5.95 -7.77 7.15
C HIS A 73 -5.42 -6.43 6.69
N VAL A 74 -4.47 -5.88 7.44
CA VAL A 74 -3.87 -4.59 7.09
C VAL A 74 -2.42 -4.52 7.55
N TRP A 75 -1.63 -3.75 6.82
CA TRP A 75 -0.20 -3.60 7.13
C TRP A 75 0.14 -2.14 7.39
N LYS A 76 1.18 -1.91 8.20
CA LYS A 76 1.61 -0.57 8.53
C LYS A 76 2.81 -0.16 7.68
N LEU A 77 2.80 1.10 7.23
CA LEU A 77 3.88 1.62 6.39
C LEU A 77 4.44 2.91 6.97
N GLN A 78 5.66 2.85 7.49
CA GLN A 78 6.30 4.02 8.07
C GLN A 78 7.49 4.46 7.23
N TRP A 79 7.43 5.68 6.73
CA TRP A 79 8.51 6.23 5.90
C TRP A 79 8.45 7.75 5.88
N ALA A 80 9.57 8.38 5.51
CA ALA A 80 9.65 9.83 5.44
C ALA A 80 8.93 10.48 6.61
N LYS A 81 9.05 9.86 7.78
CA LYS A 81 8.41 10.38 8.99
C LYS A 81 6.90 10.41 8.82
N GLN A 82 6.35 9.38 8.19
CA GLN A 82 4.91 9.29 7.97
C GLN A 82 4.36 7.97 8.50
N SER A 83 3.04 7.82 8.45
CA SER A 83 2.39 6.61 8.91
C SER A 83 1.02 6.43 8.26
N TRP A 84 0.91 5.45 7.38
CA TRP A 84 -0.35 5.18 6.69
C TRP A 84 -0.76 3.71 6.85
N TYR A 85 -2.05 3.48 7.03
CA TYR A 85 -2.56 2.12 7.19
C TYR A 85 -3.19 1.62 5.90
N LEU A 86 -2.63 0.55 5.35
CA LEU A 86 -3.13 -0.04 4.12
C LEU A 86 -3.83 -1.37 4.38
N SER A 87 -5.16 -1.35 4.35
CA SER A 87 -5.95 -2.55 4.60
C SER A 87 -6.33 -3.22 3.28
N ALA A 88 -6.32 -4.55 3.29
CA ALA A 88 -6.67 -5.32 2.09
C ALA A 88 -7.99 -6.07 2.28
N SER A 89 -8.67 -6.33 1.17
CA SER A 89 -9.95 -7.04 1.22
C SER A 89 -9.84 -8.31 2.08
N SER A 90 -8.75 -9.03 1.91
CA SER A 90 -8.52 -10.26 2.66
C SER A 90 -7.07 -10.70 2.58
N ALA A 91 -6.66 -11.57 3.49
CA ALA A 91 -5.29 -12.07 3.51
C ALA A 91 -4.75 -12.27 2.10
N GLU A 92 -5.42 -13.14 1.34
CA GLU A 92 -5.01 -13.43 -0.02
C GLU A 92 -4.56 -12.16 -0.73
N LEU A 93 -5.41 -11.14 -0.72
CA LEU A 93 -5.11 -9.87 -1.36
C LEU A 93 -4.00 -9.13 -0.60
N GLN A 94 -3.96 -9.33 0.72
CA GLN A 94 -2.96 -8.69 1.56
C GLN A 94 -1.56 -9.20 1.24
N GLN A 95 -1.50 -10.38 0.63
CA GLN A 95 -0.22 -10.97 0.27
C GLN A 95 0.31 -10.38 -1.03
N GLN A 96 -0.48 -10.46 -2.09
CA GLN A 96 -0.09 -9.93 -3.38
C GLN A 96 0.46 -8.50 -3.25
N TRP A 97 -0.01 -7.80 -2.23
CA TRP A 97 0.44 -6.43 -1.99
C TRP A 97 1.76 -6.41 -1.22
N LEU A 98 1.85 -7.22 -0.18
CA LEU A 98 3.06 -7.30 0.63
C LEU A 98 4.24 -7.80 -0.19
N GLU A 99 4.02 -8.91 -0.90
CA GLU A 99 5.07 -9.50 -1.73
C GLU A 99 5.53 -8.51 -2.80
N THR A 100 4.58 -7.97 -3.56
CA THR A 100 4.90 -7.01 -4.61
C THR A 100 5.67 -5.82 -4.06
N LEU A 101 5.18 -5.27 -2.94
CA LEU A 101 5.82 -4.12 -2.32
C LEU A 101 7.23 -4.48 -1.83
N SER A 102 7.34 -5.62 -1.15
CA SER A 102 8.62 -6.07 -0.62
C SER A 102 9.63 -6.26 -1.75
N THR A 103 9.21 -6.98 -2.80
CA THR A 103 10.07 -7.23 -3.94
C THR A 103 10.58 -5.93 -4.55
N ALA A 104 9.72 -4.91 -4.54
CA ALA A 104 10.09 -3.61 -5.10
C ALA A 104 10.93 -2.81 -4.11
N ALA A 105 10.78 -3.11 -2.83
CA ALA A 105 11.53 -2.43 -1.78
C ALA A 105 12.79 -3.19 -1.41
N HIS A 106 13.18 -4.13 -2.26
CA HIS A 106 14.36 -4.94 -2.03
C HIS A 106 15.41 -4.70 -3.12
N SER A 107 16.53 -5.40 -3.01
CA SER A 107 17.62 -5.26 -3.98
C SER A 107 18.10 -6.63 -4.46
N GLY A 108 18.24 -6.78 -5.77
CA GLY A 108 18.69 -8.04 -6.33
C GLY A 108 20.19 -8.05 -6.57
N PRO A 109 20.61 -7.54 -7.74
CA PRO A 109 22.02 -7.49 -8.11
C PRO A 109 22.77 -6.36 -7.41
N SER A 110 23.35 -6.69 -6.25
CA SER A 110 24.10 -5.71 -5.47
C SER A 110 25.43 -6.28 -5.01
N SER A 111 26.25 -5.44 -4.38
CA SER A 111 27.55 -5.86 -3.89
C SER A 111 27.41 -6.91 -2.80
N GLY A 112 27.36 -8.18 -3.21
CA GLY A 112 27.23 -9.26 -2.25
C GLY A 112 28.56 -9.90 -1.91
N GLY A 1 -10.13 -18.79 -11.49
CA GLY A 1 -8.95 -18.17 -10.91
C GLY A 1 -7.80 -18.08 -11.89
N SER A 2 -8.09 -17.62 -13.11
CA SER A 2 -7.08 -17.49 -14.14
C SER A 2 -6.48 -16.09 -14.15
N SER A 3 -5.16 -16.01 -14.30
CA SER A 3 -4.47 -14.73 -14.32
C SER A 3 -5.27 -13.69 -15.08
N GLY A 4 -5.40 -12.50 -14.50
CA GLY A 4 -6.15 -11.43 -15.13
C GLY A 4 -5.55 -10.06 -14.85
N SER A 5 -4.27 -9.90 -15.17
CA SER A 5 -3.58 -8.63 -14.95
C SER A 5 -3.08 -8.05 -16.26
N SER A 6 -3.40 -6.78 -16.50
CA SER A 6 -2.98 -6.11 -17.73
C SER A 6 -2.84 -4.60 -17.50
N GLY A 7 -1.61 -4.11 -17.54
CA GLY A 7 -1.36 -2.70 -17.33
C GLY A 7 -0.45 -2.43 -16.15
N SER A 8 -1.05 -2.09 -15.01
CA SER A 8 -0.28 -1.80 -13.81
C SER A 8 0.16 -3.09 -13.13
N LEU A 9 1.43 -3.14 -12.75
CA LEU A 9 1.99 -4.32 -12.09
C LEU A 9 0.98 -4.92 -11.12
N LEU A 10 0.52 -4.10 -10.18
CA LEU A 10 -0.45 -4.54 -9.19
C LEU A 10 -1.41 -3.41 -8.81
N CYS A 11 -2.70 -3.70 -8.88
CA CYS A 11 -3.72 -2.71 -8.54
C CYS A 11 -4.93 -3.37 -7.88
N GLY A 12 -5.83 -2.55 -7.34
CA GLY A 12 -7.01 -3.07 -6.69
C GLY A 12 -7.49 -2.18 -5.57
N PRO A 13 -8.82 -2.13 -5.37
CA PRO A 13 -9.42 -1.31 -4.32
C PRO A 13 -8.71 -1.45 -2.98
N LEU A 14 -8.20 -0.34 -2.46
CA LEU A 14 -7.49 -0.34 -1.18
C LEU A 14 -7.99 0.79 -0.28
N ARG A 15 -7.82 0.62 1.02
CA ARG A 15 -8.25 1.61 1.99
C ARG A 15 -7.05 2.21 2.72
N LEU A 16 -7.19 3.47 3.14
CA LEU A 16 -6.12 4.16 3.85
C LEU A 16 -6.64 4.79 5.14
N SER A 17 -5.80 4.82 6.16
CA SER A 17 -6.18 5.39 7.45
C SER A 17 -4.96 5.94 8.17
N GLU A 18 -5.16 7.05 8.89
CA GLU A 18 -4.06 7.68 9.64
C GLU A 18 -3.89 7.02 11.00
N SER A 19 -2.86 6.20 11.13
CA SER A 19 -2.59 5.51 12.39
C SER A 19 -3.78 4.66 12.81
N GLY A 20 -4.54 4.20 11.83
CA GLY A 20 -5.71 3.38 12.12
C GLY A 20 -6.79 4.15 12.83
N GLU A 21 -7.06 5.37 12.38
CA GLU A 21 -8.08 6.21 12.98
C GLU A 21 -9.29 6.36 12.06
N THR A 22 -9.08 6.98 10.91
CA THR A 22 -10.14 7.19 9.94
C THR A 22 -9.83 6.50 8.61
N TRP A 23 -10.62 5.49 8.27
CA TRP A 23 -10.42 4.75 7.03
C TRP A 23 -11.19 5.39 5.88
N SER A 24 -10.56 5.48 4.72
CA SER A 24 -11.19 6.08 3.55
C SER A 24 -10.97 5.22 2.31
N GLU A 25 -11.91 5.27 1.39
CA GLU A 25 -11.83 4.49 0.16
C GLU A 25 -10.85 5.12 -0.82
N VAL A 26 -9.94 4.31 -1.35
CA VAL A 26 -8.95 4.79 -2.30
C VAL A 26 -8.53 3.69 -3.28
N TRP A 27 -7.79 4.06 -4.30
CA TRP A 27 -7.32 3.11 -5.30
C TRP A 27 -5.81 3.07 -5.36
N ALA A 28 -5.24 1.89 -5.11
CA ALA A 28 -3.79 1.72 -5.14
C ALA A 28 -3.34 0.99 -6.41
N ALA A 29 -2.42 1.62 -7.14
CA ALA A 29 -1.91 1.03 -8.38
C ALA A 29 -0.45 1.41 -8.60
N ILE A 30 0.33 0.48 -9.11
CA ILE A 30 1.74 0.72 -9.38
C ILE A 30 2.00 0.87 -10.87
N PRO A 31 2.65 1.99 -11.25
CA PRO A 31 2.98 2.28 -12.64
C PRO A 31 4.18 1.49 -13.14
N MET A 32 3.98 0.70 -14.19
CA MET A 32 5.05 -0.10 -14.76
C MET A 32 6.31 0.73 -14.97
N SER A 33 6.15 1.87 -15.63
CA SER A 33 7.27 2.76 -15.89
C SER A 33 8.20 2.85 -14.69
N ASP A 34 7.61 2.91 -13.50
CA ASP A 34 8.38 3.00 -12.27
C ASP A 34 7.83 2.03 -11.22
N PRO A 35 8.40 0.82 -11.18
CA PRO A 35 7.99 -0.21 -10.22
C PRO A 35 8.52 0.04 -8.82
N GLN A 36 9.05 1.24 -8.61
CA GLN A 36 9.60 1.61 -7.31
C GLN A 36 8.77 2.71 -6.66
N VAL A 37 7.48 2.75 -7.00
CA VAL A 37 6.58 3.76 -6.45
C VAL A 37 5.12 3.32 -6.57
N LEU A 38 4.35 3.54 -5.52
CA LEU A 38 2.94 3.17 -5.50
C LEU A 38 2.05 4.42 -5.53
N HIS A 39 1.36 4.61 -6.65
CA HIS A 39 0.47 5.75 -6.81
C HIS A 39 -0.86 5.50 -6.10
N LEU A 40 -1.43 6.56 -5.54
CA LEU A 40 -2.71 6.46 -4.83
C LEU A 40 -3.72 7.46 -5.38
N GLN A 41 -4.90 6.97 -5.73
CA GLN A 41 -5.95 7.82 -6.27
C GLN A 41 -7.11 7.94 -5.29
N GLY A 42 -7.84 9.05 -5.37
CA GLY A 42 -8.96 9.27 -4.48
C GLY A 42 -9.77 10.50 -4.86
N GLY A 43 -10.75 10.83 -4.02
CA GLY A 43 -11.58 12.00 -4.29
C GLY A 43 -10.87 13.30 -4.02
N SER A 44 -11.43 14.41 -4.48
CA SER A 44 -10.84 15.72 -4.29
C SER A 44 -11.43 16.41 -3.07
N GLN A 45 -11.56 15.66 -1.98
CA GLN A 45 -12.11 16.20 -0.74
C GLN A 45 -11.00 16.61 0.22
N ASP A 46 -9.94 15.79 0.28
CA ASP A 46 -8.82 16.07 1.16
C ASP A 46 -7.58 16.46 0.35
N GLY A 47 -7.12 15.53 -0.49
CA GLY A 47 -5.94 15.79 -1.31
C GLY A 47 -4.65 15.48 -0.57
N ARG A 48 -4.55 15.94 0.67
CA ARG A 48 -3.35 15.71 1.47
C ARG A 48 -2.82 14.29 1.26
N LEU A 49 -3.73 13.34 1.09
CA LEU A 49 -3.36 11.94 0.89
C LEU A 49 -2.10 11.84 0.04
N PRO A 50 -1.12 11.07 0.53
CA PRO A 50 0.14 10.86 -0.17
C PRO A 50 -0.06 10.52 -1.65
N ARG A 51 0.32 11.44 -2.52
CA ARG A 51 0.18 11.24 -3.95
C ARG A 51 1.01 10.05 -4.42
N THR A 52 2.25 9.96 -3.91
CA THR A 52 3.14 8.87 -4.27
C THR A 52 3.88 8.34 -3.06
N ILE A 53 4.16 7.03 -3.06
CA ILE A 53 4.86 6.41 -1.95
C ILE A 53 6.09 5.65 -2.44
N PRO A 54 7.27 6.07 -1.97
CA PRO A 54 8.54 5.44 -2.34
C PRO A 54 8.75 4.10 -1.66
N LEU A 55 8.48 3.02 -2.39
CA LEU A 55 8.63 1.67 -1.86
C LEU A 55 10.06 1.43 -1.38
N PRO A 56 11.03 1.85 -2.19
CA PRO A 56 12.45 1.71 -1.86
C PRO A 56 12.78 2.17 -0.45
N SER A 57 11.89 2.98 0.11
CA SER A 57 12.08 3.51 1.46
C SER A 57 10.96 3.06 2.38
N CYS A 58 9.81 2.72 1.79
CA CYS A 58 8.66 2.28 2.56
C CYS A 58 9.03 1.11 3.48
N LYS A 59 8.57 1.19 4.72
CA LYS A 59 8.85 0.14 5.70
C LYS A 59 7.63 -0.76 5.89
N LEU A 60 7.74 -1.99 5.42
CA LEU A 60 6.65 -2.96 5.55
C LEU A 60 6.68 -3.64 6.91
N SER A 61 5.54 -3.60 7.60
CA SER A 61 5.43 -4.21 8.92
C SER A 61 3.97 -4.47 9.28
N VAL A 62 3.70 -5.65 9.82
CA VAL A 62 2.34 -6.01 10.21
C VAL A 62 2.04 -5.58 11.64
N PRO A 63 0.84 -5.04 11.85
CA PRO A 63 0.40 -4.58 13.17
C PRO A 63 -0.04 -5.73 14.08
N ASP A 64 -0.31 -5.42 15.34
CA ASP A 64 -0.74 -6.41 16.31
C ASP A 64 -2.22 -6.27 16.64
N PRO A 65 -2.91 -7.40 16.84
CA PRO A 65 -4.33 -7.42 17.16
C PRO A 65 -4.69 -6.43 18.27
N GLU A 66 -3.75 -6.25 19.20
CA GLU A 66 -3.97 -5.33 20.33
C GLU A 66 -4.26 -3.92 19.83
N GLU A 67 -3.68 -3.57 18.68
CA GLU A 67 -3.87 -2.25 18.10
C GLU A 67 -5.35 -1.99 17.82
N ARG A 68 -5.65 -0.77 17.37
CA ARG A 68 -7.02 -0.40 17.06
C ARG A 68 -7.22 -0.21 15.56
N LEU A 69 -7.78 -1.24 14.92
CA LEU A 69 -8.02 -1.19 13.49
C LEU A 69 -9.47 -1.56 13.16
N ASP A 70 -9.85 -1.42 11.90
CA ASP A 70 -11.20 -1.75 11.45
C ASP A 70 -11.22 -3.06 10.70
N SER A 71 -10.59 -3.08 9.52
CA SER A 71 -10.54 -4.27 8.69
C SER A 71 -9.77 -5.39 9.39
N GLY A 72 -9.74 -6.56 8.77
CA GLY A 72 -9.04 -7.70 9.35
C GLY A 72 -7.62 -7.80 8.85
N HIS A 73 -7.44 -7.83 7.53
CA HIS A 73 -6.12 -7.93 6.94
C HIS A 73 -5.59 -6.55 6.52
N VAL A 74 -4.67 -6.01 7.31
CA VAL A 74 -4.10 -4.70 7.04
C VAL A 74 -2.65 -4.63 7.51
N TRP A 75 -1.84 -3.85 6.81
CA TRP A 75 -0.43 -3.68 7.16
C TRP A 75 -0.11 -2.23 7.46
N LYS A 76 1.09 -1.99 7.99
CA LYS A 76 1.51 -0.64 8.33
C LYS A 76 2.72 -0.22 7.48
N LEU A 77 2.74 1.04 7.07
CA LEU A 77 3.82 1.56 6.25
C LEU A 77 4.39 2.83 6.86
N GLN A 78 5.60 2.75 7.39
CA GLN A 78 6.26 3.90 8.00
C GLN A 78 7.47 4.33 7.18
N TRP A 79 7.43 5.57 6.69
CA TRP A 79 8.53 6.11 5.89
C TRP A 79 8.49 7.62 5.86
N ALA A 80 9.62 8.24 5.55
CA ALA A 80 9.72 9.70 5.49
C ALA A 80 8.99 10.34 6.67
N LYS A 81 9.12 9.74 7.85
CA LYS A 81 8.48 10.26 9.05
C LYS A 81 6.95 10.27 8.88
N GLN A 82 6.44 9.25 8.20
CA GLN A 82 4.99 9.15 7.98
C GLN A 82 4.47 7.79 8.44
N SER A 83 3.15 7.68 8.56
CA SER A 83 2.52 6.44 9.00
C SER A 83 1.14 6.28 8.39
N TRP A 84 1.00 5.32 7.48
CA TRP A 84 -0.27 5.07 6.82
C TRP A 84 -0.64 3.59 6.87
N TYR A 85 -1.92 3.31 7.06
CA TYR A 85 -2.39 1.93 7.14
C TYR A 85 -3.11 1.53 5.85
N LEU A 86 -2.85 0.31 5.38
CA LEU A 86 -3.48 -0.18 4.16
C LEU A 86 -4.14 -1.54 4.41
N SER A 87 -5.46 -1.57 4.34
CA SER A 87 -6.21 -2.80 4.55
C SER A 87 -6.63 -3.41 3.22
N ALA A 88 -6.50 -4.73 3.12
CA ALA A 88 -6.87 -5.45 1.91
C ALA A 88 -8.20 -6.18 2.08
N SER A 89 -8.90 -6.40 0.97
CA SER A 89 -10.18 -7.08 1.00
C SER A 89 -10.12 -8.35 1.83
N SER A 90 -9.00 -9.08 1.69
CA SER A 90 -8.80 -10.32 2.43
C SER A 90 -7.32 -10.67 2.52
N ALA A 91 -7.03 -11.81 3.13
CA ALA A 91 -5.65 -12.25 3.29
C ALA A 91 -4.99 -12.52 1.94
N GLU A 92 -5.69 -13.28 1.09
CA GLU A 92 -5.17 -13.61 -0.23
C GLU A 92 -4.70 -12.34 -0.96
N LEU A 93 -5.48 -11.28 -0.86
CA LEU A 93 -5.14 -10.01 -1.50
C LEU A 93 -4.10 -9.26 -0.69
N GLN A 94 -4.11 -9.45 0.63
CA GLN A 94 -3.16 -8.79 1.51
C GLN A 94 -1.74 -9.28 1.25
N GLN A 95 -1.62 -10.50 0.72
CA GLN A 95 -0.32 -11.08 0.42
C GLN A 95 0.27 -10.49 -0.86
N GLN A 96 -0.52 -10.53 -1.94
CA GLN A 96 -0.07 -9.99 -3.21
C GLN A 96 0.45 -8.58 -3.06
N TRP A 97 -0.08 -7.85 -2.09
CA TRP A 97 0.33 -6.48 -1.83
C TRP A 97 1.63 -6.43 -1.05
N LEU A 98 1.76 -7.32 -0.07
CA LEU A 98 2.96 -7.38 0.75
C LEU A 98 4.16 -7.86 -0.07
N GLU A 99 4.00 -9.00 -0.73
CA GLU A 99 5.07 -9.56 -1.54
C GLU A 99 5.56 -8.55 -2.58
N THR A 100 4.65 -8.10 -3.44
CA THR A 100 4.98 -7.14 -4.47
C THR A 100 5.75 -5.95 -3.89
N LEU A 101 5.15 -5.30 -2.91
CA LEU A 101 5.78 -4.14 -2.26
C LEU A 101 7.18 -4.49 -1.78
N SER A 102 7.28 -5.47 -0.90
CA SER A 102 8.57 -5.90 -0.36
C SER A 102 9.59 -6.06 -1.48
N THR A 103 9.26 -6.86 -2.48
CA THR A 103 10.15 -7.10 -3.60
C THR A 103 10.70 -5.80 -4.15
N ALA A 104 9.85 -4.78 -4.24
CA ALA A 104 10.25 -3.48 -4.74
C ALA A 104 11.15 -2.75 -3.73
N ALA A 105 10.68 -2.66 -2.50
CA ALA A 105 11.44 -1.99 -1.45
C ALA A 105 12.86 -2.52 -1.38
N HIS A 106 13.00 -3.84 -1.31
CA HIS A 106 14.32 -4.47 -1.25
C HIS A 106 15.01 -4.41 -2.59
N SER A 107 15.70 -3.30 -2.86
CA SER A 107 16.41 -3.12 -4.12
C SER A 107 17.92 -3.35 -3.94
N GLY A 108 18.54 -3.94 -4.95
CA GLY A 108 19.97 -4.20 -4.89
C GLY A 108 20.27 -5.63 -4.51
N PRO A 109 20.72 -5.84 -3.27
CA PRO A 109 21.05 -7.17 -2.75
C PRO A 109 19.82 -7.97 -2.36
N SER A 110 18.74 -7.84 -3.14
CA SER A 110 17.50 -8.55 -2.86
C SER A 110 17.78 -9.92 -2.28
N SER A 111 17.42 -10.10 -1.01
CA SER A 111 17.63 -11.37 -0.32
C SER A 111 16.49 -12.35 -0.63
N GLY A 112 16.86 -13.57 -1.01
CA GLY A 112 15.86 -14.57 -1.32
C GLY A 112 15.69 -15.59 -0.20
N GLY A 1 -9.10 -11.34 -21.54
CA GLY A 1 -10.14 -10.49 -21.00
C GLY A 1 -9.61 -9.14 -20.57
N SER A 2 -8.89 -9.09 -19.46
CA SER A 2 -8.33 -7.85 -18.94
C SER A 2 -6.86 -8.02 -18.57
N SER A 3 -6.12 -8.73 -19.42
CA SER A 3 -4.71 -8.97 -19.18
C SER A 3 -3.85 -8.40 -20.30
N GLY A 4 -2.77 -7.70 -19.93
CA GLY A 4 -1.90 -7.11 -20.92
C GLY A 4 -0.75 -6.34 -20.29
N SER A 5 0.04 -5.67 -21.13
CA SER A 5 1.18 -4.90 -20.64
C SER A 5 0.71 -3.62 -19.94
N SER A 6 -0.04 -2.80 -20.67
CA SER A 6 -0.54 -1.54 -20.12
C SER A 6 -1.02 -1.74 -18.69
N GLY A 7 -1.75 -2.83 -18.46
CA GLY A 7 -2.26 -3.11 -17.12
C GLY A 7 -1.18 -3.02 -16.06
N SER A 8 -1.37 -2.10 -15.12
CA SER A 8 -0.41 -1.91 -14.05
C SER A 8 0.00 -3.25 -13.43
N LEU A 9 1.18 -3.28 -12.82
CA LEU A 9 1.68 -4.50 -12.19
C LEU A 9 0.68 -5.04 -11.18
N LEU A 10 0.19 -4.17 -10.32
CA LEU A 10 -0.78 -4.56 -9.30
C LEU A 10 -1.68 -3.38 -8.92
N CYS A 11 -2.98 -3.60 -8.97
CA CYS A 11 -3.95 -2.56 -8.62
C CYS A 11 -5.21 -3.17 -8.02
N GLY A 12 -6.07 -2.31 -7.48
CA GLY A 12 -7.31 -2.78 -6.87
C GLY A 12 -7.75 -1.91 -5.72
N PRO A 13 -9.08 -1.81 -5.53
CA PRO A 13 -9.67 -1.00 -4.45
C PRO A 13 -8.98 -1.23 -3.12
N LEU A 14 -8.46 -0.15 -2.54
CA LEU A 14 -7.78 -0.23 -1.26
C LEU A 14 -8.26 0.86 -0.31
N ARG A 15 -7.85 0.77 0.96
CA ARG A 15 -8.25 1.74 1.96
C ARG A 15 -7.03 2.37 2.63
N LEU A 16 -7.20 3.58 3.13
CA LEU A 16 -6.12 4.29 3.79
C LEU A 16 -6.58 4.89 5.13
N SER A 17 -5.71 4.81 6.13
CA SER A 17 -6.03 5.34 7.46
C SER A 17 -4.77 5.75 8.20
N GLU A 18 -4.88 6.80 9.02
CA GLU A 18 -3.75 7.29 9.78
C GLU A 18 -3.83 6.82 11.24
N SER A 19 -2.92 5.93 11.61
CA SER A 19 -2.88 5.41 12.97
C SER A 19 -4.16 4.63 13.28
N GLY A 20 -4.79 4.09 12.24
CA GLY A 20 -6.01 3.33 12.42
C GLY A 20 -7.08 4.13 13.14
N GLU A 21 -7.45 5.28 12.58
CA GLU A 21 -8.46 6.13 13.18
C GLU A 21 -9.61 6.38 12.19
N THR A 22 -9.28 6.44 10.91
CA THR A 22 -10.28 6.68 9.87
C THR A 22 -9.85 6.05 8.55
N TRP A 23 -10.73 5.21 8.00
CA TRP A 23 -10.44 4.54 6.74
C TRP A 23 -11.24 5.17 5.59
N SER A 24 -10.58 5.41 4.47
CA SER A 24 -11.22 6.01 3.31
C SER A 24 -11.07 5.12 2.08
N GLU A 25 -11.99 5.26 1.14
CA GLU A 25 -11.95 4.46 -0.09
C GLU A 25 -10.99 5.08 -1.10
N VAL A 26 -9.94 4.34 -1.43
CA VAL A 26 -8.94 4.81 -2.39
C VAL A 26 -8.53 3.71 -3.35
N TRP A 27 -7.95 4.10 -4.48
CA TRP A 27 -7.52 3.13 -5.48
C TRP A 27 -5.99 3.07 -5.56
N ALA A 28 -5.45 1.88 -5.34
CA ALA A 28 -4.00 1.70 -5.39
C ALA A 28 -3.59 0.97 -6.66
N ALA A 29 -2.49 1.42 -7.27
CA ALA A 29 -1.99 0.81 -8.49
C ALA A 29 -0.52 1.19 -8.73
N ILE A 30 0.30 0.19 -9.03
CA ILE A 30 1.72 0.41 -9.29
C ILE A 30 2.00 0.53 -10.78
N PRO A 31 2.66 1.64 -11.16
CA PRO A 31 3.00 1.89 -12.57
C PRO A 31 4.18 1.05 -13.04
N MET A 32 3.97 0.32 -14.13
CA MET A 32 5.01 -0.53 -14.68
C MET A 32 6.31 0.24 -14.86
N SER A 33 6.23 1.40 -15.52
CA SER A 33 7.39 2.23 -15.75
C SER A 33 8.20 2.42 -14.47
N ASP A 34 7.50 2.49 -13.34
CA ASP A 34 8.15 2.67 -12.05
C ASP A 34 7.56 1.70 -11.01
N PRO A 35 8.15 0.50 -10.92
CA PRO A 35 7.71 -0.52 -9.99
C PRO A 35 8.20 -0.27 -8.57
N GLN A 36 8.88 0.85 -8.37
CA GLN A 36 9.41 1.22 -7.07
C GLN A 36 8.63 2.38 -6.47
N VAL A 37 7.34 2.46 -6.80
CA VAL A 37 6.48 3.52 -6.29
C VAL A 37 5.02 3.08 -6.32
N LEU A 38 4.33 3.30 -5.21
CA LEU A 38 2.92 2.94 -5.09
C LEU A 38 2.03 4.16 -5.18
N HIS A 39 1.38 4.34 -6.32
CA HIS A 39 0.50 5.50 -6.53
C HIS A 39 -0.87 5.24 -5.89
N LEU A 40 -1.49 6.32 -5.42
CA LEU A 40 -2.81 6.23 -4.79
C LEU A 40 -3.76 7.27 -5.35
N GLN A 41 -5.05 6.95 -5.35
CA GLN A 41 -6.07 7.86 -5.85
C GLN A 41 -7.20 8.03 -4.84
N GLY A 42 -7.89 9.16 -4.93
CA GLY A 42 -8.99 9.44 -4.02
C GLY A 42 -9.99 10.41 -4.59
N GLY A 43 -9.52 11.60 -4.96
CA GLY A 43 -10.39 12.61 -5.50
C GLY A 43 -10.03 14.01 -5.06
N SER A 44 -8.73 14.27 -4.91
CA SER A 44 -8.25 15.57 -4.47
C SER A 44 -9.19 16.18 -3.45
N GLN A 45 -9.64 15.36 -2.50
CA GLN A 45 -10.55 15.82 -1.45
C GLN A 45 -9.82 15.96 -0.12
N ASP A 46 -8.58 15.48 -0.07
CA ASP A 46 -7.78 15.56 1.14
C ASP A 46 -6.42 16.17 0.86
N GLY A 47 -5.72 15.62 -0.14
CA GLY A 47 -4.40 16.13 -0.49
C GLY A 47 -3.31 15.53 0.36
N ARG A 48 -3.36 15.80 1.66
CA ARG A 48 -2.36 15.29 2.59
C ARG A 48 -1.90 13.88 2.18
N LEU A 49 -2.85 13.08 1.73
CA LEU A 49 -2.55 11.72 1.31
C LEU A 49 -1.31 11.68 0.43
N PRO A 50 -0.52 10.61 0.57
CA PRO A 50 0.72 10.42 -0.21
C PRO A 50 0.43 9.93 -1.62
N ARG A 51 0.63 10.81 -2.61
CA ARG A 51 0.40 10.47 -4.01
C ARG A 51 1.28 9.29 -4.43
N THR A 52 2.59 9.46 -4.30
CA THR A 52 3.55 8.43 -4.66
C THR A 52 4.40 8.01 -3.47
N ILE A 53 4.28 6.75 -3.08
CA ILE A 53 5.05 6.23 -1.95
C ILE A 53 6.24 5.42 -2.42
N PRO A 54 7.45 5.89 -2.08
CA PRO A 54 8.69 5.22 -2.45
C PRO A 54 8.93 3.93 -1.67
N LEU A 55 8.46 2.81 -2.22
CA LEU A 55 8.61 1.52 -1.57
C LEU A 55 10.05 1.30 -1.12
N PRO A 56 11.00 1.61 -2.01
CA PRO A 56 12.44 1.46 -1.72
C PRO A 56 12.82 2.06 -0.38
N SER A 57 12.10 3.10 0.02
CA SER A 57 12.37 3.78 1.29
C SER A 57 11.16 3.69 2.21
N CYS A 58 10.54 2.53 2.27
CA CYS A 58 9.37 2.32 3.11
C CYS A 58 9.46 1.00 3.87
N LYS A 59 9.00 1.00 5.11
CA LYS A 59 9.04 -0.20 5.95
C LYS A 59 7.66 -0.84 6.03
N LEU A 60 7.57 -2.10 5.63
CA LEU A 60 6.32 -2.84 5.66
C LEU A 60 6.17 -3.62 6.97
N SER A 61 5.21 -3.21 7.79
CA SER A 61 4.98 -3.87 9.08
C SER A 61 3.54 -4.38 9.16
N VAL A 62 3.29 -5.26 10.12
CA VAL A 62 1.96 -5.82 10.32
C VAL A 62 1.50 -5.66 11.77
N PRO A 63 0.25 -5.23 11.95
CA PRO A 63 -0.33 -5.02 13.27
C PRO A 63 -0.78 -6.33 13.92
N ASP A 64 -1.13 -6.26 15.20
CA ASP A 64 -1.57 -7.45 15.93
C ASP A 64 -3.08 -7.41 16.17
N PRO A 65 -3.71 -8.59 16.11
CA PRO A 65 -5.16 -8.72 16.30
C PRO A 65 -5.66 -7.92 17.50
N GLU A 66 -4.87 -7.91 18.57
CA GLU A 66 -5.23 -7.18 19.78
C GLU A 66 -5.77 -5.79 19.43
N GLU A 67 -5.07 -5.09 18.54
CA GLU A 67 -5.48 -3.76 18.13
C GLU A 67 -6.96 -3.73 17.73
N ARG A 68 -7.49 -2.54 17.51
CA ARG A 68 -8.89 -2.39 17.13
C ARG A 68 -9.01 -1.68 15.79
N LEU A 69 -8.89 -2.44 14.70
CA LEU A 69 -8.99 -1.89 13.35
C LEU A 69 -10.35 -2.20 12.73
N ASP A 70 -10.51 -1.84 11.47
CA ASP A 70 -11.76 -2.08 10.76
C ASP A 70 -11.71 -3.38 9.97
N SER A 71 -10.60 -3.58 9.25
CA SER A 71 -10.41 -4.78 8.45
C SER A 71 -9.63 -5.84 9.23
N GLY A 72 -9.57 -7.05 8.67
CA GLY A 72 -8.86 -8.13 9.33
C GLY A 72 -7.41 -8.21 8.88
N HIS A 73 -7.19 -8.08 7.57
CA HIS A 73 -5.84 -8.15 7.02
C HIS A 73 -5.38 -6.77 6.55
N VAL A 74 -4.52 -6.14 7.35
CA VAL A 74 -3.99 -4.83 7.02
C VAL A 74 -2.58 -4.65 7.55
N TRP A 75 -1.75 -3.94 6.80
CA TRP A 75 -0.36 -3.69 7.19
C TRP A 75 -0.14 -2.21 7.49
N LYS A 76 0.93 -1.91 8.23
CA LYS A 76 1.25 -0.54 8.57
C LYS A 76 2.53 -0.09 7.86
N LEU A 77 2.55 1.16 7.43
CA LEU A 77 3.71 1.72 6.74
C LEU A 77 4.27 2.91 7.49
N GLN A 78 5.59 2.93 7.68
CA GLN A 78 6.25 4.02 8.38
C GLN A 78 7.54 4.42 7.67
N TRP A 79 7.52 5.59 7.03
CA TRP A 79 8.69 6.09 6.33
C TRP A 79 8.60 7.59 6.11
N ALA A 80 9.74 8.24 5.90
CA ALA A 80 9.79 9.67 5.67
C ALA A 80 8.96 10.41 6.73
N LYS A 81 9.05 9.95 7.97
CA LYS A 81 8.31 10.56 9.07
C LYS A 81 6.81 10.54 8.80
N GLN A 82 6.35 9.48 8.15
CA GLN A 82 4.93 9.33 7.82
C GLN A 82 4.39 8.01 8.37
N SER A 83 3.06 7.89 8.38
CA SER A 83 2.42 6.67 8.87
C SER A 83 1.05 6.49 8.23
N TRP A 84 0.94 5.50 7.36
CA TRP A 84 -0.32 5.22 6.67
C TRP A 84 -0.67 3.74 6.78
N TYR A 85 -1.96 3.44 6.68
CA TYR A 85 -2.43 2.06 6.76
C TYR A 85 -3.01 1.59 5.43
N LEU A 86 -2.79 0.33 5.11
CA LEU A 86 -3.28 -0.24 3.86
C LEU A 86 -3.91 -1.61 4.09
N SER A 87 -5.23 -1.63 4.25
CA SER A 87 -5.95 -2.87 4.49
C SER A 87 -6.30 -3.57 3.17
N ALA A 88 -6.40 -4.89 3.21
CA ALA A 88 -6.74 -5.66 2.02
C ALA A 88 -8.02 -6.46 2.22
N SER A 89 -8.70 -6.76 1.12
CA SER A 89 -9.95 -7.52 1.19
C SER A 89 -9.78 -8.79 2.00
N SER A 90 -8.62 -9.43 1.83
CA SER A 90 -8.33 -10.67 2.56
C SER A 90 -6.84 -10.99 2.49
N ALA A 91 -6.44 -12.07 3.17
CA ALA A 91 -5.05 -12.48 3.20
C ALA A 91 -4.50 -12.64 1.78
N GLU A 92 -5.21 -13.40 0.95
CA GLU A 92 -4.79 -13.62 -0.42
C GLU A 92 -4.46 -12.31 -1.11
N LEU A 93 -5.19 -11.25 -0.76
CA LEU A 93 -4.97 -9.94 -1.34
C LEU A 93 -3.96 -9.14 -0.54
N GLN A 94 -3.85 -9.46 0.75
CA GLN A 94 -2.91 -8.77 1.62
C GLN A 94 -1.48 -9.20 1.33
N GLN A 95 -1.32 -10.43 0.84
CA GLN A 95 0.00 -10.96 0.52
C GLN A 95 0.51 -10.39 -0.81
N GLN A 96 -0.32 -10.47 -1.84
CA GLN A 96 0.05 -9.97 -3.15
C GLN A 96 0.54 -8.53 -3.06
N TRP A 97 -0.06 -7.75 -2.17
CA TRP A 97 0.31 -6.36 -1.98
C TRP A 97 1.64 -6.25 -1.23
N LEU A 98 1.78 -7.03 -0.17
CA LEU A 98 3.00 -7.02 0.63
C LEU A 98 4.18 -7.51 -0.18
N GLU A 99 4.08 -8.74 -0.67
CA GLU A 99 5.16 -9.34 -1.46
C GLU A 99 5.63 -8.37 -2.55
N THR A 100 4.69 -7.92 -3.38
CA THR A 100 5.00 -6.99 -4.46
C THR A 100 5.73 -5.76 -3.94
N LEU A 101 5.18 -5.16 -2.88
CA LEU A 101 5.77 -3.97 -2.29
C LEU A 101 7.19 -4.26 -1.78
N SER A 102 7.39 -5.46 -1.26
CA SER A 102 8.69 -5.87 -0.74
C SER A 102 9.68 -6.06 -1.88
N THR A 103 9.35 -6.94 -2.81
CA THR A 103 10.21 -7.23 -3.95
C THR A 103 10.75 -5.93 -4.56
N ALA A 104 9.93 -4.89 -4.56
CA ALA A 104 10.33 -3.60 -5.11
C ALA A 104 11.14 -2.80 -4.09
N ALA A 105 10.61 -2.69 -2.89
CA ALA A 105 11.28 -1.94 -1.82
C ALA A 105 12.72 -2.40 -1.67
N HIS A 106 12.92 -3.71 -1.68
CA HIS A 106 14.26 -4.28 -1.53
C HIS A 106 14.66 -5.05 -2.78
N SER A 107 15.82 -5.69 -2.73
CA SER A 107 16.32 -6.47 -3.86
C SER A 107 16.55 -5.57 -5.08
N GLY A 108 17.04 -4.36 -4.82
CA GLY A 108 17.29 -3.42 -5.90
C GLY A 108 18.77 -3.30 -6.21
N PRO A 109 19.53 -2.64 -5.31
CA PRO A 109 20.97 -2.44 -5.48
C PRO A 109 21.76 -3.70 -5.16
N SER A 110 22.75 -3.99 -6.00
CA SER A 110 23.60 -5.16 -5.81
C SER A 110 24.18 -5.20 -4.41
N SER A 111 24.65 -4.06 -3.94
CA SER A 111 25.23 -3.96 -2.61
C SER A 111 24.37 -3.09 -1.70
N GLY A 112 23.57 -3.73 -0.86
CA GLY A 112 22.70 -3.00 0.05
C GLY A 112 21.28 -3.54 0.04
#